data_5L6I
#
_entry.id   5L6I
#
_cell.length_a   72.500
_cell.length_b   191.890
_cell.length_c   230.197
_cell.angle_alpha   90.00
_cell.angle_beta   90.00
_cell.angle_gamma   90.00
#
_symmetry.space_group_name_H-M   'P 2 21 21'
#
loop_
_entity.id
_entity.type
_entity.pdbx_description
1 polymer 'Ubiquitin-activating enzyme E1 1'
2 polymer 'Ubiquitin-40S ribosomal protein S31'
3 non-polymer 'SULFATE ION'
4 non-polymer 'CHLORIDE ION'
5 non-polymer GLYCEROL
6 non-polymer '[(1S,2S,4R)-4-{4-[(1S)-2,3-dihydro-1H-inden-1-ylamino]-7H-pyrrolo[2,3-d]pyrimidin-7-yl}-2-hydroxycyclopentyl]methyl sulfamate'
7 water water
#
loop_
_entity_poly.entity_id
_entity_poly.type
_entity_poly.pdbx_seq_one_letter_code
_entity_poly.pdbx_strand_id
1 'polypeptide(L)'
;MSSNNSGLSAAGEIDESLYSRQLYVLGKEAMLKMQTSNVLILGLKGLGVEIAKNVVLAGVKSMTVFDPEPVQLADLSTQF
FLTEKDIGQKRGDVTRAKLAELNAYVPVNVLDSLDDVTQLSQFQVVVATDTVSLEDKVKINEFCHSSGIRFISSETRGLF
GNTFVDLGDEFTVLDPTGEEPRTGMVSDIEPDGTVTMLDDNRHGLEDGNFVRFSEVEGLDKLNDGTLFKVEVLGPFAFRI
GSVKEYGEYKKGGIFTEVKVPRKISFKSLKQQLSNPEFVFSDFAKFDRAAQLHLGFQALHQFAVRHNGELPRTMNDEDAN
ELIKLVTDLSVQQPEVLGEGVDVNEDLIKELSYQARGDIPGVVAFFGGLVAQEVLKACSGKFTPLKQFMYFDSLESLPDP
KNFPRNEKTTQPVNSRYDNQIAVFGLDFQKKIANSKVFLVGSGAIGCEMLKNWALLGLGSGSDGYIVVTDNDSIEKSNLN
RQFLFRPKDVGKNKSEVAAEAVCAMNPDLKGKINAKIDKVGPETEEIFNDSFWESLDFVTNALDNVDARTYVDRRCVFYR
KPLLESGTLGTKGNTQVIIPRLTESYSSSRDPPEKSIPLCTLRSFPNKIDHTIAWAKSLFQGYFTDSAENVNMYLTQPNF
VEQTLKQSGDVKGVLESISDSLSSKPHNFEDCIKWARLEFEKKFNHDIKQLLFNFPKDAKTSNGEPFWSGAKRAPTPLEF
DIYNNDHFHFVVAGASLRAYNYGIKSDDSNSKPNVDEYKSVIDHMIIPEFTPNANLKIQVNDDDPDPNANAANGSDEIDQ
LVSSLPDPSTLAGFKLEPVDFEKDDDTNHHIEFITACSNCRAQNYFIETADRQKTKFIAGRIIPAIATTTSLVTGLVNLE
LYKLIDNKTDIEQYKNGFVNLALPFFGFSEPIASPKGEYNNKKYDKIWDRFDIKGDIKLSDLIEHFEKDEGLEITMLSYG
VSLLYASFFPPKKLKERLNLPITQLVKLVTKKDIPAHVSTMILEI(CSO)ADDKEGEDVEVPFITIHL
;
A,C
2 'polypeptide(L)' MQIFVKTLTGKTITLEVESSDTIDNVKSKIQDKEGIPPDQQRLIFAGKQLEDGRTLSDYNIQKESTLHLVLRLRGG B,D,E
#
loop_
_chem_comp.id
_chem_comp.type
_chem_comp.name
_chem_comp.formula
B39 non-polymer '[(1S,2S,4R)-4-{4-[(1S)-2,3-dihydro-1H-inden-1-ylamino]-7H-pyrrolo[2,3-d]pyrimidin-7-yl}-2-hydroxycyclopentyl]methyl sulfamate' 'C21 H25 N5 O4 S'
CL non-polymer 'CHLORIDE ION' 'Cl -1'
GOL non-polymer GLYCEROL 'C3 H8 O3'
SO4 non-polymer 'SULFATE ION' 'O4 S -2'
#
# COMPACT_ATOMS: atom_id res chain seq x y z
N ALA A 10 -19.29 -6.21 -10.47
CA ALA A 10 -18.00 -6.91 -10.75
C ALA A 10 -16.87 -5.93 -11.19
N ALA A 11 -16.61 -4.86 -10.42
CA ALA A 11 -15.47 -3.88 -10.66
C ALA A 11 -14.17 -4.14 -9.79
N GLY A 12 -13.12 -3.33 -9.97
CA GLY A 12 -11.71 -3.65 -9.58
C GLY A 12 -10.76 -3.80 -10.78
N GLU A 13 -11.22 -3.30 -11.95
CA GLU A 13 -10.50 -3.27 -13.24
C GLU A 13 -10.76 -1.89 -13.91
N ILE A 14 -9.89 -1.47 -14.84
CA ILE A 14 -9.94 -0.10 -15.40
C ILE A 14 -10.03 -0.12 -16.91
N ASP A 15 -10.91 0.72 -17.45
CA ASP A 15 -11.12 0.83 -18.88
C ASP A 15 -9.90 1.53 -19.51
N GLU A 16 -8.97 0.72 -20.02
CA GLU A 16 -7.73 1.23 -20.64
C GLU A 16 -8.02 2.09 -21.88
N SER A 17 -9.08 1.78 -22.60
CA SER A 17 -9.39 2.49 -23.84
C SER A 17 -9.90 3.89 -23.59
N LEU A 18 -10.44 4.19 -22.41
CA LEU A 18 -10.84 5.57 -22.07
C LEU A 18 -9.76 6.26 -21.26
N TYR A 19 -9.15 5.54 -20.32
CA TYR A 19 -8.25 6.15 -19.37
C TYR A 19 -6.79 6.07 -19.75
N SER A 20 -6.48 5.45 -20.89
CA SER A 20 -5.10 5.22 -21.40
C SER A 20 -4.03 6.21 -20.94
N ARG A 21 -4.23 7.47 -21.29
CA ARG A 21 -3.22 8.51 -21.08
C ARG A 21 -3.17 8.96 -19.65
N GLN A 22 -4.32 8.98 -18.98
CA GLN A 22 -4.35 9.32 -17.54
C GLN A 22 -3.70 8.22 -16.75
N LEU A 23 -3.94 7.00 -17.20
CA LEU A 23 -3.39 5.82 -16.55
C LEU A 23 -1.88 5.88 -16.46
N TYR A 24 -1.21 6.43 -17.47
CA TYR A 24 0.24 6.57 -17.46
C TYR A 24 0.72 7.71 -16.55
N VAL A 25 -0.17 8.57 -16.09
CA VAL A 25 0.18 9.58 -15.10
C VAL A 25 0.01 9.02 -13.70
N LEU A 26 -1.18 8.52 -13.41
CA LEU A 26 -1.56 8.15 -12.04
C LEU A 26 -1.20 6.73 -11.63
N GLY A 27 -1.27 5.80 -12.57
CA GLY A 27 -1.07 4.41 -12.28
C GLY A 27 -2.37 3.74 -11.90
N LYS A 28 -2.33 2.41 -11.93
CA LYS A 28 -3.50 1.58 -11.72
C LYS A 28 -3.96 1.60 -10.25
N GLU A 29 -3.03 1.47 -9.29
CA GLU A 29 -3.41 1.49 -7.87
C GLU A 29 -4.10 2.78 -7.51
N ALA A 30 -3.52 3.91 -7.87
CA ALA A 30 -4.16 5.18 -7.58
C ALA A 30 -5.57 5.26 -8.12
N MET A 31 -5.78 4.76 -9.33
CA MET A 31 -7.10 4.88 -9.94
C MET A 31 -8.14 3.94 -9.37
N LEU A 32 -7.69 2.80 -8.85
CA LEU A 32 -8.55 1.89 -8.14
C LEU A 32 -9.01 2.50 -6.82
N LYS A 33 -8.16 3.26 -6.14
CA LYS A 33 -8.58 3.99 -4.96
C LYS A 33 -9.52 5.10 -5.29
N MET A 34 -9.21 5.88 -6.32
CA MET A 34 -10.17 6.88 -6.85
C MET A 34 -11.57 6.31 -7.17
N GLN A 35 -11.60 5.10 -7.72
CA GLN A 35 -12.86 4.43 -8.05
C GLN A 35 -13.66 3.91 -6.86
N THR A 36 -13.09 4.03 -5.66
CA THR A 36 -13.80 3.75 -4.41
C THR A 36 -14.07 5.00 -3.58
N SER A 37 -13.88 6.22 -4.11
CA SER A 37 -14.00 7.46 -3.33
C SER A 37 -15.19 8.27 -3.77
N ASN A 38 -16.03 8.68 -2.82
CA ASN A 38 -17.14 9.60 -3.11
C ASN A 38 -16.69 11.00 -2.73
N VAL A 39 -16.89 11.93 -3.67
CA VAL A 39 -16.47 13.31 -3.55
C VAL A 39 -17.72 14.18 -3.51
N LEU A 40 -17.64 15.22 -2.69
CA LEU A 40 -18.74 16.16 -2.50
C LEU A 40 -18.18 17.53 -2.75
N ILE A 41 -18.84 18.31 -3.64
CA ILE A 41 -18.46 19.66 -3.93
C ILE A 41 -19.54 20.65 -3.53
N LEU A 42 -19.15 21.62 -2.70
CA LEU A 42 -20.05 22.63 -2.16
C LEU A 42 -19.81 23.90 -2.95
N GLY A 43 -20.85 24.32 -3.68
CA GLY A 43 -20.80 25.50 -4.53
C GLY A 43 -20.43 25.12 -5.95
N LEU A 44 -21.27 25.55 -6.87
CA LEU A 44 -21.17 25.20 -8.27
C LEU A 44 -21.30 26.47 -9.18
N LYS A 45 -20.61 27.52 -8.73
CA LYS A 45 -20.15 28.58 -9.59
C LYS A 45 -18.94 28.10 -10.41
N GLY A 46 -18.30 28.99 -11.15
CA GLY A 46 -17.11 28.65 -11.91
C GLY A 46 -16.11 27.72 -11.26
N LEU A 47 -15.61 28.11 -10.10
CA LEU A 47 -14.63 27.29 -9.39
C LEU A 47 -15.10 25.84 -9.16
N GLY A 48 -16.31 25.71 -8.65
CA GLY A 48 -16.88 24.40 -8.35
C GLY A 48 -17.09 23.50 -9.56
N VAL A 49 -17.60 24.07 -10.64
CA VAL A 49 -17.90 23.29 -11.84
C VAL A 49 -16.62 22.90 -12.50
N GLU A 50 -15.61 23.77 -12.43
CA GLU A 50 -14.31 23.48 -13.01
C GLU A 50 -13.66 22.34 -12.23
N ILE A 51 -13.67 22.42 -10.90
CA ILE A 51 -13.14 21.33 -10.07
C ILE A 51 -13.91 20.07 -10.35
N ALA A 52 -15.23 20.15 -10.35
CA ALA A 52 -16.07 18.97 -10.57
C ALA A 52 -15.79 18.31 -11.92
N LYS A 53 -15.72 19.10 -12.99
CA LYS A 53 -15.42 18.61 -14.34
C LYS A 53 -14.15 17.76 -14.37
N ASN A 54 -13.09 18.31 -13.79
CA ASN A 54 -11.80 17.62 -13.77
C ASN A 54 -11.85 16.32 -12.95
N VAL A 55 -12.56 16.37 -11.83
CA VAL A 55 -12.65 15.20 -10.97
C VAL A 55 -13.51 14.11 -11.63
N VAL A 56 -14.60 14.51 -12.26
CA VAL A 56 -15.47 13.55 -12.93
C VAL A 56 -14.75 12.90 -14.10
N LEU A 57 -14.02 13.70 -14.86
CA LEU A 57 -13.22 13.16 -15.97
C LEU A 57 -12.21 12.10 -15.50
N ALA A 58 -11.53 12.37 -14.40
CA ALA A 58 -10.53 11.43 -13.82
C ALA A 58 -11.12 10.14 -13.28
N GLY A 59 -12.39 10.18 -12.86
CA GLY A 59 -13.12 8.94 -12.57
C GLY A 59 -12.95 8.59 -11.11
N VAL A 60 -13.83 9.15 -10.31
CA VAL A 60 -14.01 8.75 -8.95
C VAL A 60 -15.28 7.96 -8.89
N LYS A 61 -15.57 7.41 -7.73
CA LYS A 61 -16.73 6.55 -7.58
C LYS A 61 -18.03 7.29 -7.76
N SER A 62 -18.16 8.44 -7.12
CA SER A 62 -19.33 9.28 -7.33
C SER A 62 -18.93 10.73 -7.13
N MET A 63 -19.67 11.63 -7.78
CA MET A 63 -19.57 13.07 -7.57
C MET A 63 -20.91 13.52 -7.03
N THR A 64 -20.88 14.25 -5.92
CA THR A 64 -22.09 14.89 -5.42
C THR A 64 -21.87 16.40 -5.37
N VAL A 65 -22.85 17.16 -5.89
CA VAL A 65 -22.76 18.62 -5.95
C VAL A 65 -23.87 19.22 -5.09
N PHE A 66 -23.52 20.27 -4.36
CA PHE A 66 -24.48 20.96 -3.53
C PHE A 66 -24.41 22.43 -3.90
N ASP A 67 -25.46 22.93 -4.53
CA ASP A 67 -25.65 24.37 -4.67
C ASP A 67 -27.12 24.69 -4.89
N PRO A 68 -27.83 24.98 -3.79
CA PRO A 68 -29.25 25.33 -3.90
C PRO A 68 -29.55 26.79 -4.32
N GLU A 69 -28.54 27.62 -4.55
CA GLU A 69 -28.73 29.01 -4.99
C GLU A 69 -29.32 29.15 -6.40
N PRO A 70 -30.15 30.17 -6.59
CA PRO A 70 -30.60 30.43 -7.94
C PRO A 70 -29.49 30.97 -8.88
N VAL A 71 -29.49 30.45 -10.09
CA VAL A 71 -28.66 30.93 -11.17
C VAL A 71 -29.02 32.36 -11.48
N GLN A 72 -27.99 33.20 -11.50
CA GLN A 72 -28.07 34.57 -11.99
C GLN A 72 -27.16 34.79 -13.17
N LEU A 73 -27.53 35.72 -14.05
CA LEU A 73 -26.75 36.06 -15.25
C LEU A 73 -25.24 36.19 -14.97
N ALA A 74 -24.86 36.88 -13.89
CA ALA A 74 -23.44 37.07 -13.56
C ALA A 74 -22.68 35.76 -13.31
N ASP A 75 -23.38 34.70 -12.88
CA ASP A 75 -22.76 33.39 -12.69
C ASP A 75 -22.17 32.81 -13.98
N LEU A 76 -22.70 33.24 -15.13
CA LEU A 76 -22.16 32.76 -16.39
C LEU A 76 -20.74 33.23 -16.68
N SER A 77 -20.18 34.15 -15.91
CA SER A 77 -18.80 34.62 -16.13
C SER A 77 -17.81 33.50 -16.32
N THR A 78 -17.82 32.52 -15.41
CA THR A 78 -16.94 31.35 -15.53
C THR A 78 -17.61 29.97 -15.48
N GLN A 79 -18.94 29.93 -15.29
CA GLN A 79 -19.67 28.67 -15.13
C GLN A 79 -20.17 28.26 -16.53
N PHE A 80 -19.32 27.52 -17.21
CA PHE A 80 -19.53 27.19 -18.62
C PHE A 80 -20.72 26.26 -18.86
N PHE A 81 -21.18 25.57 -17.83
CA PHE A 81 -22.39 24.76 -17.94
C PHE A 81 -23.69 25.48 -17.62
N LEU A 82 -23.67 26.76 -17.31
CA LEU A 82 -24.93 27.52 -17.13
C LEU A 82 -25.30 28.21 -18.45
N THR A 83 -26.59 28.46 -18.64
CA THR A 83 -27.09 29.25 -19.80
C THR A 83 -28.12 30.29 -19.33
N GLU A 84 -28.42 31.27 -20.15
CA GLU A 84 -29.42 32.27 -19.76
C GLU A 84 -30.78 31.66 -19.46
N LYS A 85 -31.13 30.60 -20.17
CA LYS A 85 -32.35 29.82 -19.89
C LYS A 85 -32.47 29.26 -18.45
N ASP A 86 -31.33 28.99 -17.81
CA ASP A 86 -31.28 28.44 -16.45
C ASP A 86 -31.49 29.47 -15.33
N ILE A 87 -31.57 30.74 -15.67
CA ILE A 87 -31.73 31.79 -14.66
C ILE A 87 -32.96 31.53 -13.77
N GLY A 88 -32.77 31.66 -12.46
CA GLY A 88 -33.85 31.44 -11.49
C GLY A 88 -33.83 30.05 -10.91
N GLN A 89 -33.41 29.05 -11.69
CA GLN A 89 -33.29 27.68 -11.20
C GLN A 89 -32.02 27.46 -10.42
N LYS A 90 -31.93 26.35 -9.72
CA LYS A 90 -30.81 26.09 -8.81
C LYS A 90 -29.55 25.60 -9.51
N ARG A 91 -28.39 26.16 -9.18
CA ARG A 91 -27.15 25.83 -9.90
C ARG A 91 -26.88 24.35 -9.91
N GLY A 92 -26.97 23.72 -8.73
CA GLY A 92 -26.79 22.28 -8.57
C GLY A 92 -27.63 21.44 -9.50
N ASP A 93 -28.94 21.62 -9.45
CA ASP A 93 -29.89 20.87 -10.34
C ASP A 93 -29.55 20.99 -11.83
N VAL A 94 -29.33 22.23 -12.25
CA VAL A 94 -29.08 22.57 -13.66
C VAL A 94 -27.72 22.08 -14.22
N THR A 95 -26.69 22.02 -13.37
CA THR A 95 -25.35 21.56 -13.74
C THR A 95 -25.21 20.00 -13.77
N ARG A 96 -25.90 19.32 -12.86
CA ARG A 96 -25.78 17.87 -12.67
C ARG A 96 -25.72 17.05 -13.94
N ALA A 97 -26.72 17.25 -14.79
CA ALA A 97 -26.85 16.46 -16.03
C ALA A 97 -25.70 16.70 -17.01
N LYS A 98 -25.16 17.91 -17.03
CA LYS A 98 -24.01 18.22 -17.90
C LYS A 98 -22.71 17.61 -17.40
N LEU A 99 -22.48 17.58 -16.09
CA LEU A 99 -21.32 16.85 -15.56
C LEU A 99 -21.41 15.36 -15.82
N ALA A 100 -22.61 14.80 -15.66
CA ALA A 100 -22.81 13.35 -15.91
C ALA A 100 -22.37 12.90 -17.29
N GLU A 101 -22.58 13.76 -18.26
CA GLU A 101 -22.28 13.50 -19.66
C GLU A 101 -20.78 13.42 -19.88
N LEU A 102 -19.98 14.01 -18.99
CA LEU A 102 -18.54 13.97 -19.10
C LEU A 102 -17.92 12.60 -18.91
N ASN A 103 -18.53 11.73 -18.09
CA ASN A 103 -17.97 10.40 -17.83
C ASN A 103 -19.06 9.46 -17.35
N ALA A 104 -19.52 8.58 -18.22
CA ALA A 104 -20.62 7.70 -17.89
C ALA A 104 -20.31 6.72 -16.75
N TYR A 105 -19.04 6.48 -16.44
CA TYR A 105 -18.69 5.67 -15.28
C TYR A 105 -18.87 6.38 -13.92
N VAL A 106 -19.19 7.66 -13.87
CA VAL A 106 -19.24 8.40 -12.62
C VAL A 106 -20.62 8.96 -12.43
N PRO A 107 -21.38 8.40 -11.50
CA PRO A 107 -22.67 9.01 -11.20
C PRO A 107 -22.48 10.40 -10.61
N VAL A 108 -23.33 11.33 -11.01
CA VAL A 108 -23.32 12.68 -10.48
C VAL A 108 -24.67 12.97 -9.81
N ASN A 109 -24.64 13.23 -8.50
CA ASN A 109 -25.82 13.43 -7.66
C ASN A 109 -25.89 14.85 -7.13
N VAL A 110 -27.09 15.23 -6.72
CA VAL A 110 -27.35 16.50 -6.10
C VAL A 110 -27.77 16.26 -4.65
N LEU A 111 -27.09 16.95 -3.75
CA LEU A 111 -27.47 17.05 -2.37
C LEU A 111 -28.44 18.21 -2.32
N ASP A 112 -29.64 17.99 -1.78
CA ASP A 112 -30.66 19.02 -1.77
C ASP A 112 -30.42 20.02 -0.67
N SER A 113 -29.85 19.53 0.43
CA SER A 113 -29.80 20.27 1.66
C SER A 113 -28.62 19.81 2.49
N LEU A 114 -28.00 20.76 3.18
CA LEU A 114 -26.90 20.45 4.10
C LEU A 114 -27.18 21.01 5.48
N ASP A 115 -28.44 20.93 5.89
CA ASP A 115 -28.81 21.31 7.26
C ASP A 115 -28.19 20.38 8.27
N ASP A 116 -28.05 19.12 7.89
CA ASP A 116 -27.45 18.09 8.72
C ASP A 116 -25.98 17.85 8.30
N VAL A 117 -24.99 18.35 9.06
CA VAL A 117 -23.57 18.06 8.75
C VAL A 117 -23.22 16.58 8.75
N THR A 118 -23.97 15.80 9.52
CA THR A 118 -23.86 14.34 9.54
C THR A 118 -23.89 13.68 8.19
N GLN A 119 -24.61 14.28 7.23
CA GLN A 119 -24.61 13.78 5.86
C GLN A 119 -23.24 13.72 5.21
N LEU A 120 -22.30 14.55 5.65
CA LEU A 120 -20.91 14.47 5.20
C LEU A 120 -20.24 13.10 5.33
N SER A 121 -20.63 12.28 6.30
CA SER A 121 -20.01 10.98 6.56
C SER A 121 -20.00 10.01 5.42
N GLN A 122 -20.94 10.14 4.50
CA GLN A 122 -20.94 9.31 3.29
C GLN A 122 -19.85 9.65 2.23
N PHE A 123 -19.15 10.78 2.38
CA PHE A 123 -18.10 11.20 1.43
C PHE A 123 -16.71 11.01 2.02
N GLN A 124 -15.72 10.73 1.17
CA GLN A 124 -14.30 10.58 1.56
C GLN A 124 -13.53 11.88 1.37
N VAL A 125 -13.90 12.68 0.36
CA VAL A 125 -13.31 14.00 0.21
C VAL A 125 -14.45 15.00 0.06
N VAL A 126 -14.38 16.11 0.81
CA VAL A 126 -15.35 17.19 0.76
C VAL A 126 -14.58 18.43 0.31
N VAL A 127 -15.12 19.16 -0.68
CA VAL A 127 -14.48 20.36 -1.18
C VAL A 127 -15.41 21.56 -1.04
N ALA A 128 -14.92 22.64 -0.39
CA ALA A 128 -15.71 23.86 -0.14
C ALA A 128 -15.20 25.08 -0.95
N THR A 129 -16.00 25.52 -1.91
CA THR A 129 -15.63 26.59 -2.80
C THR A 129 -16.02 27.96 -2.24
N ASP A 130 -15.98 28.97 -3.10
CA ASP A 130 -16.25 30.38 -2.73
C ASP A 130 -17.65 30.65 -2.17
N THR A 131 -18.58 29.72 -2.39
CA THR A 131 -19.96 29.90 -1.93
C THR A 131 -20.17 29.65 -0.44
N VAL A 132 -19.15 29.13 0.25
CA VAL A 132 -19.28 28.69 1.65
C VAL A 132 -18.54 29.68 2.53
N SER A 133 -19.28 30.21 3.50
CA SER A 133 -18.75 31.19 4.43
C SER A 133 -17.61 30.60 5.26
N LEU A 134 -16.78 31.45 5.82
CA LEU A 134 -15.71 30.98 6.64
C LEU A 134 -16.28 30.26 7.87
N GLU A 135 -17.32 30.80 8.49
CA GLU A 135 -17.93 30.15 9.65
C GLU A 135 -18.29 28.70 9.37
N ASP A 136 -18.93 28.46 8.21
CA ASP A 136 -19.31 27.11 7.76
C ASP A 136 -18.14 26.24 7.30
N LYS A 137 -17.15 26.84 6.62
CA LYS A 137 -15.91 26.16 6.30
C LYS A 137 -15.24 25.65 7.57
N VAL A 138 -15.22 26.43 8.64
CA VAL A 138 -14.62 25.97 9.89
C VAL A 138 -15.47 24.83 10.53
N LYS A 139 -16.79 24.95 10.52
CA LYS A 139 -17.65 23.89 11.07
C LYS A 139 -17.47 22.60 10.28
N ILE A 140 -17.52 22.73 8.96
CA ILE A 140 -17.44 21.59 8.07
C ILE A 140 -16.07 20.98 8.17
N ASN A 141 -15.04 21.81 8.24
CA ASN A 141 -13.70 21.28 8.38
C ASN A 141 -13.54 20.52 9.66
N GLU A 142 -14.01 21.09 10.75
CA GLU A 142 -13.93 20.41 12.04
C GLU A 142 -14.64 19.05 12.04
N PHE A 143 -15.83 18.98 11.45
CA PHE A 143 -16.52 17.72 11.30
C PHE A 143 -15.69 16.75 10.47
N CYS A 144 -15.18 17.18 9.32
CA CYS A 144 -14.38 16.32 8.46
C CYS A 144 -13.10 15.84 9.15
N HIS A 145 -12.33 16.76 9.69
CA HIS A 145 -11.07 16.45 10.34
C HIS A 145 -11.24 15.43 11.43
N SER A 146 -12.17 15.64 12.33
CA SER A 146 -12.41 14.71 13.43
C SER A 146 -13.09 13.39 13.06
N SER A 147 -13.66 13.28 11.87
CA SER A 147 -14.30 12.07 11.40
C SER A 147 -13.48 11.35 10.40
N GLY A 148 -12.27 11.80 10.05
CA GLY A 148 -11.46 11.16 8.99
C GLY A 148 -11.85 11.45 7.55
N ILE A 149 -12.52 12.56 7.31
CA ILE A 149 -12.93 12.96 5.96
C ILE A 149 -11.93 14.02 5.47
N ARG A 150 -11.49 13.91 4.22
CA ARG A 150 -10.47 14.82 3.70
C ARG A 150 -11.17 16.09 3.27
N PHE A 151 -10.57 17.24 3.59
CA PHE A 151 -11.17 18.54 3.36
C PHE A 151 -10.27 19.40 2.52
N ILE A 152 -10.83 20.02 1.51
CA ILE A 152 -10.11 20.98 0.70
C ILE A 152 -11.02 22.16 0.53
N SER A 153 -10.48 23.37 0.61
CA SER A 153 -11.26 24.53 0.28
C SER A 153 -10.52 25.40 -0.74
N SER A 154 -11.27 26.24 -1.43
CA SER A 154 -10.68 27.16 -2.41
C SER A 154 -11.57 28.37 -2.67
N GLU A 155 -10.96 29.49 -2.98
CA GLU A 155 -11.69 30.72 -3.23
C GLU A 155 -10.94 31.50 -4.30
N THR A 156 -11.68 32.06 -5.26
CA THR A 156 -11.15 33.04 -6.21
C THR A 156 -11.84 34.37 -5.93
N ARG A 157 -11.09 35.47 -6.04
CA ARG A 157 -11.66 36.79 -5.92
C ARG A 157 -10.88 37.67 -6.90
N GLY A 158 -11.46 37.82 -8.07
CA GLY A 158 -10.85 38.58 -9.14
C GLY A 158 -9.58 37.89 -9.57
N LEU A 159 -8.48 38.64 -9.57
CA LEU A 159 -7.19 38.13 -9.99
C LEU A 159 -6.46 37.45 -8.85
N PHE A 160 -7.10 37.27 -7.69
CA PHE A 160 -6.51 36.60 -6.54
C PHE A 160 -7.19 35.26 -6.36
N GLY A 161 -6.55 34.39 -5.59
CA GLY A 161 -7.16 33.15 -5.24
C GLY A 161 -6.37 32.41 -4.20
N ASN A 162 -6.99 31.37 -3.63
CA ASN A 162 -6.29 30.52 -2.67
C ASN A 162 -6.80 29.10 -2.68
N THR A 163 -6.08 28.26 -1.98
CA THR A 163 -6.57 26.91 -1.72
C THR A 163 -6.01 26.44 -0.38
N PHE A 164 -6.78 25.60 0.29
CA PHE A 164 -6.41 25.07 1.59
C PHE A 164 -6.61 23.59 1.58
N VAL A 165 -5.66 22.84 2.13
CA VAL A 165 -5.78 21.41 2.18
C VAL A 165 -5.59 20.91 3.60
N ASP A 166 -6.44 19.97 3.99
CA ASP A 166 -6.39 19.31 5.29
C ASP A 166 -6.87 17.87 5.13
N LEU A 167 -5.91 16.93 5.07
CA LEU A 167 -6.21 15.52 4.91
C LEU A 167 -6.25 14.74 6.22
N GLY A 168 -6.29 15.42 7.37
CA GLY A 168 -6.44 14.73 8.63
C GLY A 168 -5.14 14.42 9.33
N ASP A 169 -5.25 13.66 10.42
CA ASP A 169 -4.14 13.44 11.34
C ASP A 169 -3.13 12.49 10.77
N GLU A 170 -3.62 11.49 10.04
CA GLU A 170 -2.81 10.45 9.46
C GLU A 170 -3.16 10.30 7.98
N PHE A 171 -2.28 10.77 7.12
CA PHE A 171 -2.40 10.57 5.70
C PHE A 171 -1.08 10.00 5.24
N THR A 172 -1.13 8.95 4.42
CA THR A 172 0.05 8.33 3.85
C THR A 172 0.27 8.64 2.35
N VAL A 173 1.46 9.14 2.03
CA VAL A 173 1.84 9.41 0.64
C VAL A 173 2.55 8.16 0.13
N LEU A 174 1.98 7.51 -0.88
CA LEU A 174 2.58 6.28 -1.42
C LEU A 174 3.69 6.53 -2.44
N ASP A 175 3.70 7.71 -3.09
CA ASP A 175 4.66 8.06 -4.15
C ASP A 175 4.72 9.56 -4.20
N PRO A 176 5.84 10.14 -3.81
CA PRO A 176 5.85 11.60 -3.71
C PRO A 176 5.84 12.33 -5.04
N THR A 177 6.22 11.69 -6.15
CA THR A 177 6.44 12.38 -7.46
C THR A 177 5.82 11.80 -8.73
N GLY A 178 5.64 10.50 -8.81
CA GLY A 178 5.18 9.88 -10.03
C GLY A 178 6.28 9.59 -11.07
N GLU A 179 7.54 9.88 -10.74
CA GLU A 179 8.69 9.64 -11.66
C GLU A 179 9.08 8.18 -11.78
N GLU A 180 9.63 7.76 -12.91
CA GLU A 180 10.08 6.38 -13.01
C GLU A 180 11.13 6.21 -11.93
N PRO A 181 11.03 5.12 -11.15
CA PRO A 181 12.13 4.81 -10.27
C PRO A 181 13.46 4.74 -11.03
N ARG A 182 14.48 5.40 -10.48
CA ARG A 182 15.82 5.35 -10.95
C ARG A 182 16.37 3.93 -10.90
N THR A 183 17.13 3.55 -11.90
CA THR A 183 17.72 2.26 -11.99
C THR A 183 19.12 2.34 -12.58
N GLY A 184 19.93 1.32 -12.46
CA GLY A 184 21.30 1.41 -12.99
C GLY A 184 22.16 0.21 -12.72
N MET A 185 23.25 0.11 -13.50
CA MET A 185 24.17 -1.01 -13.39
C MET A 185 25.38 -0.72 -12.53
N VAL A 186 25.76 -1.74 -11.77
CA VAL A 186 26.71 -1.65 -10.68
C VAL A 186 27.93 -2.40 -11.15
N SER A 187 29.12 -1.84 -10.91
CA SER A 187 30.41 -2.48 -11.24
C SER A 187 31.20 -2.89 -10.02
N ASP A 188 30.97 -2.22 -8.90
CA ASP A 188 31.66 -2.55 -7.66
C ASP A 188 30.83 -2.16 -6.45
N ILE A 189 30.93 -2.96 -5.39
CA ILE A 189 30.40 -2.62 -4.07
C ILE A 189 31.51 -2.95 -3.10
N GLU A 190 32.08 -1.92 -2.48
CA GLU A 190 33.17 -2.10 -1.51
C GLU A 190 32.54 -2.54 -0.16
N PRO A 191 33.34 -3.15 0.73
CA PRO A 191 32.86 -3.56 2.06
C PRO A 191 32.14 -2.49 2.91
N ASP A 192 32.50 -1.22 2.79
CA ASP A 192 31.83 -0.14 3.55
C ASP A 192 30.54 0.32 2.92
N GLY A 193 30.12 -0.31 1.82
CA GLY A 193 28.85 -0.01 1.16
C GLY A 193 28.91 0.93 -0.02
N THR A 194 30.10 1.29 -0.45
CA THR A 194 30.28 2.25 -1.53
C THR A 194 30.03 1.53 -2.87
N VAL A 195 28.96 1.96 -3.55
CA VAL A 195 28.46 1.35 -4.79
C VAL A 195 28.93 2.25 -5.92
N THR A 196 29.73 1.69 -6.82
CA THR A 196 30.22 2.41 -7.96
C THR A 196 29.50 1.93 -9.23
N MET A 197 29.08 2.91 -10.02
CA MET A 197 28.35 2.67 -11.25
C MET A 197 29.28 2.20 -12.35
N LEU A 198 28.70 1.41 -13.23
CA LEU A 198 29.39 0.89 -14.39
C LEU A 198 29.72 2.09 -15.33
N ASP A 199 30.98 2.22 -15.73
CA ASP A 199 31.43 3.19 -16.71
C ASP A 199 31.00 4.58 -16.28
N ASP A 200 30.51 5.37 -17.21
CA ASP A 200 30.05 6.71 -16.95
C ASP A 200 28.51 6.79 -16.93
N ASN A 201 27.89 6.00 -16.08
CA ASN A 201 26.44 6.10 -15.90
C ASN A 201 26.15 6.76 -14.57
N ARG A 202 25.27 7.74 -14.54
CA ARG A 202 24.95 8.39 -13.28
C ARG A 202 23.89 7.54 -12.61
N HIS A 203 23.90 7.51 -11.28
CA HIS A 203 22.84 6.81 -10.55
C HIS A 203 21.59 7.68 -10.55
N GLY A 204 21.76 9.01 -10.45
CA GLY A 204 20.66 9.97 -10.43
C GLY A 204 19.82 10.00 -9.17
N LEU A 205 20.32 9.39 -8.09
CA LEU A 205 19.68 9.43 -6.80
C LEU A 205 20.03 10.67 -5.97
N GLU A 206 19.22 10.92 -4.94
CA GLU A 206 19.40 11.94 -3.90
C GLU A 206 19.69 11.24 -2.57
N ASP A 207 20.40 11.91 -1.65
CA ASP A 207 20.53 11.41 -0.28
C ASP A 207 19.12 11.11 0.26
N GLY A 208 18.94 9.90 0.82
CA GLY A 208 17.72 9.53 1.51
C GLY A 208 16.70 8.85 0.65
N ASN A 209 17.01 8.66 -0.63
CA ASN A 209 16.35 7.64 -1.45
C ASN A 209 16.68 6.25 -0.90
N PHE A 210 15.84 5.29 -1.28
CA PHE A 210 16.04 3.93 -0.89
C PHE A 210 16.19 3.12 -2.16
N VAL A 211 16.99 2.05 -2.11
CA VAL A 211 17.19 1.17 -3.26
C VAL A 211 17.17 -0.28 -2.87
N ARG A 212 16.80 -1.13 -3.83
CA ARG A 212 16.96 -2.59 -3.71
C ARG A 212 17.88 -3.07 -4.83
N PHE A 213 18.43 -4.28 -4.70
CA PHE A 213 19.38 -4.79 -5.67
C PHE A 213 18.92 -6.11 -6.25
N SER A 214 19.37 -6.42 -7.46
CA SER A 214 19.35 -7.80 -7.98
C SER A 214 20.60 -8.07 -8.80
N GLU A 215 20.88 -9.35 -9.02
CA GLU A 215 22.05 -9.84 -9.74
C GLU A 215 23.43 -9.54 -9.16
N VAL A 216 23.51 -8.96 -7.96
CA VAL A 216 24.80 -8.66 -7.34
C VAL A 216 25.39 -9.98 -6.88
N GLU A 217 26.39 -10.53 -7.58
CA GLU A 217 26.96 -11.83 -7.18
C GLU A 217 27.95 -11.64 -6.06
N GLY A 218 27.89 -12.55 -5.09
CA GLY A 218 28.75 -12.51 -3.92
C GLY A 218 28.15 -11.89 -2.68
N LEU A 219 27.00 -11.23 -2.79
CA LEU A 219 26.31 -10.62 -1.66
C LEU A 219 24.86 -11.15 -1.53
N ASP A 220 24.67 -12.44 -1.83
CA ASP A 220 23.41 -13.20 -1.67
C ASP A 220 22.20 -12.36 -1.22
N LYS A 221 22.13 -12.01 0.05
CA LYS A 221 20.90 -11.49 0.62
C LYS A 221 20.70 -9.99 0.37
N LEU A 222 21.71 -9.33 -0.16
CA LEU A 222 21.55 -7.99 -0.64
C LEU A 222 20.53 -7.93 -1.76
N ASN A 223 20.34 -9.04 -2.46
CA ASN A 223 19.34 -9.14 -3.55
C ASN A 223 17.93 -9.53 -3.14
N ASP A 224 17.65 -9.70 -1.86
CA ASP A 224 16.40 -10.31 -1.43
C ASP A 224 15.17 -9.39 -1.30
N GLY A 225 15.32 -8.12 -1.69
CA GLY A 225 14.24 -7.15 -1.61
C GLY A 225 14.41 -6.09 -0.54
N THR A 226 15.36 -6.31 0.35
CA THR A 226 15.70 -5.36 1.40
C THR A 226 16.04 -4.01 0.80
N LEU A 227 15.58 -2.94 1.45
CA LEU A 227 15.89 -1.58 1.03
C LEU A 227 17.11 -1.09 1.72
N PHE A 228 17.87 -0.26 1.01
CA PHE A 228 19.06 0.40 1.56
C PHE A 228 18.98 1.90 1.39
N LYS A 229 19.28 2.65 2.44
CA LYS A 229 19.22 4.10 2.37
C LYS A 229 20.45 4.60 1.64
N VAL A 230 20.28 5.58 0.76
CA VAL A 230 21.33 6.05 -0.12
C VAL A 230 22.04 7.29 0.46
N GLU A 231 23.36 7.20 0.57
CA GLU A 231 24.20 8.38 0.80
C GLU A 231 24.94 8.71 -0.49
N VAL A 232 24.56 9.81 -1.14
CA VAL A 232 25.21 10.19 -2.39
C VAL A 232 26.63 10.66 -2.11
N LEU A 233 27.59 10.05 -2.82
CA LEU A 233 29.02 10.37 -2.69
C LEU A 233 29.49 11.26 -3.85
N GLY A 234 29.08 10.93 -5.06
CA GLY A 234 29.25 11.83 -6.21
C GLY A 234 28.19 11.47 -7.23
N PRO A 235 28.33 11.98 -8.46
CA PRO A 235 27.49 11.59 -9.58
C PRO A 235 27.51 10.10 -9.91
N PHE A 236 28.64 9.43 -9.66
CA PHE A 236 28.89 8.03 -10.07
C PHE A 236 29.00 7.02 -8.92
N ALA A 237 28.82 7.46 -7.69
CA ALA A 237 28.79 6.54 -6.59
C ALA A 237 27.83 6.96 -5.48
N PHE A 238 27.30 5.97 -4.79
CA PHE A 238 26.56 6.20 -3.56
C PHE A 238 26.90 5.13 -2.57
N ARG A 239 26.61 5.38 -1.31
CA ARG A 239 26.96 4.44 -0.27
C ARG A 239 25.72 3.93 0.41
N ILE A 240 25.71 2.66 0.82
CA ILE A 240 24.52 2.03 1.46
C ILE A 240 24.74 1.52 2.88
N GLY A 241 25.80 1.94 3.55
CA GLY A 241 26.18 1.34 4.80
C GLY A 241 26.91 0.02 4.58
N SER A 242 27.60 -0.43 5.63
CA SER A 242 28.46 -1.61 5.55
C SER A 242 27.73 -2.79 4.95
N VAL A 243 28.40 -3.52 4.06
CA VAL A 243 27.86 -4.76 3.53
C VAL A 243 28.79 -5.97 3.75
N LYS A 244 29.83 -5.85 4.58
CA LYS A 244 30.71 -7.01 4.87
C LYS A 244 29.96 -8.16 5.53
N GLU A 245 28.88 -7.85 6.26
CA GLU A 245 28.01 -8.87 6.81
C GLU A 245 27.39 -9.78 5.74
N TYR A 246 27.08 -9.26 4.56
CA TYR A 246 26.44 -10.05 3.47
C TYR A 246 27.36 -10.94 2.60
N GLY A 247 28.68 -10.77 2.71
CA GLY A 247 29.65 -11.47 1.85
C GLY A 247 30.68 -10.51 1.27
N GLU A 248 31.18 -10.84 0.10
CA GLU A 248 32.16 -10.02 -0.62
C GLU A 248 31.70 -9.91 -2.09
N TYR A 249 31.66 -8.69 -2.64
CA TYR A 249 31.28 -8.47 -4.06
C TYR A 249 32.19 -9.19 -5.06
N LYS A 250 31.59 -9.94 -5.97
CA LYS A 250 32.30 -10.56 -7.07
C LYS A 250 32.06 -9.77 -8.37
N LYS A 251 30.83 -9.75 -8.88
CA LYS A 251 30.50 -9.03 -10.10
C LYS A 251 28.97 -8.83 -10.30
N GLY A 252 28.60 -8.05 -11.33
CA GLY A 252 27.22 -7.87 -11.72
C GLY A 252 26.47 -6.89 -10.84
N GLY A 253 25.18 -6.77 -11.09
CA GLY A 253 24.31 -6.04 -10.15
C GLY A 253 23.54 -4.88 -10.74
N ILE A 254 22.28 -4.79 -10.38
CA ILE A 254 21.40 -3.73 -10.85
C ILE A 254 20.73 -3.21 -9.62
N PHE A 255 20.70 -1.90 -9.46
CA PHE A 255 19.98 -1.29 -8.35
C PHE A 255 18.69 -0.71 -8.87
N THR A 256 17.66 -0.70 -8.02
CA THR A 256 16.36 -0.14 -8.37
C THR A 256 15.84 0.70 -7.19
N GLU A 257 15.58 1.98 -7.44
CA GLU A 257 14.99 2.88 -6.46
C GLU A 257 13.63 2.35 -6.04
N VAL A 258 13.34 2.44 -4.74
CA VAL A 258 12.00 2.14 -4.20
C VAL A 258 11.50 3.38 -3.47
N LYS A 259 10.29 3.82 -3.80
CA LYS A 259 9.58 4.83 -3.02
C LYS A 259 8.96 4.21 -1.78
N VAL A 260 9.30 4.74 -0.62
CA VAL A 260 8.74 4.25 0.62
C VAL A 260 7.57 5.10 1.06
N PRO A 261 6.71 4.56 1.90
CA PRO A 261 5.61 5.38 2.32
C PRO A 261 6.02 6.41 3.35
N ARG A 262 5.37 7.58 3.29
CA ARG A 262 5.57 8.67 4.23
C ARG A 262 4.24 9.03 4.92
N LYS A 263 4.16 8.94 6.25
CA LYS A 263 2.97 9.41 7.01
C LYS A 263 3.12 10.90 7.26
N ILE A 264 2.08 11.66 7.01
CA ILE A 264 2.06 13.08 7.30
C ILE A 264 0.75 13.50 7.98
N SER A 265 0.80 14.61 8.69
CA SER A 265 -0.36 15.13 9.45
C SER A 265 -0.66 16.55 9.04
N PHE A 266 -1.94 16.86 9.06
CA PHE A 266 -2.42 18.16 8.68
C PHE A 266 -3.09 18.71 9.90
N LYS A 267 -3.21 20.01 9.90
CA LYS A 267 -3.90 20.73 10.93
C LYS A 267 -5.26 21.16 10.45
N SER A 268 -6.17 21.43 11.39
CA SER A 268 -7.49 21.93 11.03
C SER A 268 -7.38 23.31 10.43
N LEU A 269 -8.41 23.73 9.73
CA LEU A 269 -8.52 25.07 9.22
C LEU A 269 -8.44 26.11 10.33
N LYS A 270 -9.13 25.84 11.44
CA LYS A 270 -9.14 26.73 12.62
C LYS A 270 -7.72 27.07 13.10
N GLN A 271 -6.86 26.04 13.19
CA GLN A 271 -5.46 26.19 13.64
C GLN A 271 -4.62 26.94 12.61
N GLN A 272 -4.74 26.49 11.36
CA GLN A 272 -4.06 27.09 10.23
C GLN A 272 -4.47 28.53 9.91
N LEU A 273 -5.66 28.97 10.30
CA LEU A 273 -6.03 30.38 10.13
C LEU A 273 -5.11 31.27 10.93
N SER A 274 -4.76 30.85 12.14
CA SER A 274 -3.95 31.72 12.99
C SER A 274 -2.49 31.34 12.94
N ASN A 275 -2.16 30.24 12.26
CA ASN A 275 -0.78 29.76 12.21
C ASN A 275 -0.55 28.85 10.95
N PRO A 276 -0.54 29.47 9.75
CA PRO A 276 -0.58 28.73 8.52
C PRO A 276 0.73 28.21 8.07
N GLU A 277 0.68 27.18 7.24
CA GLU A 277 1.82 26.69 6.51
C GLU A 277 1.63 26.99 5.04
N PHE A 278 2.55 27.72 4.44
CA PHE A 278 2.36 28.18 3.07
C PHE A 278 3.09 27.30 2.10
N VAL A 279 2.48 27.03 0.96
CA VAL A 279 3.18 26.67 -0.26
C VAL A 279 3.01 27.88 -1.17
N PHE A 280 4.11 28.25 -1.82
CA PHE A 280 4.14 29.47 -2.61
C PHE A 280 3.80 29.25 -4.07
N SER A 281 2.97 30.14 -4.64
CA SER A 281 2.61 30.04 -6.08
C SER A 281 3.67 30.68 -6.94
N ASP A 282 4.40 31.64 -6.38
CA ASP A 282 5.40 32.39 -7.11
C ASP A 282 6.38 33.02 -6.13
N PHE A 283 7.64 32.58 -6.18
CA PHE A 283 8.62 32.97 -5.19
C PHE A 283 8.99 34.45 -5.34
N ALA A 284 8.66 35.07 -6.46
CA ALA A 284 8.82 36.52 -6.63
C ALA A 284 7.85 37.30 -5.75
N LYS A 285 6.75 36.68 -5.38
CA LYS A 285 5.68 37.28 -4.59
C LYS A 285 5.51 36.65 -3.19
N PHE A 286 6.60 36.18 -2.57
CA PHE A 286 6.44 35.33 -1.39
C PHE A 286 5.94 36.15 -0.22
N ASP A 287 6.34 37.43 -0.18
CA ASP A 287 5.91 38.37 0.86
C ASP A 287 4.42 38.66 0.86
N ARG A 288 3.78 38.41 -0.26
CA ARG A 288 2.36 38.60 -0.38
C ARG A 288 1.51 37.50 0.21
N ALA A 289 2.08 36.33 0.47
CA ALA A 289 1.28 35.21 0.96
C ALA A 289 0.65 35.53 2.31
N ALA A 290 1.47 35.90 3.28
CA ALA A 290 0.95 36.33 4.57
C ALA A 290 -0.11 37.44 4.46
N GLN A 291 0.13 38.42 3.61
CA GLN A 291 -0.78 39.56 3.43
C GLN A 291 -2.15 39.10 2.95
N LEU A 292 -2.14 38.27 1.92
CA LEU A 292 -3.38 37.78 1.34
C LEU A 292 -4.12 36.82 2.31
N HIS A 293 -3.37 36.13 3.15
CA HIS A 293 -3.96 35.23 4.11
C HIS A 293 -4.88 35.98 5.06
N LEU A 294 -4.34 37.10 5.54
CA LEU A 294 -5.08 38.11 6.28
C LEU A 294 -6.22 38.73 5.46
N GLY A 295 -5.90 39.17 4.25
CA GLY A 295 -6.88 39.72 3.34
C GLY A 295 -8.10 38.84 3.05
N PHE A 296 -7.91 37.57 2.79
CA PHE A 296 -9.03 36.68 2.51
C PHE A 296 -9.90 36.43 3.75
N GLN A 297 -9.30 36.43 4.94
CA GLN A 297 -10.07 36.34 6.20
C GLN A 297 -10.88 37.64 6.40
N ALA A 298 -10.22 38.76 6.10
CA ALA A 298 -10.85 40.06 6.18
C ALA A 298 -12.11 40.13 5.34
N LEU A 299 -12.08 39.57 4.13
CA LEU A 299 -13.27 39.56 3.28
C LEU A 299 -14.43 38.83 3.93
N HIS A 300 -14.18 37.73 4.62
CA HIS A 300 -15.24 37.05 5.36
C HIS A 300 -15.77 37.85 6.55
N GLN A 301 -14.88 38.49 7.32
CA GLN A 301 -15.27 39.37 8.43
C GLN A 301 -16.14 40.52 7.95
N PHE A 302 -15.77 41.06 6.79
CA PHE A 302 -16.51 42.09 6.10
C PHE A 302 -17.91 41.61 5.75
N ALA A 303 -18.01 40.44 5.15
CA ALA A 303 -19.31 39.87 4.79
C ALA A 303 -20.23 39.65 5.99
N VAL A 304 -19.66 39.16 7.08
CA VAL A 304 -20.38 39.03 8.36
C VAL A 304 -20.92 40.37 8.82
N ARG A 305 -20.12 41.45 8.70
CA ARG A 305 -20.60 42.82 9.02
C ARG A 305 -21.65 43.37 8.04
N HIS A 306 -21.64 42.95 6.78
CA HIS A 306 -22.48 43.57 5.75
C HIS A 306 -23.53 42.57 5.15
N ASN A 307 -24.08 41.70 6.00
CA ASN A 307 -25.07 40.66 5.63
C ASN A 307 -24.69 39.71 4.45
N GLY A 308 -23.50 39.16 4.52
CA GLY A 308 -23.00 38.27 3.51
C GLY A 308 -22.55 38.93 2.21
N GLU A 309 -22.52 40.25 2.12
CA GLU A 309 -22.07 40.93 0.89
C GLU A 309 -20.55 41.08 0.91
N LEU A 310 -19.92 40.99 -0.24
CA LEU A 310 -18.47 41.31 -0.36
C LEU A 310 -18.32 42.81 -0.53
N PRO A 311 -17.09 43.34 -0.44
CA PRO A 311 -16.93 44.76 -0.77
C PRO A 311 -17.46 45.12 -2.15
N ARG A 312 -17.87 46.38 -2.29
CA ARG A 312 -18.32 46.87 -3.57
C ARG A 312 -17.16 47.07 -4.55
N THR A 313 -17.47 46.75 -5.80
CA THR A 313 -16.54 46.84 -6.91
C THR A 313 -15.99 48.26 -6.99
N MET A 314 -14.66 48.35 -7.00
CA MET A 314 -13.88 49.60 -7.11
C MET A 314 -14.06 50.68 -6.02
N ASN A 315 -14.59 50.29 -4.87
CA ASN A 315 -15.14 51.24 -3.89
C ASN A 315 -14.17 51.54 -2.76
N ASP A 316 -13.79 52.82 -2.59
CA ASP A 316 -12.74 53.22 -1.63
C ASP A 316 -13.17 53.08 -0.19
N GLU A 317 -14.43 53.44 0.10
CA GLU A 317 -15.02 53.34 1.44
C GLU A 317 -14.84 51.92 1.99
N ASP A 318 -15.25 50.94 1.19
CA ASP A 318 -15.17 49.55 1.57
C ASP A 318 -13.75 49.03 1.59
N ALA A 319 -12.91 49.51 0.69
CA ALA A 319 -11.50 49.13 0.72
C ALA A 319 -10.77 49.61 1.97
N ASN A 320 -11.05 50.82 2.41
CA ASN A 320 -10.49 51.31 3.66
C ASN A 320 -10.97 50.50 4.85
N GLU A 321 -12.22 50.03 4.79
CA GLU A 321 -12.73 49.15 5.83
C GLU A 321 -11.97 47.83 5.82
N LEU A 322 -11.71 47.28 4.63
CA LEU A 322 -10.91 46.06 4.55
C LEU A 322 -9.49 46.22 5.12
N ILE A 323 -8.86 47.36 4.88
CA ILE A 323 -7.50 47.64 5.35
C ILE A 323 -7.49 47.71 6.87
N LYS A 324 -8.51 48.35 7.45
CA LYS A 324 -8.71 48.39 8.93
C LYS A 324 -8.87 46.95 9.48
N LEU A 325 -9.70 46.17 8.81
CA LEU A 325 -9.95 44.80 9.21
C LEU A 325 -8.67 43.98 9.19
N VAL A 326 -7.87 44.11 8.12
CA VAL A 326 -6.57 43.46 8.02
C VAL A 326 -5.62 43.99 9.07
N THR A 327 -5.55 45.31 9.26
CA THR A 327 -4.67 45.86 10.29
C THR A 327 -5.03 45.35 11.66
N ASP A 328 -6.32 45.12 11.96
CA ASP A 328 -6.70 44.57 13.28
C ASP A 328 -6.23 43.11 13.44
N LEU A 329 -6.31 42.29 12.40
CA LEU A 329 -5.70 40.96 12.45
C LEU A 329 -4.16 40.98 12.65
N SER A 330 -3.46 41.95 12.08
CA SER A 330 -1.99 42.02 12.25
C SER A 330 -1.56 42.58 13.62
N VAL A 331 -2.21 43.69 14.04
CA VAL A 331 -2.04 44.30 15.40
C VAL A 331 -2.38 43.25 16.47
N GLN A 332 -3.49 42.51 16.30
CA GLN A 332 -3.87 41.43 17.22
C GLN A 332 -2.88 40.27 17.19
N GLN A 333 -2.47 39.80 16.02
CA GLN A 333 -1.50 38.67 15.96
C GLN A 333 -0.29 38.95 15.02
N PRO A 334 0.81 39.60 15.57
CA PRO A 334 1.92 40.06 14.70
C PRO A 334 2.84 38.93 14.21
N GLU A 335 2.27 37.72 14.07
CA GLU A 335 3.01 36.49 13.76
C GLU A 335 2.61 35.87 12.39
N VAL A 336 1.49 36.28 11.77
CA VAL A 336 1.27 35.90 10.37
C VAL A 336 2.18 36.81 9.52
N LEU A 337 2.29 38.11 9.86
CA LEU A 337 3.18 39.02 9.15
C LEU A 337 4.61 39.09 9.68
N GLY A 338 4.87 38.58 10.88
CA GLY A 338 6.21 38.72 11.50
C GLY A 338 6.41 40.11 12.11
N GLU A 339 7.33 40.22 13.07
CA GLU A 339 7.49 41.46 13.86
C GLU A 339 7.90 42.65 12.96
N GLY A 340 7.31 43.81 13.25
CA GLY A 340 7.64 45.10 12.62
C GLY A 340 7.36 45.24 11.13
N VAL A 341 6.49 44.38 10.58
CA VAL A 341 6.17 44.35 9.15
C VAL A 341 4.78 44.94 8.91
N ASP A 342 4.73 46.01 8.12
CA ASP A 342 3.47 46.71 7.84
C ASP A 342 2.53 45.98 6.90
N VAL A 343 1.25 46.26 7.04
CA VAL A 343 0.24 45.79 6.10
C VAL A 343 0.57 46.42 4.74
N ASN A 344 0.43 45.65 3.67
CA ASN A 344 0.60 46.18 2.34
C ASN A 344 -0.78 46.72 1.97
N GLU A 345 -0.98 48.01 2.19
CA GLU A 345 -2.28 48.60 2.00
C GLU A 345 -2.73 48.65 0.54
N ASP A 346 -1.81 48.88 -0.41
CA ASP A 346 -2.17 48.82 -1.83
C ASP A 346 -2.67 47.43 -2.25
N LEU A 347 -2.02 46.38 -1.74
CA LEU A 347 -2.42 45.00 -2.06
C LEU A 347 -3.81 44.69 -1.57
N ILE A 348 -4.10 45.07 -0.32
CA ILE A 348 -5.39 44.81 0.28
C ILE A 348 -6.48 45.63 -0.44
N LYS A 349 -6.14 46.87 -0.80
CA LYS A 349 -7.02 47.75 -1.58
C LYS A 349 -7.48 47.03 -2.85
N GLU A 350 -6.57 46.39 -3.57
CA GLU A 350 -6.92 45.68 -4.79
C GLU A 350 -7.74 44.44 -4.53
N LEU A 351 -7.45 43.77 -3.42
CA LEU A 351 -8.28 42.64 -3.04
C LEU A 351 -9.73 43.11 -2.81
N SER A 352 -9.92 44.25 -2.13
CA SER A 352 -11.26 44.81 -1.96
C SER A 352 -11.89 45.15 -3.30
N TYR A 353 -11.15 45.92 -4.10
CA TYR A 353 -11.64 46.38 -5.41
C TYR A 353 -12.14 45.24 -6.32
N GLN A 354 -11.46 44.09 -6.25
CA GLN A 354 -11.69 42.99 -7.16
C GLN A 354 -12.49 41.84 -6.57
N ALA A 355 -13.00 42.00 -5.35
CA ALA A 355 -13.47 40.83 -4.58
C ALA A 355 -14.63 40.10 -5.25
N ARG A 356 -15.43 40.83 -6.04
CA ARG A 356 -16.58 40.23 -6.74
C ARG A 356 -16.26 39.67 -8.11
N GLY A 357 -15.02 39.88 -8.58
CA GLY A 357 -14.56 39.45 -9.88
C GLY A 357 -14.49 37.96 -9.98
N ASP A 358 -14.74 37.44 -11.17
CA ASP A 358 -14.79 36.01 -11.47
C ASP A 358 -14.05 35.88 -12.80
N ILE A 359 -12.74 35.64 -12.70
CA ILE A 359 -11.83 35.70 -13.85
C ILE A 359 -11.53 34.32 -14.39
N PRO A 360 -11.81 34.09 -15.68
CA PRO A 360 -11.71 32.73 -16.24
C PRO A 360 -10.37 32.01 -16.00
N GLY A 361 -9.27 32.71 -16.23
CA GLY A 361 -7.94 32.11 -16.08
C GLY A 361 -7.57 31.77 -14.66
N VAL A 362 -8.05 32.54 -13.71
CA VAL A 362 -7.80 32.26 -12.30
C VAL A 362 -8.63 31.07 -11.84
N VAL A 363 -9.89 31.09 -12.18
CA VAL A 363 -10.76 29.96 -11.94
C VAL A 363 -10.16 28.68 -12.55
N ALA A 364 -9.66 28.75 -13.79
CA ALA A 364 -9.06 27.56 -14.45
C ALA A 364 -7.81 27.05 -13.72
N PHE A 365 -7.00 27.96 -13.20
CA PHE A 365 -5.78 27.62 -12.47
C PHE A 365 -6.19 26.85 -11.24
N PHE A 366 -7.08 27.43 -10.43
CA PHE A 366 -7.49 26.78 -9.17
C PHE A 366 -8.34 25.53 -9.36
N GLY A 367 -9.07 25.51 -10.46
CA GLY A 367 -9.83 24.36 -10.81
C GLY A 367 -8.98 23.16 -11.12
N GLY A 368 -7.87 23.37 -11.82
CA GLY A 368 -7.00 22.26 -12.17
C GLY A 368 -6.29 21.81 -10.92
N LEU A 369 -5.82 22.79 -10.16
CA LEU A 369 -5.00 22.56 -9.00
C LEU A 369 -5.77 21.77 -7.95
N VAL A 370 -6.93 22.28 -7.59
CA VAL A 370 -7.74 21.70 -6.54
C VAL A 370 -8.22 20.33 -6.97
N ALA A 371 -8.63 20.20 -8.23
CA ALA A 371 -9.00 18.88 -8.71
C ALA A 371 -7.87 17.85 -8.56
N GLN A 372 -6.66 18.21 -8.88
CA GLN A 372 -5.55 17.30 -8.68
C GLN A 372 -5.33 16.99 -7.17
N GLU A 373 -5.51 18.00 -6.30
CA GLU A 373 -5.43 17.78 -4.87
C GLU A 373 -6.50 16.84 -4.32
N VAL A 374 -7.68 16.87 -4.91
CA VAL A 374 -8.73 15.88 -4.64
C VAL A 374 -8.23 14.47 -5.00
N LEU A 375 -7.61 14.34 -6.18
CA LEU A 375 -7.10 13.04 -6.61
C LEU A 375 -6.00 12.51 -5.73
N LYS A 376 -5.11 13.39 -5.30
CA LYS A 376 -4.05 13.04 -4.33
C LYS A 376 -4.69 12.56 -3.04
N ALA A 377 -5.70 13.28 -2.59
CA ALA A 377 -6.43 12.95 -1.38
C ALA A 377 -7.08 11.55 -1.43
N CYS A 378 -7.57 11.14 -2.60
CA CYS A 378 -8.20 9.85 -2.79
C CYS A 378 -7.22 8.72 -2.89
N SER A 379 -5.98 8.99 -3.27
CA SER A 379 -5.04 7.92 -3.71
C SER A 379 -3.73 7.78 -2.94
N GLY A 380 -3.27 8.85 -2.29
CA GLY A 380 -1.91 8.86 -1.78
C GLY A 380 -0.89 8.92 -2.88
N LYS A 381 -1.32 9.29 -4.08
CA LYS A 381 -0.43 9.49 -5.20
C LYS A 381 -0.05 10.96 -5.29
N PHE A 382 1.24 11.24 -5.29
CA PHE A 382 1.80 12.57 -5.34
C PHE A 382 1.75 13.20 -3.96
N THR A 383 2.52 14.27 -3.83
CA THR A 383 2.68 14.99 -2.58
C THR A 383 1.60 16.08 -2.41
N PRO A 384 0.77 15.98 -1.36
CA PRO A 384 -0.25 17.00 -1.20
C PRO A 384 0.29 18.38 -0.90
N LEU A 385 -0.53 19.35 -1.27
CA LEU A 385 -0.31 20.73 -0.91
C LEU A 385 -0.50 20.87 0.61
N LYS A 386 0.51 21.40 1.29
CA LYS A 386 0.54 21.39 2.72
C LYS A 386 0.94 22.76 3.31
N GLN A 387 0.00 23.64 3.69
CA GLN A 387 -1.48 23.46 3.59
C GLN A 387 -2.25 24.58 2.87
N PHE A 388 -1.66 25.76 2.78
CA PHE A 388 -2.30 26.95 2.20
C PHE A 388 -1.47 27.43 1.04
N MET A 389 -2.13 27.82 -0.04
CA MET A 389 -1.48 28.57 -1.10
C MET A 389 -2.30 29.75 -1.54
N TYR A 390 -1.65 30.90 -1.64
CA TYR A 390 -2.23 32.07 -2.22
C TYR A 390 -1.59 32.40 -3.59
N PHE A 391 -2.37 33.10 -4.42
CA PHE A 391 -2.00 33.40 -5.80
C PHE A 391 -2.55 34.75 -6.21
N ASP A 392 -1.80 35.48 -7.05
CA ASP A 392 -2.37 36.62 -7.78
C ASP A 392 -1.74 36.82 -9.15
N SER A 393 -2.47 37.49 -10.03
CA SER A 393 -1.98 37.83 -11.36
C SER A 393 -2.29 39.30 -11.64
N LEU A 394 -1.84 40.14 -10.71
CA LEU A 394 -2.07 41.58 -10.81
C LEU A 394 -1.39 42.18 -12.02
N GLU A 395 -0.32 41.56 -12.53
CA GLU A 395 0.30 42.02 -13.75
C GLU A 395 -0.65 41.99 -14.96
N SER A 396 -1.69 41.17 -14.90
CA SER A 396 -2.72 41.17 -15.94
C SER A 396 -3.58 42.44 -16.03
N LEU A 397 -3.61 43.24 -14.98
CA LEU A 397 -4.30 44.54 -15.04
C LEU A 397 -3.69 45.41 -16.14
N PRO A 398 -4.53 45.99 -17.02
CA PRO A 398 -4.00 46.91 -17.98
C PRO A 398 -3.56 48.23 -17.35
N ASP A 399 -2.81 49.01 -18.11
CA ASP A 399 -2.43 50.36 -17.72
C ASP A 399 -3.70 51.22 -17.58
N PRO A 400 -3.96 51.79 -16.37
CA PRO A 400 -5.16 52.65 -16.22
C PRO A 400 -5.23 53.88 -17.14
N LYS A 401 -4.11 54.28 -17.73
CA LYS A 401 -4.10 55.39 -18.71
C LYS A 401 -4.84 55.01 -19.99
N ASN A 402 -4.81 53.74 -20.36
CA ASN A 402 -5.51 53.26 -21.54
C ASN A 402 -6.92 52.80 -21.16
N PHE A 403 -7.04 52.07 -20.04
CA PHE A 403 -8.32 51.53 -19.63
C PHE A 403 -8.55 51.85 -18.17
N PRO A 404 -9.12 53.02 -17.89
CA PRO A 404 -9.25 53.44 -16.49
C PRO A 404 -10.27 52.58 -15.74
N ARG A 405 -9.95 52.34 -14.46
CA ARG A 405 -10.79 51.59 -13.54
C ARG A 405 -11.28 52.49 -12.39
N ASN A 406 -12.60 52.58 -12.27
CA ASN A 406 -13.31 53.34 -11.25
C ASN A 406 -14.70 52.74 -11.12
N GLU A 407 -15.53 53.22 -10.21
CA GLU A 407 -16.88 52.63 -10.03
C GLU A 407 -17.77 52.66 -11.26
N LYS A 408 -17.54 53.63 -12.14
CA LYS A 408 -18.35 53.82 -13.34
C LYS A 408 -18.02 52.84 -14.45
N THR A 409 -16.73 52.76 -14.82
CA THR A 409 -16.28 51.89 -15.94
C THR A 409 -16.47 50.40 -15.68
N THR A 410 -16.49 50.03 -14.41
CA THR A 410 -16.50 48.65 -13.94
C THR A 410 -17.89 48.18 -13.53
N GLN A 411 -18.89 49.05 -13.61
CA GLN A 411 -20.18 48.69 -13.09
C GLN A 411 -20.77 47.59 -13.95
N PRO A 412 -21.69 46.79 -13.38
CA PRO A 412 -22.41 45.80 -14.19
C PRO A 412 -23.24 46.48 -15.26
N VAL A 413 -23.30 45.83 -16.41
CA VAL A 413 -24.05 46.26 -17.57
C VAL A 413 -25.20 45.26 -17.86
N ASN A 414 -25.50 44.42 -16.85
CA ASN A 414 -26.45 43.32 -16.96
C ASN A 414 -26.13 42.33 -18.13
N SER A 415 -24.90 41.84 -18.10
CA SER A 415 -24.40 40.83 -19.06
C SER A 415 -23.69 39.70 -18.31
N ARG A 416 -23.51 38.58 -18.99
CA ARG A 416 -22.71 37.47 -18.46
C ARG A 416 -21.24 37.82 -18.12
N TYR A 417 -20.72 38.92 -18.68
CA TYR A 417 -19.34 39.35 -18.44
C TYR A 417 -19.17 40.31 -17.27
N ASP A 418 -20.25 40.61 -16.55
CA ASP A 418 -20.24 41.62 -15.51
C ASP A 418 -19.15 41.48 -14.48
N ASN A 419 -18.86 40.27 -14.02
CA ASN A 419 -17.80 40.07 -13.02
C ASN A 419 -16.40 39.92 -13.62
N GLN A 420 -16.31 40.01 -14.94
CA GLN A 420 -15.04 40.28 -15.61
C GLN A 420 -14.88 41.79 -15.77
N ILE A 421 -15.95 42.44 -16.19
CA ILE A 421 -16.00 43.91 -16.23
C ILE A 421 -15.64 44.52 -14.84
N ALA A 422 -16.11 43.89 -13.78
CA ALA A 422 -15.78 44.30 -12.41
C ALA A 422 -14.29 44.53 -12.20
N VAL A 423 -13.44 43.76 -12.88
CA VAL A 423 -11.99 43.91 -12.76
C VAL A 423 -11.39 44.83 -13.82
N PHE A 424 -11.74 44.60 -15.07
CA PHE A 424 -11.03 45.23 -16.20
C PHE A 424 -11.66 46.50 -16.80
N GLY A 425 -12.96 46.68 -16.57
CA GLY A 425 -13.71 47.75 -17.21
C GLY A 425 -14.38 47.29 -18.46
N LEU A 426 -15.43 48.02 -18.84
CA LEU A 426 -16.21 47.70 -20.00
C LEU A 426 -15.39 47.83 -21.27
N ASP A 427 -14.66 48.94 -21.39
CA ASP A 427 -13.85 49.19 -22.59
C ASP A 427 -12.85 48.06 -22.84
N PHE A 428 -12.16 47.60 -21.81
CA PHE A 428 -11.20 46.52 -22.01
C PHE A 428 -11.84 45.26 -22.50
N GLN A 429 -13.00 44.96 -21.93
CA GLN A 429 -13.75 43.78 -22.29
C GLN A 429 -14.20 43.83 -23.78
N LYS A 430 -14.57 45.01 -24.28
CA LYS A 430 -14.92 45.14 -25.70
C LYS A 430 -13.71 44.90 -26.63
N LYS A 431 -12.51 45.25 -26.19
CA LYS A 431 -11.32 45.00 -26.98
C LYS A 431 -11.02 43.50 -27.04
N ILE A 432 -11.30 42.79 -25.94
CA ILE A 432 -11.21 41.35 -25.95
C ILE A 432 -12.19 40.79 -27.00
N ALA A 433 -13.40 41.32 -27.04
CA ALA A 433 -14.39 40.79 -27.96
C ALA A 433 -14.10 41.08 -29.44
N ASN A 434 -13.44 42.21 -29.73
CA ASN A 434 -13.01 42.52 -31.08
C ASN A 434 -11.61 42.02 -31.44
N SER A 435 -11.03 41.14 -30.62
CA SER A 435 -9.78 40.50 -30.99
C SER A 435 -9.98 39.46 -32.09
N LYS A 436 -8.94 39.30 -32.90
CA LYS A 436 -8.89 38.29 -33.94
C LYS A 436 -7.74 37.32 -33.63
N VAL A 437 -8.08 36.04 -33.45
CA VAL A 437 -7.13 35.06 -32.95
C VAL A 437 -7.12 33.77 -33.77
N PHE A 438 -5.93 33.18 -33.86
CA PHE A 438 -5.73 31.89 -34.50
C PHE A 438 -5.27 30.88 -33.43
N LEU A 439 -6.03 29.81 -33.30
CA LEU A 439 -5.73 28.76 -32.35
C LEU A 439 -5.33 27.53 -33.15
N VAL A 440 -4.12 27.05 -32.92
CA VAL A 440 -3.55 26.00 -33.68
C VAL A 440 -3.63 24.75 -32.84
N GLY A 441 -4.68 23.98 -33.06
CA GLY A 441 -4.94 22.76 -32.28
C GLY A 441 -6.26 22.86 -31.54
N SER A 442 -6.99 21.77 -31.48
CA SER A 442 -8.29 21.73 -30.83
C SER A 442 -8.41 20.42 -30.02
N GLY A 443 -7.31 19.96 -29.42
CA GLY A 443 -7.34 18.84 -28.48
C GLY A 443 -7.47 19.24 -26.99
N ALA A 444 -6.53 18.82 -26.15
CA ALA A 444 -6.65 19.09 -24.71
C ALA A 444 -6.56 20.59 -24.41
N ILE A 445 -5.41 21.16 -24.76
CA ILE A 445 -5.19 22.57 -24.55
C ILE A 445 -6.23 23.32 -25.39
N GLY A 446 -6.47 22.84 -26.59
CA GLY A 446 -7.41 23.48 -27.49
C GLY A 446 -8.81 23.61 -26.93
N CYS A 447 -9.34 22.52 -26.40
CA CYS A 447 -10.69 22.53 -25.84
C CYS A 447 -10.75 23.44 -24.67
N GLU A 448 -9.78 23.34 -23.74
CA GLU A 448 -9.73 24.25 -22.58
C GLU A 448 -9.59 25.68 -23.02
N MET A 449 -8.80 25.93 -24.05
CA MET A 449 -8.59 27.27 -24.56
C MET A 449 -9.91 27.83 -25.06
N LEU A 450 -10.64 27.07 -25.87
CA LEU A 450 -11.89 27.58 -26.47
C LEU A 450 -12.94 27.80 -25.41
N LYS A 451 -12.93 26.97 -24.36
CA LYS A 451 -13.86 27.19 -23.26
C LYS A 451 -13.54 28.52 -22.61
N ASN A 452 -12.26 28.76 -22.37
CA ASN A 452 -11.85 30.01 -21.74
C ASN A 452 -12.20 31.18 -22.60
N TRP A 453 -12.07 31.04 -23.91
CA TRP A 453 -12.41 32.13 -24.82
C TRP A 453 -13.90 32.37 -24.93
N ALA A 454 -14.69 31.30 -24.86
CA ALA A 454 -16.14 31.45 -24.82
C ALA A 454 -16.53 32.26 -23.59
N LEU A 455 -15.92 31.94 -22.46
CA LEU A 455 -16.15 32.65 -21.23
C LEU A 455 -15.68 34.08 -21.27
N LEU A 456 -14.57 34.38 -21.94
CA LEU A 456 -14.09 35.76 -22.12
C LEU A 456 -14.97 36.61 -23.07
N GLY A 457 -15.72 35.96 -23.94
CA GLY A 457 -16.33 36.63 -25.07
C GLY A 457 -15.35 37.03 -26.17
N LEU A 458 -14.18 36.39 -26.16
CA LEU A 458 -13.13 36.69 -27.13
C LEU A 458 -13.56 36.31 -28.56
N GLY A 459 -13.43 37.29 -29.44
CA GLY A 459 -13.92 37.20 -30.81
C GLY A 459 -15.41 37.38 -31.02
N SER A 460 -16.15 37.73 -29.97
CA SER A 460 -17.60 37.83 -30.06
C SER A 460 -18.09 39.17 -30.65
N GLY A 461 -17.22 40.18 -30.69
CA GLY A 461 -17.58 41.52 -31.18
C GLY A 461 -17.46 41.62 -32.70
N SER A 462 -18.14 42.62 -33.27
CA SER A 462 -18.24 42.70 -34.75
C SER A 462 -16.89 42.80 -35.51
N ASP A 463 -15.87 43.34 -34.84
CA ASP A 463 -14.49 43.36 -35.37
C ASP A 463 -13.66 42.09 -35.10
N GLY A 464 -14.16 41.18 -34.28
CA GLY A 464 -13.37 40.03 -33.86
C GLY A 464 -13.79 38.73 -34.48
N TYR A 465 -12.91 37.73 -34.34
CA TYR A 465 -13.22 36.36 -34.77
C TYR A 465 -12.23 35.41 -34.14
N ILE A 466 -12.51 34.11 -34.23
CA ILE A 466 -11.59 33.06 -33.83
C ILE A 466 -11.44 32.11 -35.01
N VAL A 467 -10.20 31.79 -35.39
CA VAL A 467 -9.95 30.69 -36.32
C VAL A 467 -9.23 29.60 -35.54
N VAL A 468 -9.76 28.39 -35.65
CA VAL A 468 -9.15 27.26 -35.00
C VAL A 468 -9.00 26.20 -36.04
N THR A 469 -7.85 25.58 -36.11
CA THR A 469 -7.67 24.53 -37.07
C THR A 469 -7.07 23.36 -36.34
N ASP A 470 -7.44 22.17 -36.78
CA ASP A 470 -6.92 20.95 -36.21
C ASP A 470 -7.23 19.89 -37.23
N ASN A 471 -6.25 19.06 -37.53
CA ASN A 471 -6.44 18.08 -38.58
C ASN A 471 -6.75 16.68 -38.10
N ASP A 472 -7.05 16.50 -36.82
CA ASP A 472 -7.36 15.17 -36.34
C ASP A 472 -8.83 15.00 -36.07
N SER A 473 -9.22 13.74 -36.12
CA SER A 473 -10.53 13.33 -35.67
C SER A 473 -10.48 12.78 -34.24
N ILE A 474 -11.64 12.76 -33.61
CA ILE A 474 -11.73 12.50 -32.20
C ILE A 474 -11.66 11.01 -32.01
N GLU A 475 -10.72 10.58 -31.17
CA GLU A 475 -10.60 9.17 -30.79
C GLU A 475 -11.07 9.01 -29.36
N LYS A 476 -11.32 7.77 -28.98
CA LYS A 476 -11.94 7.50 -27.68
C LYS A 476 -11.10 7.99 -26.49
N SER A 477 -9.77 7.83 -26.54
CA SER A 477 -8.94 8.14 -25.35
C SER A 477 -8.83 9.62 -25.11
N ASN A 478 -9.20 10.39 -26.12
CA ASN A 478 -9.29 11.83 -26.06
C ASN A 478 -10.34 12.29 -25.07
N LEU A 479 -11.39 11.52 -24.88
CA LEU A 479 -12.53 11.99 -24.10
C LEU A 479 -12.17 12.22 -22.62
N ASN A 480 -11.10 11.58 -22.16
CA ASN A 480 -10.65 11.69 -20.80
C ASN A 480 -10.13 13.10 -20.43
N ARG A 481 -9.75 13.90 -21.42
CA ARG A 481 -9.30 15.29 -21.15
C ARG A 481 -9.71 16.37 -22.21
N GLN A 482 -10.44 15.95 -23.24
CA GLN A 482 -10.91 16.88 -24.27
C GLN A 482 -12.42 17.04 -24.04
N PHE A 483 -12.75 17.86 -23.04
CA PHE A 483 -14.05 17.77 -22.38
C PHE A 483 -15.25 18.23 -23.23
N LEU A 484 -14.97 18.85 -24.37
CA LEU A 484 -16.01 19.22 -25.32
C LEU A 484 -16.50 18.08 -26.20
N PHE A 485 -15.85 16.93 -26.15
CA PHE A 485 -16.21 15.80 -27.01
C PHE A 485 -16.99 14.74 -26.23
N ARG A 486 -18.00 14.14 -26.88
CA ARG A 486 -18.80 13.09 -26.28
C ARG A 486 -18.54 11.77 -26.96
N PRO A 487 -18.89 10.64 -26.31
CA PRO A 487 -18.71 9.34 -27.01
C PRO A 487 -19.27 9.30 -28.45
N LYS A 488 -20.43 9.90 -28.69
CA LYS A 488 -20.98 9.91 -30.04
C LYS A 488 -20.28 10.84 -31.02
N ASP A 489 -19.38 11.71 -30.55
CA ASP A 489 -18.59 12.58 -31.44
C ASP A 489 -17.34 11.86 -31.98
N VAL A 490 -17.07 10.64 -31.51
CA VAL A 490 -15.87 9.92 -31.98
C VAL A 490 -15.93 9.76 -33.46
N GLY A 491 -14.81 10.02 -34.15
CA GLY A 491 -14.69 9.86 -35.59
C GLY A 491 -14.88 11.15 -36.35
N LYS A 492 -15.47 12.15 -35.69
CA LYS A 492 -15.71 13.49 -36.24
C LYS A 492 -14.45 14.30 -36.10
N ASN A 493 -14.45 15.51 -36.62
CA ASN A 493 -13.26 16.36 -36.53
C ASN A 493 -13.23 17.22 -35.26
N LYS A 494 -12.06 17.31 -34.64
CA LYS A 494 -11.95 18.01 -33.35
C LYS A 494 -12.38 19.47 -33.45
N SER A 495 -11.89 20.19 -34.44
CA SER A 495 -12.11 21.60 -34.48
C SER A 495 -13.60 21.88 -34.65
N GLU A 496 -14.23 21.19 -35.57
CA GLU A 496 -15.65 21.42 -35.90
C GLU A 496 -16.54 21.18 -34.70
N VAL A 497 -16.27 20.10 -33.97
CA VAL A 497 -17.08 19.72 -32.80
C VAL A 497 -16.87 20.68 -31.64
N ALA A 498 -15.62 21.09 -31.42
CA ALA A 498 -15.24 22.01 -30.37
C ALA A 498 -15.90 23.37 -30.57
N ALA A 499 -15.88 23.85 -31.82
CA ALA A 499 -16.50 25.13 -32.15
C ALA A 499 -17.99 25.10 -31.84
N GLU A 500 -18.69 24.05 -32.28
CA GLU A 500 -20.11 23.93 -31.97
C GLU A 500 -20.36 23.86 -30.48
N ALA A 501 -19.57 23.06 -29.77
CA ALA A 501 -19.73 22.90 -28.32
C ALA A 501 -19.68 24.22 -27.53
N VAL A 502 -18.67 25.03 -27.82
CA VAL A 502 -18.52 26.29 -27.10
C VAL A 502 -19.54 27.34 -27.49
N CYS A 503 -20.12 27.21 -28.67
CA CYS A 503 -21.22 28.11 -29.05
C CYS A 503 -22.50 27.83 -28.27
N ALA A 504 -22.70 26.58 -27.85
CA ALA A 504 -23.80 26.26 -26.95
C ALA A 504 -23.49 26.87 -25.57
N MET A 505 -22.20 26.83 -25.19
CA MET A 505 -21.78 27.47 -23.94
C MET A 505 -21.99 28.96 -23.93
N ASN A 506 -21.64 29.63 -25.01
CA ASN A 506 -21.87 31.07 -25.09
C ASN A 506 -22.35 31.42 -26.50
N PRO A 507 -23.67 31.63 -26.68
CA PRO A 507 -24.12 31.94 -28.03
C PRO A 507 -23.60 33.24 -28.65
N ASP A 508 -22.95 34.11 -27.87
CA ASP A 508 -22.30 35.29 -28.45
C ASP A 508 -21.26 34.90 -29.51
N LEU A 509 -20.75 33.67 -29.48
CA LEU A 509 -19.83 33.22 -30.52
C LEU A 509 -20.47 32.52 -31.73
N LYS A 510 -21.81 32.48 -31.83
CA LYS A 510 -22.53 31.91 -33.00
C LYS A 510 -21.96 32.59 -34.23
N GLY A 511 -21.48 31.80 -35.20
CA GLY A 511 -20.92 32.36 -36.44
C GLY A 511 -19.66 33.22 -36.34
N LYS A 512 -18.93 33.12 -35.23
CA LYS A 512 -17.67 33.83 -35.03
C LYS A 512 -16.45 32.92 -34.98
N ILE A 513 -16.65 31.61 -34.96
CA ILE A 513 -15.55 30.68 -34.96
C ILE A 513 -15.52 30.01 -36.32
N ASN A 514 -14.35 30.05 -36.93
CA ASN A 514 -14.11 29.45 -38.21
C ASN A 514 -13.30 28.21 -37.87
N ALA A 515 -13.97 27.06 -37.83
CA ALA A 515 -13.33 25.78 -37.57
C ALA A 515 -12.82 25.19 -38.87
N LYS A 516 -11.51 25.06 -38.96
CA LYS A 516 -10.84 24.49 -40.10
C LYS A 516 -10.24 23.13 -39.72
N ILE A 517 -9.94 22.33 -40.73
CA ILE A 517 -9.44 20.95 -40.55
C ILE A 517 -8.07 20.75 -41.24
N ASP A 518 -7.41 21.86 -41.57
CA ASP A 518 -6.19 21.84 -42.34
C ASP A 518 -4.99 21.70 -41.41
N LYS A 519 -4.00 21.00 -41.89
CA LYS A 519 -2.73 20.81 -41.23
C LYS A 519 -1.90 22.06 -41.42
N VAL A 520 -1.54 22.73 -40.33
CA VAL A 520 -0.60 23.84 -40.41
C VAL A 520 0.80 23.34 -40.77
N GLY A 521 1.51 24.09 -41.61
CA GLY A 521 2.80 23.63 -42.13
C GLY A 521 3.05 24.15 -43.54
N PRO A 522 4.16 23.72 -44.17
CA PRO A 522 4.54 24.24 -45.51
C PRO A 522 3.57 23.88 -46.64
N GLU A 523 2.87 22.75 -46.56
CA GLU A 523 1.98 22.35 -47.63
C GLU A 523 0.65 23.10 -47.63
N THR A 524 0.35 23.87 -46.58
CA THR A 524 -0.90 24.66 -46.50
C THR A 524 -0.73 26.21 -46.52
N GLU A 525 0.41 26.72 -46.99
CA GLU A 525 0.66 28.16 -46.99
C GLU A 525 -0.20 28.89 -48.02
N GLU A 526 -0.72 28.14 -48.99
CA GLU A 526 -1.70 28.69 -49.95
C GLU A 526 -3.00 29.10 -49.24
N ILE A 527 -3.38 28.36 -48.20
CA ILE A 527 -4.54 28.70 -47.37
C ILE A 527 -4.15 29.74 -46.32
N PHE A 528 -3.19 29.37 -45.46
CA PHE A 528 -2.74 30.23 -44.34
C PHE A 528 -1.63 31.13 -44.86
N ASN A 529 -2.06 32.18 -45.54
CA ASN A 529 -1.23 32.98 -46.42
C ASN A 529 -1.01 34.38 -45.84
N ASP A 530 -0.27 35.20 -46.57
CA ASP A 530 0.06 36.54 -46.10
C ASP A 530 -1.16 37.22 -45.53
N SER A 531 -2.24 37.25 -46.27
CA SER A 531 -3.45 37.95 -45.83
C SER A 531 -4.06 37.38 -44.52
N PHE A 532 -4.07 36.05 -44.41
CA PHE A 532 -4.63 35.37 -43.26
C PHE A 532 -3.92 35.79 -41.96
N TRP A 533 -2.60 35.69 -41.98
CA TRP A 533 -1.76 35.96 -40.82
C TRP A 533 -1.74 37.44 -40.47
N GLU A 534 -1.58 38.29 -41.48
CA GLU A 534 -1.48 39.74 -41.26
C GLU A 534 -2.69 40.33 -40.56
N SER A 535 -3.84 39.69 -40.76
CA SER A 535 -5.10 40.12 -40.21
C SER A 535 -5.25 39.88 -38.71
N LEU A 536 -4.47 38.97 -38.16
CA LEU A 536 -4.67 38.51 -36.78
C LEU A 536 -4.11 39.49 -35.78
N ASP A 537 -4.65 39.50 -34.57
CA ASP A 537 -4.01 40.21 -33.47
C ASP A 537 -2.96 39.33 -32.82
N PHE A 538 -3.27 38.08 -32.53
CA PHE A 538 -2.26 37.16 -31.97
C PHE A 538 -2.59 35.68 -32.27
N VAL A 539 -1.68 34.79 -31.90
CA VAL A 539 -1.76 33.37 -32.22
C VAL A 539 -1.53 32.60 -30.93
N THR A 540 -2.24 31.50 -30.76
CA THR A 540 -2.10 30.66 -29.60
C THR A 540 -1.85 29.23 -30.10
N ASN A 541 -0.85 28.54 -29.54
CA ASN A 541 -0.56 27.14 -29.84
C ASN A 541 -1.31 26.22 -28.87
N ALA A 542 -1.85 25.14 -29.41
CA ALA A 542 -2.40 24.06 -28.60
C ALA A 542 -1.94 22.76 -29.25
N LEU A 543 -0.63 22.64 -29.36
CA LEU A 543 0.01 21.58 -30.13
C LEU A 543 0.62 20.44 -29.28
N ASP A 544 0.93 19.37 -29.97
CA ASP A 544 1.40 18.15 -29.36
C ASP A 544 2.76 17.74 -29.88
N ASN A 545 3.45 18.61 -30.62
CA ASN A 545 4.80 18.31 -31.04
C ASN A 545 5.64 19.51 -31.34
N VAL A 546 6.95 19.28 -31.29
CA VAL A 546 7.92 20.34 -31.31
C VAL A 546 8.00 21.01 -32.67
N ASP A 547 8.00 20.22 -33.73
CA ASP A 547 8.18 20.76 -35.09
C ASP A 547 7.09 21.73 -35.48
N ALA A 548 5.85 21.44 -35.05
CA ALA A 548 4.76 22.37 -35.27
C ALA A 548 4.94 23.68 -34.53
N ARG A 549 5.33 23.59 -33.27
CA ARG A 549 5.67 24.77 -32.49
C ARG A 549 6.77 25.59 -33.18
N THR A 550 7.84 24.93 -33.61
CA THR A 550 8.89 25.63 -34.34
C THR A 550 8.36 26.33 -35.58
N TYR A 551 7.45 25.70 -36.32
CA TYR A 551 6.90 26.27 -37.56
C TYR A 551 6.05 27.50 -37.25
N VAL A 552 5.08 27.38 -36.34
CA VAL A 552 4.24 28.54 -35.95
C VAL A 552 5.10 29.69 -35.39
N ASP A 553 6.13 29.35 -34.61
CA ASP A 553 7.06 30.33 -34.11
C ASP A 553 7.72 31.14 -35.23
N ARG A 554 8.30 30.44 -36.21
CA ARG A 554 8.92 31.09 -37.38
C ARG A 554 8.00 32.11 -38.06
N ARG A 555 6.71 31.78 -38.15
CA ARG A 555 5.71 32.57 -38.88
C ARG A 555 5.21 33.75 -38.08
N CYS A 556 4.98 33.52 -36.80
CA CYS A 556 4.81 34.59 -35.86
C CYS A 556 5.96 35.62 -35.92
N VAL A 557 7.21 35.16 -36.02
CA VAL A 557 8.33 36.09 -36.14
C VAL A 557 8.17 36.85 -37.47
N PHE A 558 7.98 36.10 -38.55
CA PHE A 558 7.89 36.70 -39.87
C PHE A 558 6.76 37.73 -39.97
N TYR A 559 5.58 37.38 -39.49
CA TYR A 559 4.44 38.30 -39.53
C TYR A 559 4.31 39.23 -38.32
N ARG A 560 5.25 39.15 -37.38
CA ARG A 560 5.27 40.00 -36.20
C ARG A 560 4.02 39.93 -35.39
N LYS A 561 3.68 38.74 -34.93
CA LYS A 561 2.49 38.50 -34.17
C LYS A 561 2.86 37.88 -32.84
N PRO A 562 2.26 38.36 -31.73
CA PRO A 562 2.48 37.65 -30.48
C PRO A 562 2.01 36.22 -30.54
N LEU A 563 2.70 35.36 -29.80
CA LEU A 563 2.38 33.94 -29.70
C LEU A 563 2.28 33.49 -28.24
N LEU A 564 1.19 32.83 -27.90
CA LEU A 564 1.00 32.23 -26.61
C LEU A 564 1.26 30.77 -26.73
N GLU A 565 2.31 30.28 -26.08
CA GLU A 565 2.75 28.88 -26.18
C GLU A 565 2.52 28.16 -24.84
N SER A 566 2.13 26.90 -24.90
CA SER A 566 2.06 26.05 -23.73
C SER A 566 2.25 24.56 -24.05
N GLY A 567 2.50 23.79 -23.00
CA GLY A 567 2.71 22.36 -23.13
C GLY A 567 2.53 21.61 -21.84
N THR A 568 2.32 20.31 -21.92
CA THR A 568 2.14 19.45 -20.73
C THR A 568 2.83 18.12 -20.92
N LEU A 569 3.09 17.45 -19.81
CA LEU A 569 3.58 16.08 -19.79
C LEU A 569 3.19 15.58 -18.39
N GLY A 570 2.06 14.86 -18.31
CA GLY A 570 1.52 14.41 -17.04
C GLY A 570 1.17 15.60 -16.18
N THR A 571 1.79 15.68 -15.01
CA THR A 571 1.52 16.75 -14.06
C THR A 571 2.37 17.99 -14.32
N LYS A 572 3.33 17.88 -15.23
CA LYS A 572 4.27 18.97 -15.58
C LYS A 572 3.73 19.80 -16.71
N GLY A 573 4.05 21.07 -16.69
CA GLY A 573 3.51 21.97 -17.68
C GLY A 573 4.31 23.22 -17.77
N ASN A 574 4.03 24.00 -18.80
CA ASN A 574 4.74 25.25 -18.98
C ASN A 574 4.02 26.16 -19.92
N THR A 575 4.21 27.47 -19.71
CA THR A 575 3.72 28.49 -20.60
C THR A 575 4.87 29.37 -21.02
N GLN A 576 4.74 29.95 -22.21
CA GLN A 576 5.74 30.89 -22.74
C GLN A 576 5.10 31.95 -23.62
N VAL A 577 5.56 33.20 -23.51
CA VAL A 577 5.00 34.31 -24.29
C VAL A 577 6.08 34.82 -25.21
N ILE A 578 5.71 34.99 -26.48
CA ILE A 578 6.62 35.52 -27.49
C ILE A 578 6.01 36.85 -27.92
N ILE A 579 6.68 37.97 -27.61
CA ILE A 579 6.14 39.31 -27.92
C ILE A 579 6.97 39.99 -29.00
N PRO A 580 6.35 40.38 -30.14
CA PRO A 580 7.12 41.05 -31.19
C PRO A 580 7.89 42.26 -30.69
N ARG A 581 9.11 42.40 -31.17
CA ARG A 581 10.04 43.45 -30.81
C ARG A 581 10.48 43.48 -29.34
N LEU A 582 10.22 42.42 -28.58
CA LEU A 582 10.51 42.44 -27.17
C LEU A 582 11.30 41.22 -26.67
N THR A 583 10.73 40.04 -26.85
CA THR A 583 11.25 38.81 -26.27
C THR A 583 11.88 37.93 -27.31
N GLU A 584 12.68 36.98 -26.81
CA GLU A 584 13.09 35.86 -27.61
C GLU A 584 11.87 35.04 -28.01
N SER A 585 12.05 34.25 -29.07
CA SER A 585 11.00 33.39 -29.57
C SER A 585 11.25 31.97 -29.10
N TYR A 586 10.28 31.11 -29.30
CA TYR A 586 10.37 29.72 -28.92
C TYR A 586 11.67 29.08 -29.45
N SER A 587 11.89 29.16 -30.77
CA SER A 587 13.12 28.71 -31.48
C SER A 587 14.46 29.19 -30.91
N SER A 588 14.46 30.25 -30.12
CA SER A 588 15.69 30.80 -29.56
C SER A 588 16.41 29.94 -28.56
N SER A 589 15.72 28.98 -27.92
CA SER A 589 16.34 28.15 -26.86
C SER A 589 16.21 26.67 -27.18
N ARG A 590 17.21 25.86 -26.85
CA ARG A 590 17.18 24.40 -27.09
C ARG A 590 16.53 23.63 -25.91
N ASP A 591 15.75 22.61 -26.23
CA ASP A 591 15.30 21.65 -25.22
C ASP A 591 16.14 20.37 -25.33
N PRO A 592 16.23 19.55 -24.24
CA PRO A 592 16.97 18.29 -24.31
C PRO A 592 16.46 17.35 -25.41
N PRO A 593 17.37 16.83 -26.27
CA PRO A 593 16.86 16.04 -27.38
C PRO A 593 16.47 14.64 -26.93
N GLU A 594 15.68 13.96 -27.76
CA GLU A 594 15.38 12.54 -27.59
C GLU A 594 16.72 11.77 -27.73
N LYS A 595 17.16 11.14 -26.65
CA LYS A 595 18.37 10.30 -26.63
C LYS A 595 18.19 9.11 -27.56
N SER A 596 19.22 8.77 -28.34
CA SER A 596 19.14 7.61 -29.23
C SER A 596 19.94 6.49 -28.60
N ILE A 597 19.45 5.28 -28.82
CA ILE A 597 20.08 4.06 -28.36
C ILE A 597 21.19 3.68 -29.37
N PRO A 598 22.40 3.30 -28.89
CA PRO A 598 23.42 2.87 -29.88
C PRO A 598 22.97 1.68 -30.71
N LEU A 599 23.48 1.58 -31.93
CA LEU A 599 23.00 0.57 -32.90
C LEU A 599 23.39 -0.86 -32.49
N CYS A 600 24.59 -0.99 -31.96
CA CYS A 600 25.03 -2.28 -31.45
C CYS A 600 24.29 -2.81 -30.23
N THR A 601 23.93 -1.91 -29.33
CA THR A 601 23.10 -2.26 -28.21
C THR A 601 21.79 -2.88 -28.74
N LEU A 602 21.12 -2.22 -29.69
CA LEU A 602 19.87 -2.75 -30.26
C LEU A 602 20.00 -4.08 -30.95
N ARG A 603 20.98 -4.16 -31.84
CA ARG A 603 21.15 -5.30 -32.72
C ARG A 603 21.63 -6.56 -32.00
N SER A 604 22.55 -6.42 -31.04
CA SER A 604 23.20 -7.60 -30.38
C SER A 604 23.24 -7.64 -28.84
N PHE A 605 23.23 -6.48 -28.17
CA PHE A 605 23.51 -6.44 -26.71
C PHE A 605 22.55 -5.63 -25.87
N PRO A 606 21.25 -5.99 -25.90
CA PRO A 606 20.27 -5.24 -25.12
C PRO A 606 20.32 -5.62 -23.66
N ASN A 607 19.91 -4.67 -22.81
CA ASN A 607 19.76 -4.88 -21.36
C ASN A 607 18.56 -4.19 -20.75
N LYS A 608 17.69 -3.57 -21.53
CA LYS A 608 16.50 -2.94 -21.01
C LYS A 608 15.35 -3.31 -21.92
N ILE A 609 14.15 -3.33 -21.39
CA ILE A 609 13.00 -3.59 -22.22
C ILE A 609 12.85 -2.53 -23.36
N ASP A 610 13.28 -1.30 -23.12
CA ASP A 610 13.25 -0.27 -24.15
C ASP A 610 14.00 -0.68 -25.41
N HIS A 611 15.04 -1.51 -25.21
CA HIS A 611 15.85 -1.99 -26.33
C HIS A 611 15.16 -3.11 -27.12
N THR A 612 14.58 -4.06 -26.40
CA THR A 612 13.83 -5.13 -27.04
C THR A 612 12.57 -4.58 -27.74
N ILE A 613 11.90 -3.58 -27.17
CA ILE A 613 10.75 -2.98 -27.82
C ILE A 613 11.15 -2.25 -29.09
N ALA A 614 12.21 -1.46 -29.04
CA ALA A 614 12.74 -0.80 -30.25
C ALA A 614 12.99 -1.81 -31.35
N TRP A 615 13.68 -2.89 -31.00
CA TRP A 615 14.08 -3.91 -31.94
C TRP A 615 12.87 -4.60 -32.53
N ALA A 616 11.93 -4.95 -31.67
CA ALA A 616 10.70 -5.56 -32.09
C ALA A 616 9.83 -4.65 -32.95
N LYS A 617 9.76 -3.36 -32.61
CA LYS A 617 9.02 -2.39 -33.43
C LYS A 617 9.62 -2.31 -34.84
N SER A 618 10.93 -2.36 -34.97
CA SER A 618 11.55 -2.22 -36.27
C SER A 618 11.27 -3.53 -37.06
N LEU A 619 11.34 -4.67 -36.40
CA LEU A 619 11.00 -5.97 -37.01
C LEU A 619 9.58 -5.99 -37.57
N PHE A 620 8.65 -5.46 -36.79
CA PHE A 620 7.28 -5.24 -37.20
C PHE A 620 7.23 -4.40 -38.48
N GLN A 621 7.84 -3.21 -38.50
CA GLN A 621 7.89 -2.38 -39.72
C GLN A 621 8.31 -3.23 -40.93
N GLY A 622 9.40 -3.95 -40.78
CA GLY A 622 9.98 -4.67 -41.89
C GLY A 622 9.21 -5.88 -42.36
N TYR A 623 8.73 -6.68 -41.41
CA TYR A 623 7.91 -7.85 -41.71
C TYR A 623 6.60 -7.46 -42.42
N PHE A 624 5.88 -6.45 -41.91
CA PHE A 624 4.49 -6.19 -42.31
C PHE A 624 4.15 -4.85 -42.98
N THR A 625 5.12 -3.92 -43.06
CA THR A 625 4.95 -2.64 -43.74
C THR A 625 5.93 -2.51 -44.93
N ASP A 626 7.24 -2.48 -44.65
CA ASP A 626 8.30 -2.20 -45.67
C ASP A 626 8.46 -3.22 -46.77
N SER A 627 8.42 -4.49 -46.40
CA SER A 627 8.55 -5.55 -47.36
C SER A 627 7.35 -5.59 -48.35
N ALA A 628 6.20 -5.09 -47.91
CA ALA A 628 5.01 -5.03 -48.74
C ALA A 628 5.09 -3.84 -49.65
N GLU A 629 5.49 -2.69 -49.11
CA GLU A 629 5.63 -1.48 -49.93
C GLU A 629 6.69 -1.69 -51.00
N ASN A 630 7.72 -2.45 -50.66
CA ASN A 630 8.76 -2.77 -51.60
C ASN A 630 8.31 -3.72 -52.70
N VAL A 631 7.53 -4.72 -52.34
CA VAL A 631 6.96 -5.57 -53.35
C VAL A 631 6.07 -4.77 -54.28
N ASN A 632 5.26 -3.88 -53.74
CA ASN A 632 4.34 -3.09 -54.60
C ASN A 632 5.02 -2.12 -55.56
N MET A 633 6.07 -1.46 -55.07
CA MET A 633 6.95 -0.68 -55.90
C MET A 633 7.59 -1.49 -57.02
N TYR A 634 8.16 -2.66 -56.70
CA TYR A 634 8.79 -3.54 -57.72
C TYR A 634 7.85 -4.04 -58.80
N LEU A 635 6.60 -4.33 -58.43
CA LEU A 635 5.59 -4.75 -59.39
C LEU A 635 5.02 -3.62 -60.26
N THR A 636 5.06 -2.39 -59.76
CA THR A 636 4.48 -1.20 -60.44
C THR A 636 5.50 -0.21 -61.06
N GLN A 637 6.78 -0.28 -60.68
CA GLN A 637 7.84 0.61 -61.21
C GLN A 637 8.85 -0.18 -62.05
N PRO A 638 8.74 -0.06 -63.39
CA PRO A 638 9.64 -0.80 -64.28
C PRO A 638 11.10 -0.51 -64.05
N ASN A 639 11.42 0.66 -63.52
CA ASN A 639 12.79 1.07 -63.26
C ASN A 639 13.25 0.86 -61.76
N PHE A 640 12.49 0.09 -60.96
CA PHE A 640 12.76 -0.09 -59.51
C PHE A 640 14.13 -0.68 -59.18
N VAL A 641 14.46 -1.79 -59.85
CA VAL A 641 15.69 -2.53 -59.56
C VAL A 641 16.86 -1.66 -59.96
N GLU A 642 16.80 -1.05 -61.15
CA GLU A 642 17.85 -0.10 -61.56
C GLU A 642 17.96 1.11 -60.60
N GLN A 643 16.81 1.60 -60.09
CA GLN A 643 16.77 2.68 -59.07
C GLN A 643 17.40 2.27 -57.74
N THR A 644 17.03 1.10 -57.24
CA THR A 644 17.48 0.62 -55.94
C THR A 644 19.00 0.42 -55.91
N LEU A 645 19.53 -0.27 -56.93
CA LEU A 645 20.99 -0.47 -57.12
C LEU A 645 21.86 0.79 -57.02
N LYS A 646 21.35 1.95 -57.42
CA LYS A 646 22.14 3.17 -57.43
C LYS A 646 21.70 4.25 -56.43
N GLN A 647 20.74 3.98 -55.55
CA GLN A 647 20.30 4.99 -54.55
C GLN A 647 19.87 4.36 -53.20
N SER A 648 20.48 3.26 -52.82
CA SER A 648 20.22 2.64 -51.51
C SER A 648 21.57 2.31 -50.87
N GLY A 649 21.69 2.57 -49.57
CA GLY A 649 22.84 2.12 -48.79
C GLY A 649 22.72 0.61 -48.67
N ASP A 650 21.56 0.19 -48.14
CA ASP A 650 21.15 -1.23 -48.07
C ASP A 650 20.42 -1.69 -49.36
N VAL A 651 21.18 -2.26 -50.29
CA VAL A 651 20.67 -2.77 -51.55
C VAL A 651 20.17 -4.20 -51.35
N LYS A 652 21.06 -5.05 -50.83
CA LYS A 652 20.82 -6.48 -50.61
C LYS A 652 19.62 -6.78 -49.72
N GLY A 653 19.38 -5.92 -48.73
CA GLY A 653 18.25 -6.08 -47.84
C GLY A 653 16.97 -6.01 -48.61
N VAL A 654 16.84 -4.97 -49.43
CA VAL A 654 15.63 -4.71 -50.23
C VAL A 654 15.35 -5.83 -51.22
N LEU A 655 16.39 -6.32 -51.91
CA LEU A 655 16.21 -7.36 -52.92
C LEU A 655 15.87 -8.73 -52.32
N GLU A 656 16.51 -9.11 -51.21
CA GLU A 656 16.10 -10.30 -50.44
C GLU A 656 14.65 -10.17 -49.92
N SER A 657 14.26 -8.98 -49.46
CA SER A 657 12.89 -8.74 -48.99
C SER A 657 11.83 -9.04 -50.07
N ILE A 658 12.13 -8.70 -51.33
CA ILE A 658 11.24 -9.00 -52.45
C ILE A 658 11.30 -10.50 -52.79
N SER A 659 12.51 -11.04 -52.90
CA SER A 659 12.70 -12.45 -53.23
C SER A 659 11.99 -13.37 -52.24
N ASP A 660 12.26 -13.15 -50.96
CA ASP A 660 11.55 -13.82 -49.86
C ASP A 660 10.04 -13.58 -49.97
N SER A 661 9.60 -12.34 -50.15
CA SER A 661 8.16 -12.05 -50.15
C SER A 661 7.36 -12.77 -51.19
N LEU A 662 8.01 -13.09 -52.32
CA LEU A 662 7.37 -13.69 -53.46
C LEU A 662 7.62 -15.19 -53.63
N SER A 663 8.64 -15.75 -52.98
CA SER A 663 8.89 -17.21 -53.06
C SER A 663 8.18 -18.02 -51.95
N SER A 664 8.02 -17.44 -50.78
CA SER A 664 7.29 -18.13 -49.69
C SER A 664 5.76 -17.94 -49.73
N LYS A 665 5.17 -17.57 -50.87
CA LYS A 665 3.79 -17.05 -50.84
C LYS A 665 2.88 -18.04 -50.09
N PRO A 666 2.23 -17.62 -48.98
CA PRO A 666 1.29 -18.52 -48.29
C PRO A 666 -0.03 -18.65 -49.04
N HIS A 667 -0.64 -19.83 -48.94
CA HIS A 667 -1.92 -20.08 -49.59
C HIS A 667 -3.12 -20.08 -48.63
N ASN A 668 -2.85 -20.23 -47.34
CA ASN A 668 -3.89 -20.30 -46.33
C ASN A 668 -3.31 -19.86 -44.99
N PHE A 669 -4.15 -19.90 -43.96
CA PHE A 669 -3.70 -19.42 -42.66
C PHE A 669 -2.67 -20.37 -42.04
N GLU A 670 -2.85 -21.65 -42.30
CA GLU A 670 -1.92 -22.65 -41.86
C GLU A 670 -0.50 -22.30 -42.29
N ASP A 671 -0.31 -21.86 -43.54
CA ASP A 671 1.01 -21.43 -44.01
C ASP A 671 1.55 -20.19 -43.28
N CYS A 672 0.66 -19.26 -42.94
CA CYS A 672 1.04 -18.11 -42.11
C CYS A 672 1.55 -18.52 -40.70
N ILE A 673 0.90 -19.52 -40.09
CA ILE A 673 1.29 -20.04 -38.77
C ILE A 673 2.68 -20.61 -38.88
N LYS A 674 2.88 -21.46 -39.86
CA LYS A 674 4.19 -22.06 -40.13
C LYS A 674 5.29 -21.03 -40.27
N TRP A 675 5.07 -20.04 -41.16
CA TRP A 675 6.01 -18.92 -41.39
C TRP A 675 6.39 -18.30 -40.03
N ALA A 676 5.38 -17.98 -39.23
CA ALA A 676 5.62 -17.34 -37.96
C ALA A 676 6.46 -18.21 -37.02
N ARG A 677 6.18 -19.51 -36.97
CA ARG A 677 6.93 -20.45 -36.11
C ARG A 677 8.36 -20.59 -36.59
N LEU A 678 8.56 -20.56 -37.91
CA LEU A 678 9.93 -20.49 -38.48
C LEU A 678 10.67 -19.16 -38.16
N GLU A 679 9.95 -18.04 -38.14
CA GLU A 679 10.56 -16.79 -37.74
C GLU A 679 10.96 -16.83 -36.26
N PHE A 680 10.14 -17.47 -35.41
CA PHE A 680 10.49 -17.63 -33.99
C PHE A 680 11.84 -18.34 -33.88
N GLU A 681 11.98 -19.45 -34.60
CA GLU A 681 13.24 -20.17 -34.56
C GLU A 681 14.39 -19.29 -35.06
N LYS A 682 14.17 -18.49 -36.10
CA LYS A 682 15.24 -17.66 -36.62
C LYS A 682 15.70 -16.65 -35.59
N LYS A 683 14.75 -15.94 -35.00
CA LYS A 683 15.08 -14.74 -34.22
C LYS A 683 15.48 -15.04 -32.80
N PHE A 684 14.78 -15.98 -32.19
CA PHE A 684 14.98 -16.28 -30.78
C PHE A 684 15.81 -17.55 -30.53
N ASN A 685 16.08 -18.36 -31.59
CA ASN A 685 16.96 -19.56 -31.53
C ASN A 685 18.26 -19.50 -32.40
N HIS A 686 18.13 -19.48 -33.72
CA HIS A 686 19.33 -19.49 -34.61
C HIS A 686 20.25 -18.26 -34.48
N ASP A 687 19.66 -17.07 -34.51
CA ASP A 687 20.44 -15.81 -34.41
C ASP A 687 21.22 -15.73 -33.09
N ILE A 688 20.64 -16.31 -32.05
CA ILE A 688 21.23 -16.29 -30.73
C ILE A 688 22.40 -17.29 -30.69
N LYS A 689 22.17 -18.50 -31.22
CA LYS A 689 23.23 -19.50 -31.33
C LYS A 689 24.39 -19.06 -32.21
N GLN A 690 24.08 -18.23 -33.20
CA GLN A 690 25.08 -17.57 -34.04
C GLN A 690 25.91 -16.56 -33.24
N LEU A 691 25.24 -15.68 -32.51
CA LEU A 691 25.93 -14.68 -31.69
C LEU A 691 26.82 -15.33 -30.63
N LEU A 692 26.38 -16.48 -30.10
CA LEU A 692 27.15 -17.25 -29.12
C LEU A 692 28.30 -18.06 -29.75
N PHE A 693 28.14 -18.42 -31.03
CA PHE A 693 29.25 -19.02 -31.80
C PHE A 693 30.43 -18.05 -31.94
N ASN A 694 30.15 -16.79 -32.25
CA ASN A 694 31.19 -15.76 -32.34
C ASN A 694 31.69 -15.35 -30.96
N PHE A 695 30.78 -15.27 -29.99
CA PHE A 695 31.14 -14.83 -28.63
C PHE A 695 30.56 -15.79 -27.61
N PRO A 696 31.26 -16.93 -27.37
CA PRO A 696 30.89 -17.88 -26.34
C PRO A 696 30.72 -17.27 -24.95
N LYS A 697 29.82 -17.87 -24.18
CA LYS A 697 29.51 -17.50 -22.78
C LYS A 697 30.73 -16.99 -21.99
N ASP A 698 31.81 -17.74 -22.12
CA ASP A 698 33.06 -17.53 -21.40
C ASP A 698 34.16 -16.86 -22.30
N ALA A 699 33.79 -16.13 -23.35
CA ALA A 699 34.77 -15.49 -24.22
C ALA A 699 35.46 -14.33 -23.48
N LYS A 700 36.69 -14.02 -23.85
CA LYS A 700 37.44 -12.91 -23.23
C LYS A 700 37.85 -11.87 -24.29
N THR A 701 38.37 -10.72 -23.87
CA THR A 701 38.86 -9.67 -24.78
C THR A 701 40.38 -9.46 -24.59
N SER A 702 40.98 -8.58 -25.40
CA SER A 702 42.45 -8.37 -25.39
C SER A 702 43.12 -8.24 -24.01
N ASN A 703 42.43 -7.59 -23.07
CA ASN A 703 42.91 -7.51 -21.67
C ASN A 703 42.78 -8.82 -20.87
N GLY A 704 41.98 -9.76 -21.35
CA GLY A 704 41.71 -11.02 -20.69
C GLY A 704 40.57 -11.00 -19.68
N GLU A 705 39.64 -10.04 -19.83
CA GLU A 705 38.46 -9.89 -18.94
C GLU A 705 37.27 -10.41 -19.71
N PRO A 706 36.21 -10.83 -19.00
CA PRO A 706 35.11 -11.51 -19.69
C PRO A 706 34.29 -10.59 -20.62
N PHE A 707 34.12 -11.04 -21.86
CA PHE A 707 33.37 -10.30 -22.89
C PHE A 707 31.97 -9.92 -22.48
N TRP A 708 31.26 -10.85 -21.82
CA TRP A 708 29.88 -10.64 -21.36
C TRP A 708 29.86 -10.17 -19.93
N SER A 709 29.80 -8.86 -19.73
CA SER A 709 29.79 -8.20 -18.41
C SER A 709 29.24 -6.81 -18.64
N GLY A 710 28.79 -6.13 -17.58
CA GLY A 710 28.24 -4.80 -17.75
C GLY A 710 27.00 -4.87 -18.63
N ALA A 711 26.92 -3.99 -19.62
CA ALA A 711 25.74 -3.93 -20.48
C ALA A 711 25.48 -5.19 -21.32
N LYS A 712 26.43 -6.11 -21.33
CA LYS A 712 26.37 -7.30 -22.15
C LYS A 712 25.96 -8.50 -21.33
N ARG A 713 24.79 -9.04 -21.68
CA ARG A 713 24.16 -10.10 -20.96
C ARG A 713 24.17 -11.31 -21.88
N ALA A 714 24.80 -12.39 -21.47
CA ALA A 714 24.89 -13.55 -22.34
C ALA A 714 23.51 -14.15 -22.56
N PRO A 715 23.07 -14.26 -23.82
CA PRO A 715 21.72 -14.79 -24.10
C PRO A 715 21.61 -16.32 -24.04
N THR A 716 20.40 -16.88 -23.87
CA THR A 716 20.16 -18.33 -24.17
C THR A 716 19.17 -18.41 -25.24
N PRO A 717 19.34 -19.38 -26.15
CA PRO A 717 18.31 -19.59 -27.16
C PRO A 717 17.01 -20.09 -26.54
N LEU A 718 15.90 -19.69 -27.14
CA LEU A 718 14.58 -20.12 -26.71
C LEU A 718 14.19 -21.43 -27.34
N GLU A 719 13.53 -22.27 -26.55
CA GLU A 719 12.99 -23.53 -27.03
C GLU A 719 11.48 -23.29 -27.03
N PHE A 720 10.89 -23.19 -28.22
CA PHE A 720 9.49 -22.81 -28.36
C PHE A 720 8.59 -23.64 -27.44
N ASP A 721 7.62 -22.96 -26.82
CA ASP A 721 6.78 -23.52 -25.75
C ASP A 721 5.45 -22.82 -25.89
N ILE A 722 4.48 -23.44 -26.56
CA ILE A 722 3.22 -22.74 -26.85
C ILE A 722 2.45 -22.30 -25.57
N TYR A 723 2.79 -22.90 -24.44
CA TYR A 723 2.14 -22.54 -23.19
C TYR A 723 2.71 -21.25 -22.63
N ASN A 724 3.90 -20.90 -23.07
CA ASN A 724 4.43 -19.60 -22.76
C ASN A 724 3.67 -18.55 -23.52
N ASN A 725 3.18 -17.56 -22.80
CA ASN A 725 2.32 -16.56 -23.39
C ASN A 725 2.94 -15.83 -24.55
N ASP A 726 4.20 -15.45 -24.41
CA ASP A 726 4.86 -14.63 -25.41
C ASP A 726 5.16 -15.42 -26.67
N HIS A 727 5.51 -16.69 -26.51
CA HIS A 727 5.82 -17.58 -27.66
C HIS A 727 4.52 -17.78 -28.42
N PHE A 728 3.43 -18.07 -27.69
CA PHE A 728 2.13 -18.20 -28.31
C PHE A 728 1.72 -16.96 -29.12
N HIS A 729 1.78 -15.79 -28.50
CA HIS A 729 1.26 -14.58 -29.13
C HIS A 729 2.14 -14.08 -30.23
N PHE A 730 3.43 -14.38 -30.14
CA PHE A 730 4.31 -14.08 -31.25
C PHE A 730 3.79 -14.80 -32.48
N VAL A 731 3.44 -16.09 -32.35
CA VAL A 731 2.99 -16.87 -33.47
C VAL A 731 1.60 -16.44 -33.91
N VAL A 732 0.70 -16.20 -32.97
CA VAL A 732 -0.64 -15.76 -33.32
C VAL A 732 -0.64 -14.44 -34.07
N ALA A 733 0.10 -13.47 -33.53
CA ALA A 733 0.10 -12.12 -34.08
C ALA A 733 0.85 -12.09 -35.39
N GLY A 734 2.00 -12.73 -35.44
CA GLY A 734 2.78 -12.90 -36.69
C GLY A 734 1.96 -13.51 -37.83
N ALA A 735 1.32 -14.66 -37.55
CA ALA A 735 0.49 -15.31 -38.55
C ALA A 735 -0.67 -14.44 -38.98
N SER A 736 -1.27 -13.70 -38.05
CA SER A 736 -2.49 -12.90 -38.38
CA SER A 736 -2.49 -12.90 -38.38
C SER A 736 -2.10 -11.69 -39.23
N LEU A 737 -0.93 -11.13 -38.96
CA LEU A 737 -0.44 -9.97 -39.74
C LEU A 737 0.04 -10.34 -41.15
N ARG A 738 0.83 -11.40 -41.22
CA ARG A 738 1.23 -12.04 -42.45
C ARG A 738 0.01 -12.34 -43.31
N ALA A 739 -1.02 -12.94 -42.72
CA ALA A 739 -2.26 -13.19 -43.46
C ALA A 739 -2.85 -11.90 -44.03
N TYR A 740 -2.84 -10.82 -43.25
CA TYR A 740 -3.36 -9.54 -43.68
C TYR A 740 -2.58 -9.01 -44.90
N ASN A 741 -1.25 -9.17 -44.88
CA ASN A 741 -0.41 -8.75 -45.98
C ASN A 741 -0.83 -9.42 -47.28
N TYR A 742 -1.07 -10.73 -47.19
CA TYR A 742 -1.30 -11.55 -48.38
C TYR A 742 -2.79 -11.74 -48.72
N GLY A 743 -3.67 -11.05 -48.00
CA GLY A 743 -5.10 -11.11 -48.29
C GLY A 743 -5.82 -12.38 -47.88
N ILE A 744 -5.27 -13.13 -46.91
CA ILE A 744 -5.81 -14.40 -46.45
C ILE A 744 -6.68 -14.19 -45.23
N LYS A 745 -7.84 -14.85 -45.18
CA LYS A 745 -8.72 -14.76 -43.98
C LYS A 745 -8.14 -15.53 -42.81
N SER A 746 -8.10 -14.89 -41.64
CA SER A 746 -7.73 -15.58 -40.39
C SER A 746 -8.79 -16.66 -39.96
N ASP A 747 -8.34 -17.70 -39.26
CA ASP A 747 -9.22 -18.50 -38.36
C ASP A 747 -9.57 -17.64 -37.09
N ASP A 748 -8.66 -16.70 -36.79
CA ASP A 748 -8.83 -15.64 -35.75
C ASP A 748 -9.77 -14.40 -36.00
N SER A 749 -10.13 -14.10 -37.25
CA SER A 749 -10.74 -12.77 -37.55
C SER A 749 -12.16 -12.54 -36.97
N ASN A 750 -12.84 -13.62 -36.52
CA ASN A 750 -14.16 -13.55 -35.82
C ASN A 750 -14.15 -13.87 -34.27
N SER A 751 -13.03 -14.33 -33.69
CA SER A 751 -13.02 -14.92 -32.32
C SER A 751 -11.58 -15.09 -31.77
N LYS A 752 -11.43 -15.71 -30.59
CA LYS A 752 -10.11 -15.90 -29.94
C LYS A 752 -9.19 -16.93 -30.62
N PRO A 753 -7.86 -16.77 -30.47
CA PRO A 753 -6.96 -17.80 -30.97
C PRO A 753 -7.00 -18.98 -30.04
N ASN A 754 -6.98 -20.17 -30.62
CA ASN A 754 -7.06 -21.44 -29.88
C ASN A 754 -5.73 -22.18 -29.79
N VAL A 755 -5.26 -22.44 -28.58
CA VAL A 755 -3.95 -23.02 -28.37
C VAL A 755 -3.78 -24.38 -29.03
N ASP A 756 -4.76 -25.27 -28.88
CA ASP A 756 -4.64 -26.60 -29.46
C ASP A 756 -4.61 -26.56 -30.98
N GLU A 757 -5.31 -25.60 -31.59
CA GLU A 757 -5.36 -25.46 -33.06
C GLU A 757 -3.96 -25.16 -33.60
N TYR A 758 -3.29 -24.18 -33.00
CA TYR A 758 -1.95 -23.80 -33.41
C TYR A 758 -0.97 -24.90 -33.10
N LYS A 759 -1.22 -25.59 -32.00
CA LYS A 759 -0.30 -26.59 -31.52
C LYS A 759 -0.27 -27.72 -32.53
N SER A 760 -1.44 -28.12 -33.04
CA SER A 760 -1.51 -29.22 -34.00
C SER A 760 -0.89 -28.91 -35.39
N VAL A 761 -0.74 -27.64 -35.73
CA VAL A 761 0.04 -27.26 -36.90
C VAL A 761 1.53 -27.36 -36.57
N ILE A 762 1.93 -26.72 -35.48
CA ILE A 762 3.35 -26.62 -35.12
C ILE A 762 3.97 -27.98 -34.76
N ASP A 763 3.19 -28.83 -34.11
CA ASP A 763 3.65 -30.16 -33.73
C ASP A 763 4.01 -31.01 -34.94
N HIS A 764 3.37 -30.77 -36.09
CA HIS A 764 3.64 -31.52 -37.32
C HIS A 764 4.72 -30.89 -38.22
N MET A 765 5.45 -29.88 -37.75
CA MET A 765 6.46 -29.20 -38.58
C MET A 765 7.86 -29.78 -38.43
N ILE A 766 8.63 -29.80 -39.53
CA ILE A 766 10.09 -30.02 -39.47
C ILE A 766 10.70 -28.63 -39.25
N ILE A 767 11.29 -28.42 -38.07
CA ILE A 767 12.00 -27.19 -37.72
C ILE A 767 13.45 -27.45 -38.10
N PRO A 768 14.03 -26.70 -39.06
CA PRO A 768 15.41 -27.09 -39.45
C PRO A 768 16.46 -26.75 -38.38
N GLU A 769 17.33 -27.70 -38.06
CA GLU A 769 18.41 -27.52 -37.08
C GLU A 769 19.34 -26.37 -37.49
N PHE A 770 20.00 -25.77 -36.50
CA PHE A 770 20.92 -24.64 -36.71
C PHE A 770 22.30 -25.13 -37.16
N THR A 771 22.85 -24.60 -38.26
CA THR A 771 24.32 -24.68 -38.54
C THR A 771 24.96 -23.27 -38.52
N PRO A 772 26.16 -23.13 -37.92
CA PRO A 772 26.76 -21.79 -37.82
C PRO A 772 27.38 -21.35 -39.12
N ASN A 773 27.40 -20.04 -39.36
CA ASN A 773 28.20 -19.42 -40.43
C ASN A 773 29.52 -18.95 -39.79
N ALA A 774 30.65 -19.46 -40.32
CA ALA A 774 31.99 -19.17 -39.78
C ALA A 774 32.58 -17.81 -40.17
N ASN A 775 31.96 -17.12 -41.12
CA ASN A 775 32.44 -15.86 -41.69
C ASN A 775 31.69 -14.62 -41.26
N LEU A 776 30.65 -14.77 -40.43
CA LEU A 776 29.86 -13.62 -39.99
C LEU A 776 30.69 -12.85 -38.97
N LYS A 777 30.99 -11.59 -39.28
CA LYS A 777 31.54 -10.65 -38.29
C LYS A 777 30.31 -10.03 -37.64
N ILE A 778 30.39 -9.73 -36.34
CA ILE A 778 29.34 -9.00 -35.61
C ILE A 778 29.95 -7.76 -34.95
N GLN A 779 29.33 -6.61 -35.18
CA GLN A 779 29.87 -5.33 -34.79
C GLN A 779 29.67 -5.19 -33.27
N VAL A 780 30.76 -4.94 -32.55
CA VAL A 780 30.72 -4.81 -31.07
C VAL A 780 30.55 -3.34 -30.62
N ASN A 781 30.93 -2.41 -31.48
CA ASN A 781 30.82 -0.98 -31.21
C ASN A 781 30.47 -0.19 -32.47
N ASP A 782 29.95 1.01 -32.26
CA ASP A 782 29.58 1.87 -33.37
C ASP A 782 30.87 2.48 -33.99
N ASP A 783 31.94 2.65 -33.19
CA ASP A 783 33.28 2.97 -33.72
C ASP A 783 33.77 1.98 -34.79
N ASP A 784 33.87 0.70 -34.36
CA ASP A 784 34.38 -0.46 -35.16
C ASP A 784 33.68 -0.58 -36.56
N PRO A 785 34.44 -0.91 -37.65
CA PRO A 785 33.77 -1.12 -38.98
C PRO A 785 32.77 -2.30 -39.08
N ASP A 786 32.17 -2.48 -40.27
CA ASP A 786 30.85 -3.14 -40.43
C ASP A 786 30.78 -4.64 -40.94
N PRO A 787 31.91 -5.28 -41.36
CA PRO A 787 31.88 -6.37 -42.39
C PRO A 787 31.20 -7.68 -41.97
N ASP A 796 28.17 -8.88 -56.35
CA ASP A 796 28.45 -10.15 -57.02
C ASP A 796 27.22 -11.02 -56.92
N GLU A 797 26.97 -11.52 -55.71
CA GLU A 797 25.71 -12.19 -55.33
C GLU A 797 24.45 -11.36 -55.59
N ILE A 798 24.61 -10.05 -55.86
CA ILE A 798 23.50 -9.14 -56.23
C ILE A 798 22.99 -9.39 -57.67
N ASP A 799 23.86 -9.83 -58.58
CA ASP A 799 23.42 -10.21 -59.93
C ASP A 799 22.59 -11.51 -59.91
N GLN A 800 22.90 -12.39 -58.96
CA GLN A 800 22.11 -13.63 -58.70
C GLN A 800 20.74 -13.32 -58.09
N LEU A 801 20.70 -12.40 -57.14
CA LEU A 801 19.46 -11.96 -56.52
C LEU A 801 18.51 -11.32 -57.56
N VAL A 802 19.04 -10.44 -58.41
CA VAL A 802 18.26 -9.87 -59.51
C VAL A 802 17.70 -10.98 -60.44
N SER A 803 18.54 -11.96 -60.81
CA SER A 803 18.11 -13.13 -61.62
C SER A 803 17.01 -13.96 -60.98
N SER A 804 17.02 -14.07 -59.65
CA SER A 804 16.00 -14.81 -58.90
C SER A 804 14.60 -14.14 -58.92
N LEU A 805 14.53 -12.82 -59.09
CA LEU A 805 13.25 -12.12 -58.94
C LEU A 805 12.31 -12.52 -60.07
N PRO A 806 11.02 -12.76 -59.77
CA PRO A 806 10.09 -13.09 -60.84
C PRO A 806 9.75 -11.88 -61.70
N ASP A 807 9.42 -12.10 -62.97
CA ASP A 807 8.93 -11.01 -63.84
C ASP A 807 7.59 -10.51 -63.24
N PRO A 808 7.42 -9.17 -63.07
CA PRO A 808 6.11 -8.60 -62.62
C PRO A 808 4.88 -8.95 -63.49
N SER A 809 5.10 -9.35 -64.76
CA SER A 809 4.01 -9.80 -65.63
C SER A 809 3.43 -11.17 -65.22
N THR A 810 4.17 -11.99 -64.45
CA THR A 810 3.64 -13.25 -63.84
C THR A 810 2.84 -13.03 -62.55
N LEU A 811 2.70 -11.76 -62.15
CA LEU A 811 1.98 -11.42 -60.93
C LEU A 811 1.04 -10.23 -61.21
N ALA A 812 0.29 -10.33 -62.30
CA ALA A 812 -0.61 -9.27 -62.73
C ALA A 812 -1.67 -8.98 -61.66
N GLY A 813 -1.70 -7.74 -61.20
CA GLY A 813 -2.62 -7.30 -60.17
C GLY A 813 -2.47 -8.01 -58.82
N PHE A 814 -1.23 -8.29 -58.41
CA PHE A 814 -0.96 -8.87 -57.12
C PHE A 814 -0.43 -7.75 -56.29
N LYS A 815 -1.21 -7.34 -55.29
CA LYS A 815 -0.82 -6.31 -54.34
C LYS A 815 -0.59 -7.00 -53.02
N LEU A 816 0.37 -6.54 -52.27
CA LEU A 816 0.43 -6.88 -50.84
C LEU A 816 -0.14 -5.71 -50.12
N GLU A 817 -0.87 -5.97 -49.06
CA GLU A 817 -1.49 -4.91 -48.27
C GLU A 817 -0.60 -4.51 -47.07
N PRO A 818 0.06 -3.34 -47.10
CA PRO A 818 0.93 -2.99 -45.97
C PRO A 818 0.16 -2.63 -44.72
N VAL A 819 0.79 -2.89 -43.59
CA VAL A 819 0.19 -2.61 -42.30
C VAL A 819 0.60 -1.20 -41.95
N ASP A 820 -0.36 -0.48 -41.38
CA ASP A 820 -0.13 0.87 -40.93
C ASP A 820 -0.34 0.89 -39.42
N PHE A 821 0.77 0.98 -38.67
CA PHE A 821 0.79 0.90 -37.20
C PHE A 821 -0.28 1.73 -36.55
N GLU A 822 -1.31 1.11 -35.96
CA GLU A 822 -2.26 1.75 -35.09
C GLU A 822 -2.21 1.16 -33.66
N LYS A 823 -1.61 1.90 -32.73
CA LYS A 823 -1.43 1.43 -31.37
C LYS A 823 -2.69 1.37 -30.50
N ASP A 824 -3.77 2.04 -30.91
CA ASP A 824 -4.95 2.21 -30.06
C ASP A 824 -6.11 1.35 -30.54
N ASP A 825 -5.83 0.27 -31.26
CA ASP A 825 -6.86 -0.69 -31.64
C ASP A 825 -6.41 -2.07 -31.16
N ASP A 826 -7.04 -2.57 -30.12
CA ASP A 826 -6.62 -3.82 -29.46
C ASP A 826 -6.95 -5.06 -30.30
N THR A 827 -7.81 -4.93 -31.30
CA THR A 827 -8.17 -6.07 -32.13
C THR A 827 -7.19 -6.33 -33.26
N ASN A 828 -6.25 -5.41 -33.52
CA ASN A 828 -5.44 -5.45 -34.75
C ASN A 828 -4.11 -6.22 -34.71
N HIS A 829 -3.76 -6.81 -33.57
CA HIS A 829 -2.53 -7.59 -33.40
C HIS A 829 -1.21 -6.81 -33.33
N HIS A 830 -1.24 -5.49 -33.37
CA HIS A 830 0.03 -4.79 -33.51
C HIS A 830 0.81 -4.78 -32.21
N ILE A 831 0.17 -4.24 -31.18
CA ILE A 831 0.78 -4.19 -29.88
C ILE A 831 0.94 -5.64 -29.40
N GLU A 832 0.02 -6.53 -29.77
CA GLU A 832 0.16 -7.94 -29.47
C GLU A 832 1.49 -8.47 -30.02
N PHE A 833 1.78 -8.14 -31.28
CA PHE A 833 3.03 -8.62 -31.87
C PHE A 833 4.25 -8.01 -31.18
N ILE A 834 4.27 -6.70 -31.06
CA ILE A 834 5.46 -6.02 -30.59
C ILE A 834 5.73 -6.46 -29.16
N THR A 835 4.66 -6.65 -28.38
CA THR A 835 4.80 -7.05 -26.99
C THR A 835 5.39 -8.43 -26.90
N ALA A 836 4.79 -9.36 -27.63
CA ALA A 836 5.29 -10.75 -27.64
C ALA A 836 6.74 -10.87 -28.19
N CYS A 837 7.09 -10.05 -29.18
CA CYS A 837 8.34 -10.20 -29.89
C CYS A 837 9.48 -9.62 -29.04
N SER A 838 9.22 -8.44 -28.47
CA SER A 838 10.08 -7.83 -27.45
C SER A 838 10.32 -8.79 -26.30
N ASN A 839 9.26 -9.38 -25.77
CA ASN A 839 9.39 -10.24 -24.60
C ASN A 839 10.11 -11.52 -24.90
N CYS A 840 9.94 -12.07 -26.10
CA CYS A 840 10.73 -13.27 -26.47
C CYS A 840 12.22 -12.93 -26.47
N ARG A 841 12.57 -11.74 -26.95
CA ARG A 841 13.94 -11.28 -26.94
C ARG A 841 14.38 -10.98 -25.51
N ALA A 842 13.46 -10.45 -24.71
CA ALA A 842 13.76 -10.22 -23.31
C ALA A 842 14.08 -11.55 -22.63
N GLN A 843 13.35 -12.61 -22.95
CA GLN A 843 13.65 -13.90 -22.37
C GLN A 843 15.04 -14.34 -22.75
N ASN A 844 15.39 -14.15 -24.01
CA ASN A 844 16.71 -14.49 -24.53
C ASN A 844 17.81 -13.91 -23.67
N TYR A 845 17.68 -12.62 -23.32
CA TYR A 845 18.74 -11.84 -22.66
C TYR A 845 18.49 -11.64 -21.13
N PHE A 846 17.58 -12.43 -20.58
CA PHE A 846 17.25 -12.40 -19.15
C PHE A 846 16.82 -11.04 -18.68
N ILE A 847 15.97 -10.39 -19.48
CA ILE A 847 15.37 -9.08 -19.17
C ILE A 847 13.90 -9.26 -18.70
N GLU A 848 13.45 -8.49 -17.69
CA GLU A 848 12.05 -8.67 -17.18
C GLU A 848 11.09 -8.31 -18.32
N THR A 849 10.15 -9.23 -18.59
CA THR A 849 9.17 -9.01 -19.62
C THR A 849 8.23 -7.93 -19.17
N ALA A 850 7.69 -7.22 -20.15
CA ALA A 850 6.78 -6.13 -19.93
C ALA A 850 5.43 -6.50 -20.54
N ASP A 851 4.37 -5.85 -20.05
CA ASP A 851 3.03 -6.14 -20.52
C ASP A 851 2.63 -5.20 -21.69
N ARG A 852 1.43 -5.40 -22.24
CA ARG A 852 0.87 -4.59 -23.34
C ARG A 852 0.77 -3.15 -23.02
N GLN A 853 0.26 -2.77 -21.86
CA GLN A 853 0.14 -1.33 -21.58
C GLN A 853 1.48 -0.60 -21.61
N LYS A 854 2.51 -1.24 -21.07
CA LYS A 854 3.86 -0.66 -21.03
C LYS A 854 4.56 -0.67 -22.39
N THR A 855 4.36 -1.74 -23.15
CA THR A 855 4.95 -1.87 -24.48
C THR A 855 4.31 -0.86 -25.41
N LYS A 856 3.01 -0.66 -25.30
CA LYS A 856 2.28 0.38 -26.05
C LYS A 856 2.75 1.78 -25.76
N PHE A 857 3.08 2.05 -24.52
CA PHE A 857 3.59 3.35 -24.11
C PHE A 857 4.91 3.70 -24.83
N ILE A 858 5.82 2.72 -24.88
CA ILE A 858 7.14 2.93 -25.42
C ILE A 858 7.11 2.85 -26.93
N ALA A 859 6.55 1.76 -27.48
CA ALA A 859 6.46 1.58 -28.92
C ALA A 859 5.67 2.68 -29.57
N GLY A 860 4.60 3.09 -28.90
CA GLY A 860 3.71 4.14 -29.38
C GLY A 860 4.06 5.56 -29.03
N ARG A 861 5.13 5.75 -28.27
CA ARG A 861 5.58 7.09 -27.89
C ARG A 861 4.48 7.94 -27.28
N ILE A 862 3.67 7.33 -26.41
CA ILE A 862 2.50 7.99 -25.84
C ILE A 862 2.93 8.98 -24.77
N ILE A 863 2.35 10.18 -24.84
CA ILE A 863 2.62 11.23 -23.87
C ILE A 863 1.57 11.12 -22.76
N PRO A 864 2.01 10.92 -21.50
CA PRO A 864 1.06 10.89 -20.39
C PRO A 864 0.36 12.23 -20.30
N ALA A 865 -0.95 12.20 -20.05
CA ALA A 865 -1.76 13.42 -20.06
C ALA A 865 -2.98 13.32 -19.15
N ILE A 866 -3.38 14.44 -18.57
CA ILE A 866 -4.54 14.49 -17.69
C ILE A 866 -5.19 15.89 -17.74
N ALA A 867 -6.49 15.96 -17.51
CA ALA A 867 -7.20 17.26 -17.57
C ALA A 867 -6.78 18.33 -16.57
N THR A 868 -6.37 17.91 -15.38
CA THR A 868 -5.95 18.84 -14.36
C THR A 868 -4.86 19.78 -14.86
N THR A 869 -3.72 19.23 -15.22
CA THR A 869 -2.60 20.00 -15.72
C THR A 869 -3.02 20.87 -16.92
N THR A 870 -3.86 20.30 -17.78
CA THR A 870 -4.29 20.94 -19.02
C THR A 870 -5.09 22.20 -18.68
N SER A 871 -6.10 22.12 -17.80
CA SER A 871 -6.83 23.34 -17.39
C SER A 871 -5.95 24.39 -16.76
N LEU A 872 -4.99 23.96 -15.96
CA LEU A 872 -4.24 24.90 -15.15
C LEU A 872 -3.32 25.72 -16.03
N VAL A 873 -2.58 25.01 -16.88
CA VAL A 873 -1.69 25.61 -17.85
C VAL A 873 -2.47 26.54 -18.78
N THR A 874 -3.64 26.10 -19.25
CA THR A 874 -4.49 26.94 -20.12
C THR A 874 -4.94 28.18 -19.39
N GLY A 875 -5.27 28.01 -18.11
CA GLY A 875 -5.58 29.16 -17.22
C GLY A 875 -4.49 30.21 -17.22
N LEU A 876 -3.25 29.78 -17.07
CA LEU A 876 -2.12 30.67 -17.02
C LEU A 876 -1.90 31.34 -18.34
N VAL A 877 -2.14 30.64 -19.44
CA VAL A 877 -2.04 31.27 -20.76
C VAL A 877 -3.05 32.43 -20.90
N ASN A 878 -4.26 32.26 -20.38
CA ASN A 878 -5.28 33.31 -20.48
C ASN A 878 -5.12 34.43 -19.48
N LEU A 879 -4.19 34.28 -18.54
CA LEU A 879 -3.79 35.39 -17.71
C LEU A 879 -2.75 36.20 -18.44
N GLU A 880 -1.94 35.62 -19.33
CA GLU A 880 -0.99 36.37 -20.18
C GLU A 880 -1.67 37.03 -21.35
N LEU A 881 -2.74 36.40 -21.86
CA LEU A 881 -3.55 37.00 -22.93
C LEU A 881 -4.01 38.43 -22.60
N TYR A 882 -4.46 38.65 -21.37
CA TYR A 882 -4.81 40.01 -20.93
C TYR A 882 -3.71 41.02 -21.23
N LYS A 883 -2.45 40.60 -21.10
CA LYS A 883 -1.30 41.48 -21.34
C LYS A 883 -1.08 41.85 -22.80
N LEU A 884 -1.41 40.93 -23.73
CA LEU A 884 -1.41 41.20 -25.20
C LEU A 884 -2.47 42.21 -25.61
N ILE A 885 -3.67 42.05 -25.02
CA ILE A 885 -4.76 42.95 -25.29
C ILE A 885 -4.34 44.39 -24.99
N ASP A 886 -3.55 44.61 -23.92
CA ASP A 886 -3.08 45.96 -23.53
C ASP A 886 -1.78 46.39 -24.17
N ASN A 887 -1.22 45.56 -25.04
CA ASN A 887 -0.04 45.92 -25.80
C ASN A 887 1.14 46.26 -24.94
N LYS A 888 1.39 45.41 -23.97
CA LYS A 888 2.41 45.70 -22.98
C LYS A 888 3.78 45.57 -23.59
N THR A 889 4.61 46.57 -23.32
CA THR A 889 5.98 46.62 -23.82
C THR A 889 7.01 46.56 -22.70
N ASP A 890 6.55 46.55 -21.45
CA ASP A 890 7.43 46.38 -20.32
C ASP A 890 7.54 44.86 -20.15
N ILE A 891 8.68 44.31 -20.56
CA ILE A 891 8.94 42.85 -20.44
C ILE A 891 8.72 42.29 -19.00
N GLU A 892 8.97 43.12 -17.99
CA GLU A 892 8.83 42.74 -16.57
C GLU A 892 7.39 42.37 -16.16
N GLN A 893 6.41 42.85 -16.93
CA GLN A 893 5.00 42.48 -16.75
C GLN A 893 4.62 41.06 -17.20
N TYR A 894 5.38 40.46 -18.10
CA TYR A 894 5.02 39.13 -18.62
C TYR A 894 5.65 38.02 -17.78
N LYS A 895 5.00 36.85 -17.77
CA LYS A 895 5.42 35.70 -16.98
C LYS A 895 5.38 34.45 -17.81
N ASN A 896 6.54 33.86 -18.03
CA ASN A 896 6.60 32.48 -18.47
C ASN A 896 6.39 31.65 -17.24
N GLY A 897 5.59 30.60 -17.35
CA GLY A 897 5.32 29.70 -16.24
C GLY A 897 5.86 28.27 -16.38
N PHE A 898 6.08 27.64 -15.23
CA PHE A 898 6.58 26.29 -15.15
C PHE A 898 5.88 25.59 -13.99
N VAL A 899 5.23 24.46 -14.24
CA VAL A 899 4.53 23.80 -13.14
C VAL A 899 4.83 22.33 -13.05
N ASN A 900 4.65 21.77 -11.85
CA ASN A 900 4.43 20.33 -11.70
C ASN A 900 3.46 20.09 -10.57
N LEU A 901 2.23 19.70 -10.89
CA LEU A 901 1.17 19.54 -9.86
C LEU A 901 1.45 18.42 -8.87
N ALA A 902 2.35 17.50 -9.22
CA ALA A 902 2.73 16.40 -8.34
C ALA A 902 3.34 16.85 -7.02
N LEU A 903 4.10 17.94 -7.05
CA LEU A 903 4.98 18.33 -5.92
C LEU A 903 4.34 19.05 -4.72
N PRO A 904 3.46 20.04 -4.88
CA PRO A 904 3.13 20.76 -6.11
C PRO A 904 4.09 21.94 -6.22
N PHE A 905 4.35 22.36 -7.46
CA PHE A 905 5.35 23.38 -7.73
C PHE A 905 4.89 24.33 -8.81
N PHE A 906 5.06 25.61 -8.52
CA PHE A 906 4.77 26.70 -9.43
C PHE A 906 5.92 27.72 -9.40
N GLY A 907 6.48 27.97 -10.58
CA GLY A 907 7.49 29.00 -10.73
C GLY A 907 7.31 29.81 -11.99
N PHE A 908 7.73 31.06 -11.93
CA PHE A 908 7.55 31.98 -13.04
C PHE A 908 8.81 32.76 -13.31
N SER A 909 8.95 33.22 -14.55
CA SER A 909 10.08 34.00 -14.95
C SER A 909 9.73 34.97 -16.09
N GLU A 910 10.25 36.17 -15.91
CA GLU A 910 10.22 37.23 -16.89
C GLU A 910 10.89 36.69 -18.16
N PRO A 911 10.22 36.87 -19.31
CA PRO A 911 10.84 36.40 -20.55
C PRO A 911 12.22 37.00 -20.79
N ILE A 912 13.02 36.29 -21.57
CA ILE A 912 14.32 36.76 -21.99
C ILE A 912 14.10 37.77 -23.10
N ALA A 913 14.83 38.88 -23.06
CA ALA A 913 14.74 39.92 -24.09
C ALA A 913 15.33 39.40 -25.40
N SER A 914 14.87 39.95 -26.51
CA SER A 914 15.44 39.59 -27.81
C SER A 914 16.86 40.13 -27.86
N PRO A 915 17.80 39.32 -28.35
CA PRO A 915 19.16 39.84 -28.54
C PRO A 915 19.21 40.98 -29.58
N LYS A 916 20.03 41.98 -29.29
CA LYS A 916 20.15 43.14 -30.12
C LYS A 916 21.52 43.20 -30.79
N GLY A 917 21.60 43.92 -31.89
CA GLY A 917 22.84 44.17 -32.57
C GLY A 917 22.99 45.62 -32.98
N GLU A 918 24.06 45.90 -33.67
CA GLU A 918 24.38 47.23 -34.14
C GLU A 918 25.15 47.11 -35.45
N TYR A 919 24.85 47.98 -36.42
CA TYR A 919 25.75 48.19 -37.57
C TYR A 919 25.79 49.67 -37.78
N ASN A 920 26.98 50.25 -38.01
CA ASN A 920 27.09 51.71 -38.09
C ASN A 920 26.52 52.30 -36.81
N ASN A 921 25.63 53.28 -36.85
CA ASN A 921 25.15 53.84 -35.59
C ASN A 921 23.74 53.33 -35.32
N LYS A 922 23.38 52.14 -35.77
CA LYS A 922 21.99 51.79 -35.88
C LYS A 922 21.75 50.51 -35.09
N LYS A 923 20.85 50.54 -34.11
CA LYS A 923 20.55 49.40 -33.26
C LYS A 923 19.45 48.62 -33.95
N TYR A 924 19.49 47.30 -33.85
CA TYR A 924 18.46 46.44 -34.45
C TYR A 924 18.17 45.17 -33.65
N ASP A 925 17.01 44.59 -33.87
CA ASP A 925 16.58 43.37 -33.18
C ASP A 925 16.88 42.13 -34.03
N LYS A 926 17.70 41.24 -33.49
CA LYS A 926 18.24 40.13 -34.27
C LYS A 926 17.22 39.03 -34.60
N ILE A 927 16.07 39.06 -33.94
CA ILE A 927 14.97 38.15 -34.22
C ILE A 927 13.92 38.83 -35.11
N TRP A 928 13.55 40.05 -34.72
CA TRP A 928 12.31 40.69 -35.19
C TRP A 928 12.46 41.65 -36.37
N ASP A 929 13.58 42.37 -36.42
CA ASP A 929 13.77 43.40 -37.45
C ASP A 929 14.17 42.79 -38.78
N ARG A 930 13.71 43.41 -39.86
CA ARG A 930 14.06 42.98 -41.19
C ARG A 930 13.98 44.15 -42.18
N PHE A 931 14.60 44.00 -43.37
CA PHE A 931 14.52 45.02 -44.42
C PHE A 931 13.37 44.63 -45.35
N ASP A 932 12.27 45.39 -45.29
CA ASP A 932 11.13 45.19 -46.20
C ASP A 932 11.36 46.01 -47.48
N ILE A 933 11.46 45.31 -48.62
CA ILE A 933 11.67 45.93 -49.89
C ILE A 933 10.38 45.77 -50.65
N LYS A 934 9.74 46.89 -51.01
CA LYS A 934 8.51 46.86 -51.78
C LYS A 934 8.86 46.67 -53.27
N GLY A 935 8.35 45.61 -53.89
CA GLY A 935 8.54 45.34 -55.31
C GLY A 935 9.63 44.34 -55.66
N ASP A 936 9.51 43.77 -56.86
CA ASP A 936 10.46 42.82 -57.44
C ASP A 936 11.65 43.60 -57.96
N ILE A 937 12.42 44.13 -57.02
CA ILE A 937 13.49 45.08 -57.26
C ILE A 937 14.63 44.47 -58.09
N LYS A 938 15.28 45.30 -58.90
CA LYS A 938 16.47 44.86 -59.62
C LYS A 938 17.62 44.75 -58.65
N LEU A 939 18.48 43.76 -58.88
CA LEU A 939 19.67 43.54 -58.05
C LEU A 939 20.50 44.80 -57.82
N SER A 940 20.77 45.53 -58.90
CA SER A 940 21.60 46.73 -58.80
C SER A 940 20.97 47.78 -57.92
N ASP A 941 19.65 47.91 -58.01
CA ASP A 941 18.91 48.83 -57.17
C ASP A 941 18.89 48.41 -55.70
N LEU A 942 18.83 47.10 -55.46
CA LEU A 942 18.93 46.57 -54.10
C LEU A 942 20.29 46.86 -53.48
N ILE A 943 21.37 46.67 -54.22
CA ILE A 943 22.73 46.91 -53.69
C ILE A 943 22.94 48.39 -53.40
N GLU A 944 22.46 49.22 -54.30
CA GLU A 944 22.51 50.64 -54.09
C GLU A 944 21.70 51.14 -52.93
N HIS A 945 20.47 50.64 -52.78
CA HIS A 945 19.60 51.04 -51.68
C HIS A 945 20.35 50.80 -50.37
N PHE A 946 21.02 49.66 -50.27
CA PHE A 946 21.70 49.32 -49.03
C PHE A 946 22.88 50.22 -48.70
N GLU A 947 23.67 50.62 -49.71
CA GLU A 947 24.81 51.51 -49.42
C GLU A 947 24.28 52.93 -49.14
N LYS A 948 23.28 53.37 -49.89
CA LYS A 948 22.79 54.76 -49.84
C LYS A 948 21.99 55.02 -48.56
N ASP A 949 21.11 54.08 -48.21
CA ASP A 949 20.14 54.23 -47.14
C ASP A 949 20.53 53.50 -45.85
N GLU A 950 21.36 52.47 -45.89
CA GLU A 950 21.70 51.72 -44.66
C GLU A 950 23.14 51.75 -44.27
N GLY A 951 24.01 52.31 -45.10
CA GLY A 951 25.45 52.33 -44.85
C GLY A 951 26.11 50.99 -45.03
N LEU A 952 25.46 50.10 -45.78
CA LEU A 952 25.87 48.72 -45.89
C LEU A 952 26.28 48.35 -47.31
N GLU A 953 27.40 47.65 -47.41
CA GLU A 953 27.95 47.20 -48.69
C GLU A 953 27.68 45.70 -48.76
N ILE A 954 26.70 45.32 -49.57
CA ILE A 954 26.31 43.94 -49.63
C ILE A 954 27.47 43.13 -50.19
N THR A 955 27.70 41.99 -49.56
CA THR A 955 28.89 41.17 -49.73
C THR A 955 28.53 39.78 -50.26
N MET A 956 27.44 39.21 -49.76
CA MET A 956 26.75 38.05 -50.36
C MET A 956 25.23 38.28 -50.24
N LEU A 957 24.50 37.76 -51.20
CA LEU A 957 23.05 37.79 -51.16
C LEU A 957 22.60 36.42 -51.62
N SER A 958 21.69 35.78 -50.88
CA SER A 958 21.24 34.43 -51.21
C SER A 958 19.75 34.24 -50.96
N TYR A 959 19.20 33.26 -51.66
CA TYR A 959 17.80 32.87 -51.55
C TYR A 959 17.82 31.40 -51.25
N GLY A 960 17.49 31.05 -50.00
CA GLY A 960 17.67 29.70 -49.50
C GLY A 960 19.09 29.23 -49.76
N VAL A 961 19.18 28.15 -50.52
CA VAL A 961 20.44 27.42 -50.68
C VAL A 961 21.39 28.07 -51.73
N SER A 962 20.83 28.91 -52.61
CA SER A 962 21.52 29.31 -53.84
C SER A 962 21.94 30.79 -53.77
N LEU A 963 23.14 31.04 -54.30
CA LEU A 963 23.88 32.28 -54.16
C LEU A 963 23.58 33.15 -55.36
N LEU A 964 23.07 34.35 -55.09
CA LEU A 964 22.56 35.26 -56.11
C LEU A 964 23.56 36.31 -56.50
N TYR A 965 24.23 36.89 -55.51
CA TYR A 965 25.26 37.89 -55.76
C TYR A 965 26.35 37.73 -54.73
N ALA A 966 27.58 38.04 -55.14
CA ALA A 966 28.69 38.20 -54.20
C ALA A 966 29.60 39.26 -54.76
N SER A 967 30.26 39.99 -53.85
CA SER A 967 31.13 41.11 -54.22
C SER A 967 32.40 40.62 -54.92
N PHE A 968 32.80 39.38 -54.68
CA PHE A 968 33.92 38.80 -55.43
C PHE A 968 33.63 38.37 -56.89
N PHE A 969 32.36 38.47 -57.34
CA PHE A 969 32.02 38.08 -58.70
C PHE A 969 32.82 38.93 -59.68
N PRO A 970 33.36 38.35 -60.74
CA PRO A 970 33.97 39.14 -61.79
C PRO A 970 32.92 39.88 -62.65
N PRO A 971 33.36 40.88 -63.44
CA PRO A 971 32.47 41.69 -64.24
C PRO A 971 31.55 40.97 -65.23
N LYS A 972 32.03 39.91 -65.88
CA LYS A 972 31.17 39.12 -66.80
C LYS A 972 29.88 38.65 -66.09
N LYS A 973 30.05 38.13 -64.88
CA LYS A 973 28.98 37.56 -64.10
C LYS A 973 28.10 38.64 -63.52
N LEU A 974 28.69 39.76 -63.11
CA LEU A 974 27.91 40.91 -62.67
C LEU A 974 27.01 41.45 -63.76
N LYS A 975 27.53 41.57 -64.98
CA LYS A 975 26.71 42.03 -66.13
C LYS A 975 25.41 41.22 -66.33
N GLU A 976 25.48 39.88 -66.23
CA GLU A 976 24.31 38.98 -66.35
C GLU A 976 23.23 39.21 -65.28
N ARG A 977 23.65 39.65 -64.08
CA ARG A 977 22.80 39.66 -62.88
C ARG A 977 22.31 41.01 -62.40
N LEU A 978 23.17 42.03 -62.49
CA LEU A 978 22.87 43.36 -61.95
C LEU A 978 21.56 43.95 -62.44
N ASN A 979 21.16 43.69 -63.69
CA ASN A 979 19.97 44.33 -64.23
C ASN A 979 18.71 43.50 -64.09
N LEU A 980 18.81 42.35 -63.43
CA LEU A 980 17.67 41.45 -63.25
C LEU A 980 16.88 41.75 -61.99
N PRO A 981 15.53 41.72 -62.09
CA PRO A 981 14.67 41.59 -60.93
C PRO A 981 14.98 40.31 -60.14
N ILE A 982 14.73 40.36 -58.83
CA ILE A 982 15.10 39.27 -57.94
C ILE A 982 14.48 37.96 -58.40
N THR A 983 13.23 37.98 -58.87
CA THR A 983 12.62 36.73 -59.34
C THR A 983 13.34 36.12 -60.56
N GLN A 984 13.72 36.95 -61.53
CA GLN A 984 14.50 36.52 -62.69
C GLN A 984 15.92 36.11 -62.35
N LEU A 985 16.49 36.78 -61.35
CA LEU A 985 17.80 36.40 -60.80
C LEU A 985 17.79 34.98 -60.18
N VAL A 986 16.75 34.66 -59.41
CA VAL A 986 16.56 33.29 -58.89
C VAL A 986 16.38 32.28 -60.04
N LYS A 987 15.52 32.62 -60.99
CA LYS A 987 15.36 31.86 -62.25
C LYS A 987 16.71 31.56 -62.94
N LEU A 988 17.60 32.57 -63.02
CA LEU A 988 18.90 32.41 -63.69
C LEU A 988 19.77 31.36 -62.99
N VAL A 989 19.76 31.38 -61.67
CA VAL A 989 20.65 30.57 -60.87
C VAL A 989 20.04 29.20 -60.58
N THR A 990 18.84 29.16 -60.00
CA THR A 990 18.14 27.89 -59.68
C THR A 990 17.62 27.12 -60.91
N LYS A 991 17.33 27.84 -61.99
CA LYS A 991 16.65 27.25 -63.17
C LYS A 991 15.22 26.77 -62.83
N LYS A 992 14.63 27.38 -61.80
CA LYS A 992 13.24 27.18 -61.39
C LYS A 992 12.57 28.52 -61.64
N ASP A 993 11.31 28.51 -62.03
CA ASP A 993 10.45 29.68 -61.83
C ASP A 993 10.17 29.83 -60.33
N ILE A 994 9.94 31.05 -59.88
CA ILE A 994 9.26 31.26 -58.60
C ILE A 994 7.81 30.84 -58.86
N PRO A 995 7.21 30.04 -57.98
CA PRO A 995 5.79 29.74 -58.23
C PRO A 995 4.88 30.97 -58.16
N ALA A 996 3.72 30.85 -58.82
CA ALA A 996 2.69 31.92 -58.90
C ALA A 996 2.21 32.38 -57.50
N HIS A 997 1.82 31.41 -56.68
CA HIS A 997 1.32 31.67 -55.31
C HIS A 997 2.25 32.51 -54.38
N VAL A 998 3.57 32.47 -54.59
CA VAL A 998 4.55 33.12 -53.71
C VAL A 998 4.43 34.64 -53.82
N SER A 999 4.28 35.31 -52.68
CA SER A 999 4.19 36.78 -52.61
C SER A 999 5.27 37.48 -51.76
N THR A 1000 6.11 36.70 -51.07
CA THR A 1000 7.27 37.20 -50.33
C THR A 1000 8.49 36.31 -50.57
N MET A 1001 9.68 36.90 -50.50
CA MET A 1001 10.94 36.14 -50.58
C MET A 1001 11.90 36.66 -49.53
N ILE A 1002 12.40 35.76 -48.71
CA ILE A 1002 13.40 36.09 -47.72
C ILE A 1002 14.76 35.90 -48.37
N LEU A 1003 15.57 36.96 -48.36
CA LEU A 1003 16.97 36.89 -48.77
C LEU A 1003 17.87 37.10 -47.55
N GLU A 1004 18.87 36.24 -47.38
CA GLU A 1004 19.87 36.41 -46.32
C GLU A 1004 21.01 37.23 -46.95
N ILE A 1005 21.56 38.19 -46.21
CA ILE A 1005 22.75 38.89 -46.69
C ILE A 1005 23.90 38.92 -45.73
N CSO A 1006 25.07 39.12 -46.28
CA CSO A 1006 26.24 39.56 -45.54
CB CSO A 1006 27.36 38.61 -45.79
SG CSO A 1006 26.87 37.00 -45.30
C CSO A 1006 26.66 40.87 -46.06
O CSO A 1006 26.47 41.17 -47.24
OD CSO A 1006 28.43 36.25 -45.55
N ALA A 1007 27.27 41.67 -45.18
CA ALA A 1007 27.59 43.02 -45.53
C ALA A 1007 28.74 43.58 -44.75
N ASP A 1008 29.37 44.57 -45.33
CA ASP A 1008 30.39 45.36 -44.69
C ASP A 1008 29.75 46.71 -44.31
N ASP A 1009 30.14 47.23 -43.17
CA ASP A 1009 29.66 48.51 -42.69
C ASP A 1009 30.58 49.60 -43.25
N LYS A 1010 30.33 50.85 -42.90
CA LYS A 1010 31.13 51.97 -43.35
C LYS A 1010 32.64 51.93 -43.10
N GLU A 1011 33.10 51.16 -42.12
CA GLU A 1011 34.56 50.98 -41.93
C GLU A 1011 35.17 49.92 -42.83
N GLY A 1012 34.34 49.17 -43.58
CA GLY A 1012 34.78 47.99 -44.34
C GLY A 1012 34.88 46.70 -43.55
N GLU A 1013 34.16 46.60 -42.43
CA GLU A 1013 34.18 45.42 -41.56
C GLU A 1013 32.88 44.63 -41.71
N ASP A 1014 32.97 43.31 -41.75
CA ASP A 1014 31.77 42.49 -41.85
C ASP A 1014 30.97 42.71 -40.57
N VAL A 1015 29.66 42.89 -40.72
CA VAL A 1015 28.76 43.02 -39.60
C VAL A 1015 27.54 42.14 -39.80
N GLU A 1016 27.00 41.65 -38.69
CA GLU A 1016 25.76 40.90 -38.67
C GLU A 1016 24.64 41.91 -38.88
N VAL A 1017 23.67 41.56 -39.73
CA VAL A 1017 22.55 42.45 -40.07
C VAL A 1017 21.23 41.69 -40.22
N PRO A 1018 20.08 42.37 -40.16
CA PRO A 1018 18.80 41.71 -40.42
C PRO A 1018 18.68 41.07 -41.79
N PHE A 1019 17.66 40.23 -41.94
CA PHE A 1019 17.33 39.58 -43.21
C PHE A 1019 16.47 40.53 -44.04
N ILE A 1020 16.24 40.16 -45.29
CA ILE A 1020 15.47 40.95 -46.26
C ILE A 1020 14.19 40.23 -46.61
N THR A 1021 13.05 40.91 -46.58
CA THR A 1021 11.81 40.40 -47.17
C THR A 1021 11.50 41.21 -48.46
N ILE A 1022 11.40 40.51 -49.59
CA ILE A 1022 10.99 41.10 -50.86
C ILE A 1022 9.50 40.92 -50.95
N HIS A 1023 8.75 42.00 -51.07
CA HIS A 1023 7.31 41.92 -51.29
C HIS A 1023 6.98 42.03 -52.80
N LEU A 1024 6.61 40.90 -53.40
CA LEU A 1024 6.22 40.88 -54.78
C LEU A 1024 4.84 41.54 -54.96
N MET B 1 29.95 29.49 -0.21
CA MET B 1 28.53 29.40 0.31
C MET B 1 27.79 28.30 -0.46
N GLN B 2 26.64 27.94 0.07
CA GLN B 2 25.80 26.91 -0.47
C GLN B 2 24.49 27.45 -1.03
N ILE B 3 24.20 27.07 -2.28
CA ILE B 3 22.86 27.24 -2.87
C ILE B 3 22.28 25.87 -3.22
N PHE B 4 20.98 25.83 -3.42
CA PHE B 4 20.28 24.62 -3.86
C PHE B 4 19.67 24.79 -5.24
N VAL B 5 19.61 23.70 -6.01
CA VAL B 5 18.91 23.69 -7.28
C VAL B 5 17.86 22.58 -7.23
N LYS B 6 16.59 22.96 -7.31
CA LYS B 6 15.49 22.03 -7.35
C LYS B 6 15.10 21.78 -8.80
N THR B 7 15.00 20.52 -9.22
CA THR B 7 14.51 20.20 -10.56
C THR B 7 12.99 20.03 -10.58
N LEU B 8 12.43 20.11 -11.76
CA LEU B 8 10.99 19.86 -11.97
C LEU B 8 10.48 18.46 -11.59
N THR B 9 11.40 17.51 -11.40
CA THR B 9 11.07 16.18 -10.88
C THR B 9 11.26 16.06 -9.38
N GLY B 10 11.44 17.19 -8.69
CA GLY B 10 11.61 17.23 -7.22
C GLY B 10 13.02 17.06 -6.68
N LYS B 11 14.00 16.80 -7.55
CA LYS B 11 15.36 16.50 -7.08
C LYS B 11 16.02 17.75 -6.54
N THR B 12 16.78 17.62 -5.46
CA THR B 12 17.51 18.75 -4.90
C THR B 12 18.98 18.48 -5.07
N ILE B 13 19.65 19.34 -5.83
CA ILE B 13 21.10 19.34 -6.03
C ILE B 13 21.65 20.46 -5.13
N THR B 14 22.78 20.22 -4.46
CA THR B 14 23.47 21.23 -3.66
C THR B 14 24.75 21.64 -4.38
N LEU B 15 25.06 22.94 -4.38
CA LEU B 15 26.27 23.47 -5.05
C LEU B 15 27.10 24.31 -4.10
N GLU B 16 28.43 24.25 -4.26
CA GLU B 16 29.39 25.13 -3.57
C GLU B 16 29.72 26.29 -4.54
N VAL B 17 29.37 27.51 -4.15
CA VAL B 17 29.58 28.71 -5.01
C VAL B 17 29.96 29.96 -4.21
N GLU B 18 30.49 30.96 -4.94
CA GLU B 18 30.76 32.31 -4.42
C GLU B 18 29.85 33.32 -5.15
N SER B 19 29.48 34.42 -4.47
CA SER B 19 28.57 35.45 -5.04
C SER B 19 28.98 36.00 -6.40
N SER B 20 30.28 36.14 -6.61
CA SER B 20 30.84 36.62 -7.86
C SER B 20 30.84 35.60 -9.02
N ASP B 21 30.45 34.34 -8.79
CA ASP B 21 30.42 33.32 -9.86
C ASP B 21 29.44 33.69 -10.98
N THR B 22 29.85 33.44 -12.21
CA THR B 22 29.01 33.63 -13.38
C THR B 22 27.92 32.55 -13.41
N ILE B 23 26.80 32.86 -14.07
CA ILE B 23 25.73 31.88 -14.26
C ILE B 23 26.29 30.72 -15.10
N ASP B 24 27.07 31.07 -16.13
CA ASP B 24 27.91 30.13 -16.91
C ASP B 24 28.57 29.08 -16.04
N ASN B 25 29.10 29.54 -14.91
CA ASN B 25 29.76 28.69 -13.90
C ASN B 25 28.86 27.79 -13.11
N VAL B 26 27.72 28.33 -12.70
CA VAL B 26 26.74 27.55 -11.97
C VAL B 26 26.25 26.44 -12.91
N LYS B 27 26.05 26.77 -14.17
CA LYS B 27 25.63 25.76 -15.17
C LYS B 27 26.69 24.71 -15.39
N SER B 28 27.93 25.14 -15.41
CA SER B 28 29.05 24.24 -15.44
C SER B 28 28.97 23.24 -14.28
N LYS B 29 28.73 23.72 -13.06
CA LYS B 29 28.65 22.85 -11.90
C LYS B 29 27.45 21.91 -11.96
N ILE B 30 26.33 22.42 -12.45
CA ILE B 30 25.15 21.61 -12.67
C ILE B 30 25.41 20.56 -13.72
N GLN B 31 26.17 20.87 -14.77
CA GLN B 31 26.57 19.83 -15.74
C GLN B 31 27.38 18.72 -15.10
N ASP B 32 28.35 19.07 -14.26
CA ASP B 32 29.16 18.07 -13.54
C ASP B 32 28.30 17.10 -12.74
N LYS B 33 27.24 17.59 -12.11
CA LYS B 33 26.36 16.77 -11.28
C LYS B 33 25.30 16.00 -12.07
N GLU B 34 24.56 16.70 -12.91
CA GLU B 34 23.44 16.09 -13.65
C GLU B 34 23.74 15.57 -15.07
N GLY B 35 24.79 16.06 -15.69
CA GLY B 35 25.10 15.76 -17.10
C GLY B 35 24.30 16.57 -18.12
N ILE B 36 23.64 17.65 -17.71
CA ILE B 36 22.85 18.50 -18.61
C ILE B 36 23.76 19.59 -19.21
N PRO B 37 23.87 19.63 -20.54
CA PRO B 37 24.65 20.69 -21.20
C PRO B 37 24.16 22.08 -20.81
N PRO B 38 25.08 23.03 -20.54
CA PRO B 38 24.60 24.37 -20.10
C PRO B 38 23.55 25.01 -21.03
N ASP B 39 23.71 24.83 -22.34
CA ASP B 39 22.73 25.38 -23.24
C ASP B 39 21.31 24.82 -23.10
N GLN B 40 21.12 23.61 -22.53
CA GLN B 40 19.77 23.06 -22.29
C GLN B 40 19.19 23.37 -20.92
N GLN B 41 19.90 24.14 -20.12
CA GLN B 41 19.47 24.42 -18.75
C GLN B 41 18.68 25.68 -18.73
N ARG B 42 17.52 25.65 -18.11
CA ARG B 42 16.75 26.83 -17.83
C ARG B 42 16.74 26.99 -16.31
N LEU B 43 17.48 27.96 -15.78
CA LEU B 43 17.43 28.29 -14.37
C LEU B 43 16.53 29.51 -14.11
N ILE B 44 15.72 29.44 -13.05
CA ILE B 44 14.88 30.55 -12.62
C ILE B 44 15.00 30.81 -11.11
N PHE B 45 15.01 32.09 -10.72
CA PHE B 45 15.12 32.49 -9.33
C PHE B 45 14.39 33.79 -9.16
N ALA B 46 13.53 33.83 -8.16
CA ALA B 46 12.78 35.04 -7.81
C ALA B 46 12.20 35.80 -9.01
N GLY B 47 11.50 35.08 -9.88
CA GLY B 47 10.83 35.68 -11.00
C GLY B 47 11.70 36.03 -12.21
N LYS B 48 13.01 35.75 -12.18
CA LYS B 48 13.89 35.96 -13.35
C LYS B 48 14.47 34.65 -13.85
N GLN B 49 14.66 34.56 -15.17
CA GLN B 49 15.46 33.49 -15.76
C GLN B 49 16.90 33.92 -15.79
N LEU B 50 17.80 33.05 -15.33
CA LEU B 50 19.21 33.43 -15.15
C LEU B 50 20.00 33.34 -16.45
N GLU B 51 20.59 34.46 -16.88
CA GLU B 51 21.26 34.54 -18.19
C GLU B 51 22.74 34.36 -18.14
N ASP B 52 23.29 33.77 -19.19
CA ASP B 52 24.71 33.46 -19.28
C ASP B 52 25.44 34.81 -19.23
N GLY B 53 26.58 34.88 -18.56
CA GLY B 53 27.39 36.10 -18.52
C GLY B 53 27.05 37.09 -17.43
N ARG B 54 25.91 36.93 -16.75
CA ARG B 54 25.61 37.70 -15.54
C ARG B 54 26.10 36.89 -14.30
N THR B 55 26.07 37.47 -13.11
CA THR B 55 26.60 36.82 -11.88
C THR B 55 25.48 36.46 -10.91
N LEU B 56 25.79 35.63 -9.92
CA LEU B 56 24.81 35.29 -8.87
C LEU B 56 24.41 36.56 -8.08
N SER B 57 25.41 37.39 -7.79
CA SER B 57 25.21 38.70 -7.17
C SER B 57 24.21 39.58 -7.93
N ASP B 58 24.28 39.59 -9.26
CA ASP B 58 23.33 40.37 -10.09
C ASP B 58 21.86 40.02 -9.85
N TYR B 59 21.56 38.75 -9.57
CA TYR B 59 20.19 38.30 -9.26
C TYR B 59 19.84 38.26 -7.75
N ASN B 60 20.72 38.79 -6.89
CA ASN B 60 20.56 38.80 -5.43
C ASN B 60 20.41 37.41 -4.80
N ILE B 61 21.25 36.48 -5.25
CA ILE B 61 21.21 35.10 -4.78
C ILE B 61 22.09 34.98 -3.55
N GLN B 62 21.47 34.70 -2.39
CA GLN B 62 22.14 34.65 -1.10
C GLN B 62 22.51 33.18 -0.82
N LYS B 63 23.10 32.92 0.36
CA LYS B 63 23.27 31.54 0.86
C LYS B 63 21.91 30.91 1.16
N GLU B 64 21.83 29.59 1.00
CA GLU B 64 20.58 28.84 1.13
C GLU B 64 19.50 29.17 0.09
N SER B 65 19.79 30.02 -0.89
CA SER B 65 18.80 30.33 -1.93
C SER B 65 18.55 29.09 -2.76
N THR B 66 17.34 28.95 -3.26
CA THR B 66 16.96 27.81 -4.10
C THR B 66 16.67 28.29 -5.51
N LEU B 67 17.40 27.74 -6.48
CA LEU B 67 17.13 27.98 -7.91
C LEU B 67 16.26 26.84 -8.41
N HIS B 68 15.50 27.07 -9.48
CA HIS B 68 14.74 25.98 -10.08
C HIS B 68 15.23 25.69 -11.48
N LEU B 69 15.53 24.44 -11.76
CA LEU B 69 15.87 23.97 -13.08
C LEU B 69 14.59 23.45 -13.75
N VAL B 70 14.09 24.18 -14.73
CA VAL B 70 12.78 23.91 -15.34
C VAL B 70 12.86 23.53 -16.84
N LEU B 71 11.72 23.09 -17.39
CA LEU B 71 11.64 22.50 -18.72
C LEU B 71 10.42 23.02 -19.49
N ARG B 72 10.45 22.85 -20.81
CA ARG B 72 9.27 22.99 -21.63
C ARG B 72 8.81 21.63 -22.08
N LEU B 73 7.52 21.48 -22.23
CA LEU B 73 6.91 20.19 -22.45
C LEU B 73 6.17 20.23 -23.77
N ARG B 74 6.11 19.11 -24.48
CA ARG B 74 5.61 19.08 -25.85
C ARG B 74 4.17 18.54 -25.97
N GLY B 75 3.53 18.16 -24.86
CA GLY B 75 2.17 17.58 -24.91
C GLY B 75 1.13 18.66 -25.00
N GLY B 76 -0.02 18.34 -25.55
CA GLY B 76 -1.10 19.33 -25.60
C GLY B 76 -2.37 18.83 -26.28
N ALA C 11 -18.64 -2.76 -3.24
CA ALA C 11 -18.56 -1.27 -3.43
C ALA C 11 -17.14 -0.65 -3.15
N GLY C 12 -16.31 -1.29 -2.32
CA GLY C 12 -15.11 -0.67 -1.71
C GLY C 12 -15.24 -0.46 -0.20
N GLU C 13 -16.19 -1.20 0.41
CA GLU C 13 -16.49 -1.20 1.87
C GLU C 13 -16.62 -2.66 2.34
N ILE C 14 -16.45 -2.91 3.64
CA ILE C 14 -16.41 -4.27 4.18
C ILE C 14 -17.42 -4.44 5.31
N ASP C 15 -18.14 -5.54 5.26
CA ASP C 15 -19.15 -5.86 6.26
C ASP C 15 -18.44 -6.24 7.57
N GLU C 16 -18.33 -5.25 8.47
CA GLU C 16 -17.67 -5.41 9.79
C GLU C 16 -18.39 -6.44 10.65
N SER C 17 -19.71 -6.56 10.51
CA SER C 17 -20.48 -7.47 11.35
C SER C 17 -20.27 -8.92 11.00
N LEU C 18 -19.82 -9.21 9.79
CA LEU C 18 -19.51 -10.59 9.42
C LEU C 18 -18.03 -10.85 9.57
N TYR C 19 -17.23 -9.90 9.13
CA TYR C 19 -15.78 -10.13 8.99
C TYR C 19 -14.99 -9.68 10.22
N SER C 20 -15.67 -9.12 11.21
CA SER C 20 -15.05 -8.54 12.43
C SER C 20 -13.69 -9.11 12.87
N ARG C 21 -13.68 -10.40 13.15
CA ARG C 21 -12.53 -11.05 13.71
C ARG C 21 -11.49 -11.30 12.66
N GLN C 22 -11.89 -11.60 11.43
CA GLN C 22 -10.92 -11.77 10.33
C GLN C 22 -10.27 -10.44 10.01
N LEU C 23 -11.08 -9.41 10.08
CA LEU C 23 -10.64 -8.07 9.80
C LEU C 23 -9.49 -7.64 10.68
N TYR C 24 -9.49 -8.07 11.95
CA TYR C 24 -8.37 -7.80 12.86
C TYR C 24 -7.12 -8.64 12.55
N VAL C 25 -7.21 -9.67 11.71
CA VAL C 25 -6.04 -10.43 11.27
C VAL C 25 -5.44 -9.82 10.03
N LEU C 26 -6.27 -9.67 8.99
CA LEU C 26 -5.82 -9.27 7.63
C LEU C 26 -5.74 -7.77 7.40
N GLY C 27 -6.63 -7.01 8.00
CA GLY C 27 -6.69 -5.57 7.77
C GLY C 27 -7.60 -5.26 6.60
N LYS C 28 -8.01 -4.02 6.53
CA LYS C 28 -8.96 -3.56 5.55
C LYS C 28 -8.38 -3.55 4.13
N GLU C 29 -7.16 -3.05 3.96
CA GLU C 29 -6.54 -3.01 2.62
C GLU C 29 -6.40 -4.41 2.04
N ALA C 30 -5.89 -5.34 2.80
CA ALA C 30 -5.78 -6.72 2.31
C ALA C 30 -7.14 -7.29 1.84
N MET C 31 -8.21 -6.99 2.57
CA MET C 31 -9.49 -7.56 2.24
C MET C 31 -10.14 -6.91 1.05
N LEU C 32 -9.84 -5.65 0.82
CA LEU C 32 -10.30 -4.93 -0.37
C LEU C 32 -9.62 -5.47 -1.61
N LYS C 33 -8.35 -5.86 -1.52
CA LYS C 33 -7.69 -6.56 -2.63
C LYS C 33 -8.25 -7.95 -2.85
N MET C 34 -8.46 -8.70 -1.78
CA MET C 34 -9.15 -9.99 -1.89
C MET C 34 -10.51 -9.87 -2.58
N GLN C 35 -11.24 -8.81 -2.30
CA GLN C 35 -12.56 -8.58 -2.90
C GLN C 35 -12.56 -8.19 -4.36
N THR C 36 -11.36 -8.01 -4.92
CA THR C 36 -11.14 -7.82 -6.35
C THR C 36 -10.42 -8.98 -7.01
N SER C 37 -10.27 -10.13 -6.36
CA SER C 37 -9.55 -11.28 -6.95
C SER C 37 -10.47 -12.42 -7.26
N ASN C 38 -10.36 -12.96 -8.47
CA ASN C 38 -11.04 -14.18 -8.84
C ASN C 38 -10.07 -15.34 -8.70
N VAL C 39 -10.52 -16.39 -8.01
CA VAL C 39 -9.75 -17.58 -7.70
C VAL C 39 -10.39 -18.78 -8.42
N LEU C 40 -9.52 -19.66 -8.91
CA LEU C 40 -9.92 -20.84 -9.63
C LEU C 40 -9.28 -22.01 -8.96
N ILE C 41 -10.09 -23.03 -8.61
CA ILE C 41 -9.59 -24.24 -8.00
C ILE C 41 -9.85 -25.44 -8.89
N LEU C 42 -8.78 -26.16 -9.19
CA LEU C 42 -8.79 -27.33 -10.05
C LEU C 42 -8.73 -28.56 -9.13
N GLY C 43 -9.81 -29.33 -9.16
CA GLY C 43 -9.94 -30.53 -8.36
C GLY C 43 -10.66 -30.23 -7.07
N LEU C 44 -11.71 -30.99 -6.83
CA LEU C 44 -12.61 -30.77 -5.72
C LEU C 44 -12.91 -32.10 -4.97
N LYS C 45 -11.84 -32.89 -4.80
CA LYS C 45 -11.73 -33.85 -3.74
C LYS C 45 -11.48 -33.10 -2.41
N GLY C 46 -11.19 -33.86 -1.35
CA GLY C 46 -10.92 -33.26 -0.04
C GLY C 46 -10.08 -32.01 -0.02
N LEU C 47 -8.87 -32.11 -0.56
CA LEU C 47 -7.97 -30.96 -0.56
C LEU C 47 -8.60 -29.72 -1.20
N GLY C 48 -9.22 -29.89 -2.37
CA GLY C 48 -9.81 -28.78 -3.10
C GLY C 48 -10.98 -28.13 -2.41
N VAL C 49 -11.85 -28.94 -1.82
CA VAL C 49 -13.03 -28.39 -1.15
C VAL C 49 -12.62 -27.73 0.12
N GLU C 50 -11.59 -28.25 0.77
CA GLU C 50 -11.11 -27.64 2.00
C GLU C 50 -10.46 -26.30 1.70
N ILE C 51 -9.60 -26.25 0.70
CA ILE C 51 -9.06 -24.96 0.28
C ILE C 51 -10.18 -24.00 -0.12
N ALA C 52 -11.12 -24.47 -0.94
CA ALA C 52 -12.19 -23.62 -1.39
C ALA C 52 -13.01 -23.04 -0.25
N LYS C 53 -13.39 -23.89 0.70
CA LYS C 53 -14.16 -23.48 1.88
C LYS C 53 -13.52 -22.33 2.62
N ASN C 54 -12.23 -22.49 2.90
CA ASN C 54 -11.48 -21.43 3.59
C ASN C 54 -11.40 -20.13 2.78
N VAL C 55 -11.20 -20.26 1.47
CA VAL C 55 -11.06 -19.09 0.64
C VAL C 55 -12.40 -18.39 0.53
N VAL C 56 -13.47 -19.15 0.39
CA VAL C 56 -14.79 -18.54 0.23
C VAL C 56 -15.20 -17.82 1.51
N LEU C 57 -14.92 -18.45 2.66
CA LEU C 57 -15.21 -17.84 3.96
C LEU C 57 -14.51 -16.49 4.10
N ALA C 58 -13.23 -16.43 3.70
CA ALA C 58 -12.44 -15.19 3.77
C ALA C 58 -12.93 -14.07 2.88
N GLY C 59 -13.58 -14.44 1.78
CA GLY C 59 -14.25 -13.47 0.98
C GLY C 59 -13.29 -12.94 -0.07
N VAL C 60 -13.27 -13.64 -1.19
CA VAL C 60 -12.68 -13.16 -2.42
C VAL C 60 -13.80 -12.74 -3.38
N LYS C 61 -13.44 -12.18 -4.52
CA LYS C 61 -14.43 -11.68 -5.44
C LYS C 61 -15.28 -12.78 -6.06
N SER C 62 -14.63 -13.84 -6.52
CA SER C 62 -15.36 -15.00 -6.98
C SER C 62 -14.53 -16.24 -6.72
N MET C 63 -15.20 -17.38 -6.59
CA MET C 63 -14.56 -18.69 -6.53
C MET C 63 -15.09 -19.49 -7.73
N THR C 64 -14.16 -20.05 -8.51
CA THR C 64 -14.54 -20.92 -9.59
C THR C 64 -13.90 -22.29 -9.35
N VAL C 65 -14.71 -23.34 -9.48
CA VAL C 65 -14.28 -24.72 -9.23
C VAL C 65 -14.37 -25.51 -10.50
N PHE C 66 -13.36 -26.32 -10.76
CA PHE C 66 -13.31 -27.18 -11.93
C PHE C 66 -13.07 -28.60 -11.47
N ASP C 67 -14.09 -29.44 -11.56
CA ASP C 67 -13.89 -30.86 -11.42
C ASP C 67 -15.01 -31.61 -12.13
N PRO C 68 -14.77 -32.00 -13.38
CA PRO C 68 -15.77 -32.74 -14.16
C PRO C 68 -15.85 -34.25 -13.87
N GLU C 69 -15.00 -34.77 -12.97
CA GLU C 69 -15.02 -36.21 -12.62
C GLU C 69 -16.26 -36.68 -11.88
N PRO C 70 -16.67 -37.91 -12.12
CA PRO C 70 -17.78 -38.42 -11.35
C PRO C 70 -17.41 -38.74 -9.90
N VAL C 71 -18.30 -38.36 -9.00
CA VAL C 71 -18.23 -38.68 -7.58
C VAL C 71 -18.28 -40.18 -7.42
N GLN C 72 -17.30 -40.68 -6.68
CA GLN C 72 -17.24 -42.07 -6.20
C GLN C 72 -17.24 -42.14 -4.68
N LEU C 73 -17.79 -43.22 -4.16
CA LEU C 73 -17.88 -43.44 -2.71
C LEU C 73 -16.58 -43.09 -1.99
N ALA C 74 -15.42 -43.50 -2.52
CA ALA C 74 -14.13 -43.26 -1.86
C ALA C 74 -13.78 -41.78 -1.71
N ASP C 75 -14.32 -40.94 -2.58
CA ASP C 75 -14.13 -39.49 -2.47
C ASP C 75 -14.67 -38.92 -1.17
N LEU C 76 -15.66 -39.59 -0.57
CA LEU C 76 -16.21 -39.13 0.70
C LEU C 76 -15.24 -39.22 1.88
N SER C 77 -14.09 -39.86 1.72
CA SER C 77 -13.07 -39.91 2.78
C SER C 77 -12.80 -38.57 3.40
N THR C 78 -12.53 -37.56 2.59
CA THR C 78 -12.29 -36.19 3.12
C THR C 78 -13.13 -35.07 2.50
N GLN C 79 -13.99 -35.38 1.54
CA GLN C 79 -14.79 -34.38 0.86
C GLN C 79 -16.14 -34.29 1.59
N PHE C 80 -16.15 -33.42 2.59
CA PHE C 80 -17.28 -33.30 3.50
C PHE C 80 -18.57 -32.79 2.85
N PHE C 81 -18.47 -32.12 1.71
CA PHE C 81 -19.65 -31.73 0.95
C PHE C 81 -20.20 -32.77 -0.04
N LEU C 82 -19.61 -33.96 -0.15
CA LEU C 82 -20.20 -35.02 -0.99
C LEU C 82 -21.11 -35.92 -0.12
N THR C 83 -22.09 -36.57 -0.76
CA THR C 83 -22.93 -37.57 -0.11
C THR C 83 -23.08 -38.78 -1.01
N GLU C 84 -23.54 -39.90 -0.48
CA GLU C 84 -23.70 -41.10 -1.30
C GLU C 84 -24.67 -40.86 -2.44
N LYS C 85 -25.66 -40.00 -2.24
CA LYS C 85 -26.59 -39.56 -3.31
C LYS C 85 -25.91 -39.00 -4.55
N ASP C 86 -24.80 -38.32 -4.32
CA ASP C 86 -24.11 -37.61 -5.38
C ASP C 86 -23.29 -38.54 -6.28
N ILE C 87 -23.20 -39.83 -5.95
CA ILE C 87 -22.37 -40.77 -6.71
C ILE C 87 -22.78 -40.77 -8.18
N GLY C 88 -21.79 -40.69 -9.08
CA GLY C 88 -22.07 -40.66 -10.50
C GLY C 88 -22.09 -39.25 -11.08
N GLN C 89 -22.56 -38.29 -10.33
CA GLN C 89 -22.57 -36.91 -10.78
C GLN C 89 -21.20 -36.26 -10.61
N LYS C 90 -21.02 -35.08 -11.20
CA LYS C 90 -19.71 -34.43 -11.23
C LYS C 90 -19.39 -33.67 -9.96
N ARG C 91 -18.18 -33.83 -9.45
CA ARG C 91 -17.82 -33.27 -8.15
C ARG C 91 -18.03 -31.76 -8.11
N GLY C 92 -17.54 -31.07 -9.13
CA GLY C 92 -17.73 -29.62 -9.29
C GLY C 92 -19.18 -29.18 -9.17
N ASP C 93 -20.06 -29.74 -10.00
CA ASP C 93 -21.50 -29.36 -9.99
C ASP C 93 -22.11 -29.53 -8.59
N VAL C 94 -21.86 -30.68 -8.01
CA VAL C 94 -22.47 -31.10 -6.75
C VAL C 94 -21.97 -30.32 -5.53
N THR C 95 -20.72 -29.89 -5.56
CA THR C 95 -20.13 -29.09 -4.48
C THR C 95 -20.51 -27.57 -4.52
N ARG C 96 -20.65 -27.02 -5.73
CA ARG C 96 -20.86 -25.58 -5.97
C ARG C 96 -21.85 -24.92 -5.05
N ALA C 97 -23.04 -25.50 -4.99
CA ALA C 97 -24.13 -24.96 -4.20
C ALA C 97 -23.81 -24.94 -2.71
N LYS C 98 -23.07 -25.94 -2.22
CA LYS C 98 -22.70 -26.00 -0.81
C LYS C 98 -21.63 -24.99 -0.43
N LEU C 99 -20.66 -24.76 -1.30
CA LEU C 99 -19.73 -23.67 -1.06
C LEU C 99 -20.41 -22.29 -1.05
N ALA C 100 -21.36 -22.08 -1.96
CA ALA C 100 -22.08 -20.81 -2.06
C ALA C 100 -22.78 -20.41 -0.78
N GLU C 101 -23.28 -21.40 -0.07
CA GLU C 101 -23.99 -21.23 1.18
C GLU C 101 -23.06 -20.71 2.28
N LEU C 102 -21.74 -20.95 2.15
CA LEU C 102 -20.76 -20.48 3.15
C LEU C 102 -20.61 -18.99 3.25
N ASN C 103 -20.81 -18.27 2.15
CA ASN C 103 -20.61 -16.81 2.16
C ASN C 103 -21.37 -16.17 0.99
N ALA C 104 -22.51 -15.56 1.29
CA ALA C 104 -23.37 -15.00 0.26
C ALA C 104 -22.71 -13.88 -0.54
N TYR C 105 -21.67 -13.26 -0.01
CA TYR C 105 -20.94 -12.24 -0.78
C TYR C 105 -20.02 -12.81 -1.87
N VAL C 106 -19.82 -14.13 -1.97
CA VAL C 106 -18.87 -14.72 -2.89
C VAL C 106 -19.60 -15.60 -3.85
N PRO C 107 -19.72 -15.18 -5.12
CA PRO C 107 -20.27 -16.10 -6.11
C PRO C 107 -19.35 -17.30 -6.31
N VAL C 108 -19.96 -18.49 -6.43
CA VAL C 108 -19.22 -19.71 -6.68
C VAL C 108 -19.69 -20.26 -8.02
N ASN C 109 -18.78 -20.35 -8.96
CA ASN C 109 -19.05 -20.81 -10.31
C ASN C 109 -18.38 -22.14 -10.61
N VAL C 110 -18.89 -22.82 -11.65
CA VAL C 110 -18.30 -24.03 -12.16
C VAL C 110 -17.76 -23.77 -13.56
N LEU C 111 -16.52 -24.17 -13.76
CA LEU C 111 -15.91 -24.23 -15.09
C LEU C 111 -16.23 -25.61 -15.62
N ASP C 112 -16.81 -25.69 -16.82
CA ASP C 112 -17.23 -26.96 -17.35
C ASP C 112 -16.09 -27.71 -17.96
N SER C 113 -15.16 -26.93 -18.49
CA SER C 113 -14.13 -27.48 -19.35
C SER C 113 -12.89 -26.63 -19.29
N LEU C 114 -11.73 -27.27 -19.32
CA LEU C 114 -10.45 -26.56 -19.39
C LEU C 114 -9.63 -27.01 -20.59
N ASP C 115 -10.31 -27.24 -21.71
CA ASP C 115 -9.63 -27.57 -22.97
C ASP C 115 -8.78 -26.40 -23.45
N ASP C 116 -9.26 -25.19 -23.17
CA ASP C 116 -8.63 -23.97 -23.57
C ASP C 116 -7.90 -23.34 -22.38
N VAL C 117 -6.56 -23.43 -22.32
CA VAL C 117 -5.79 -22.80 -21.19
C VAL C 117 -5.96 -21.30 -21.12
N THR C 118 -6.26 -20.70 -22.26
CA THR C 118 -6.61 -19.29 -22.33
C THR C 118 -7.66 -18.83 -21.36
N GLN C 119 -8.60 -19.70 -21.01
CA GLN C 119 -9.61 -19.38 -20.00
C GLN C 119 -9.04 -18.97 -18.66
N LEU C 120 -7.84 -19.44 -18.32
CA LEU C 120 -7.15 -19.02 -17.13
C LEU C 120 -6.98 -17.52 -16.94
N SER C 121 -6.89 -16.76 -18.02
CA SER C 121 -6.68 -15.31 -17.96
C SER C 121 -7.66 -14.52 -17.16
N GLN C 122 -8.88 -15.01 -17.04
CA GLN C 122 -9.89 -14.32 -16.21
C GLN C 122 -9.66 -14.47 -14.69
N PHE C 123 -8.74 -15.33 -14.25
CA PHE C 123 -8.46 -15.52 -12.82
C PHE C 123 -7.13 -14.84 -12.41
N GLN C 124 -7.02 -14.39 -11.13
CA GLN C 124 -5.80 -13.81 -10.58
C GLN C 124 -4.99 -14.86 -9.83
N VAL C 125 -5.65 -15.85 -9.24
CA VAL C 125 -4.94 -16.93 -8.61
C VAL C 125 -5.56 -18.23 -9.07
N VAL C 126 -4.73 -19.18 -9.50
CA VAL C 126 -5.13 -20.49 -9.95
C VAL C 126 -4.49 -21.47 -9.02
N VAL C 127 -5.29 -22.42 -8.50
CA VAL C 127 -4.80 -23.45 -7.60
C VAL C 127 -5.03 -24.86 -8.17
N ALA C 128 -3.95 -25.66 -8.24
CA ALA C 128 -4.00 -27.00 -8.80
C ALA C 128 -3.79 -28.09 -7.72
N THR C 129 -4.84 -28.86 -7.43
CA THR C 129 -4.81 -29.88 -6.41
C THR C 129 -4.34 -31.23 -6.95
N ASP C 130 -4.55 -32.29 -6.16
CA ASP C 130 -4.13 -33.67 -6.46
C ASP C 130 -4.75 -34.29 -7.72
N THR C 131 -5.83 -33.70 -8.24
CA THR C 131 -6.48 -34.19 -9.47
C THR C 131 -5.79 -33.82 -10.78
N VAL C 132 -4.78 -32.96 -10.74
CA VAL C 132 -4.11 -32.46 -11.93
C VAL C 132 -2.74 -33.10 -12.05
N SER C 133 -2.50 -33.72 -13.21
CA SER C 133 -1.25 -34.40 -13.50
C SER C 133 -0.07 -33.42 -13.49
N LEU C 134 1.14 -33.93 -13.31
CA LEU C 134 2.30 -33.06 -13.32
C LEU C 134 2.49 -32.43 -14.71
N GLU C 135 2.24 -33.18 -15.77
CA GLU C 135 2.33 -32.63 -17.11
C GLU C 135 1.48 -31.35 -17.24
N ASP C 136 0.23 -31.42 -16.77
CA ASP C 136 -0.73 -30.31 -16.83
C ASP C 136 -0.43 -29.21 -15.82
N LYS C 137 0.02 -29.56 -14.62
CA LYS C 137 0.54 -28.59 -13.67
C LYS C 137 1.68 -27.78 -14.30
N VAL C 138 2.58 -28.40 -15.03
CA VAL C 138 3.66 -27.65 -15.69
C VAL C 138 3.15 -26.78 -16.83
N LYS C 139 2.21 -27.28 -17.63
CA LYS C 139 1.61 -26.44 -18.70
C LYS C 139 0.85 -25.24 -18.12
N ILE C 140 0.01 -25.51 -17.13
CA ILE C 140 -0.78 -24.49 -16.50
C ILE C 140 0.11 -23.50 -15.79
N ASN C 141 1.13 -23.98 -15.11
CA ASN C 141 2.03 -23.07 -14.40
C ASN C 141 2.75 -22.16 -15.38
N GLU C 142 3.25 -22.73 -16.46
CA GLU C 142 3.95 -21.94 -17.47
C GLU C 142 3.03 -20.86 -18.07
N PHE C 143 1.76 -21.22 -18.36
CA PHE C 143 0.81 -20.21 -18.79
C PHE C 143 0.58 -19.14 -17.75
N CYS C 144 0.36 -19.54 -16.50
CA CYS C 144 0.15 -18.58 -15.44
C CYS C 144 1.38 -17.67 -15.21
N HIS C 145 2.54 -18.28 -15.06
CA HIS C 145 3.77 -17.53 -14.81
C HIS C 145 4.04 -16.47 -15.88
N SER C 146 3.99 -16.84 -17.14
CA SER C 146 4.23 -15.92 -18.24
C SER C 146 3.12 -14.92 -18.51
N SER C 147 1.94 -15.10 -17.96
CA SER C 147 0.83 -14.19 -18.09
C SER C 147 0.60 -13.33 -16.87
N GLY C 148 1.40 -13.43 -15.81
CA GLY C 148 1.11 -12.71 -14.56
C GLY C 148 0.02 -13.26 -13.63
N ILE C 149 -0.30 -14.54 -13.75
CA ILE C 149 -1.33 -15.19 -12.91
C ILE C 149 -0.60 -15.96 -11.80
N ARG C 150 -1.10 -15.86 -10.56
CA ARG C 150 -0.44 -16.49 -9.43
C ARG C 150 -0.86 -17.94 -9.41
N PHE C 151 0.11 -18.81 -9.17
CA PHE C 151 -0.08 -20.24 -9.24
C PHE C 151 0.31 -20.89 -7.91
N ILE C 152 -0.57 -21.76 -7.40
CA ILE C 152 -0.26 -22.55 -6.24
C ILE C 152 -0.70 -23.95 -6.54
N SER C 153 0.10 -24.93 -6.14
CA SER C 153 -0.29 -26.32 -6.27
C SER C 153 -0.14 -27.06 -4.94
N SER C 154 -0.89 -28.13 -4.77
CA SER C 154 -0.83 -28.93 -3.55
C SER C 154 -1.29 -30.38 -3.76
N GLU C 155 -0.72 -31.30 -3.03
CA GLU C 155 -1.04 -32.71 -3.19
C GLU C 155 -0.96 -33.35 -1.81
N THR C 156 -1.93 -34.19 -1.48
CA THR C 156 -1.84 -35.10 -0.33
C THR C 156 -1.79 -36.54 -0.83
N ARG C 157 -1.00 -37.37 -0.16
CA ARG C 157 -0.92 -38.81 -0.47
C ARG C 157 -0.69 -39.56 0.84
N GLY C 158 -1.79 -40.02 1.41
CA GLY C 158 -1.79 -40.66 2.70
C GLY C 158 -1.33 -39.66 3.72
N LEU C 159 -0.31 -40.05 4.46
CA LEU C 159 0.23 -39.24 5.55
C LEU C 159 1.28 -38.27 5.06
N PHE C 160 1.49 -38.17 3.73
CA PHE C 160 2.43 -37.21 3.12
C PHE C 160 1.65 -36.14 2.40
N GLY C 161 2.35 -35.03 2.16
CA GLY C 161 1.75 -33.96 1.41
C GLY C 161 2.75 -32.91 1.01
N ASN C 162 2.35 -32.04 0.09
CA ASN C 162 3.21 -30.91 -0.30
C ASN C 162 2.41 -29.70 -0.74
N THR C 163 3.12 -28.61 -0.92
CA THR C 163 2.55 -27.46 -1.59
C THR C 163 3.65 -26.71 -2.31
N PHE C 164 3.27 -26.05 -3.39
CA PHE C 164 4.19 -25.30 -4.23
C PHE C 164 3.59 -23.93 -4.50
N VAL C 165 4.40 -22.88 -4.37
CA VAL C 165 3.93 -21.52 -4.61
C VAL C 165 4.81 -20.82 -5.65
N ASP C 166 4.14 -20.17 -6.60
CA ASP C 166 4.80 -19.39 -7.65
C ASP C 166 3.96 -18.17 -7.96
N LEU C 167 4.33 -17.03 -7.40
CA LEU C 167 3.60 -15.77 -7.60
C LEU C 167 4.15 -14.88 -8.75
N GLY C 168 5.04 -15.43 -9.59
CA GLY C 168 5.55 -14.70 -10.73
C GLY C 168 6.84 -13.96 -10.49
N ASP C 169 7.24 -13.14 -11.47
CA ASP C 169 8.54 -12.50 -11.49
C ASP C 169 8.61 -11.36 -10.51
N GLU C 170 7.52 -10.61 -10.38
CA GLU C 170 7.45 -9.44 -9.48
C GLU C 170 6.23 -9.61 -8.60
N PHE C 171 6.45 -9.92 -7.33
CA PHE C 171 5.39 -9.90 -6.32
C PHE C 171 5.88 -9.00 -5.21
N THR C 172 5.04 -8.10 -4.74
CA THR C 172 5.34 -7.21 -3.62
C THR C 172 4.64 -7.62 -2.31
N VAL C 173 5.44 -7.80 -1.25
CA VAL C 173 4.93 -8.08 0.10
C VAL C 173 4.73 -6.77 0.82
N LEU C 174 3.51 -6.42 1.16
CA LEU C 174 3.24 -5.14 1.83
C LEU C 174 3.49 -5.13 3.35
N ASP C 175 3.45 -6.32 3.97
CA ASP C 175 3.58 -6.50 5.41
C ASP C 175 4.05 -7.92 5.65
N PRO C 176 5.29 -8.10 6.08
CA PRO C 176 5.77 -9.44 6.18
C PRO C 176 5.15 -10.31 7.28
N THR C 177 4.53 -9.71 8.31
CA THR C 177 4.11 -10.45 9.52
C THR C 177 2.70 -10.23 10.06
N GLY C 178 2.14 -9.04 9.89
CA GLY C 178 0.86 -8.75 10.47
C GLY C 178 0.92 -8.40 11.94
N GLU C 179 2.10 -8.12 12.48
CA GLU C 179 2.25 -7.65 13.86
C GLU C 179 2.00 -6.16 14.01
N GLU C 180 1.58 -5.70 15.20
CA GLU C 180 1.49 -4.25 15.45
C GLU C 180 2.89 -3.65 15.30
N PRO C 181 3.01 -2.56 14.51
CA PRO C 181 4.30 -1.88 14.42
C PRO C 181 4.75 -1.48 15.80
N ARG C 182 6.02 -1.75 16.09
CA ARG C 182 6.66 -1.43 17.34
C ARG C 182 6.64 0.08 17.55
N THR C 183 6.37 0.51 18.76
CA THR C 183 6.41 1.94 19.09
C THR C 183 7.03 2.11 20.47
N GLY C 184 7.31 3.34 20.81
CA GLY C 184 7.94 3.57 22.06
C GLY C 184 8.35 4.99 22.28
N MET C 185 8.59 5.31 23.55
CA MET C 185 8.97 6.65 23.96
C MET C 185 10.45 6.81 24.07
N VAL C 186 10.88 7.99 23.66
CA VAL C 186 12.25 8.33 23.51
C VAL C 186 12.57 9.32 24.63
N SER C 187 13.72 9.14 25.29
CA SER C 187 14.22 10.08 26.31
C SER C 187 15.47 10.87 25.89
N ASP C 188 16.22 10.33 24.95
CA ASP C 188 17.40 11.01 24.49
C ASP C 188 17.73 10.55 23.08
N ILE C 189 18.23 11.48 22.29
CA ILE C 189 18.81 11.19 20.97
C ILE C 189 20.11 11.95 21.00
N GLU C 190 21.21 11.21 21.03
CA GLU C 190 22.54 11.82 21.03
C GLU C 190 22.86 12.25 19.58
N PRO C 191 23.81 13.18 19.41
CA PRO C 191 24.23 13.61 18.05
C PRO C 191 24.61 12.52 17.03
N ASP C 192 25.16 11.38 17.47
CA ASP C 192 25.53 10.30 16.54
C ASP C 192 24.36 9.39 16.17
N GLY C 193 23.15 9.74 16.62
CA GLY C 193 21.93 9.01 16.28
C GLY C 193 21.46 7.98 17.30
N THR C 194 22.12 7.91 18.45
CA THR C 194 21.83 6.88 19.45
C THR C 194 20.56 7.30 20.18
N VAL C 195 19.51 6.50 20.02
CA VAL C 195 18.19 6.76 20.57
C VAL C 195 18.01 5.87 21.80
N THR C 196 17.81 6.48 22.96
CA THR C 196 17.69 5.78 24.23
C THR C 196 16.25 5.87 24.72
N MET C 197 15.78 4.73 25.16
CA MET C 197 14.39 4.55 25.53
C MET C 197 14.16 5.09 26.90
N LEU C 198 12.96 5.60 27.06
CA LEU C 198 12.58 6.25 28.27
C LEU C 198 12.88 5.38 29.48
N ASP C 199 12.03 4.42 29.68
CA ASP C 199 11.90 3.84 31.00
C ASP C 199 12.72 2.53 31.01
N ASP C 200 12.22 1.46 31.64
CA ASP C 200 12.68 0.12 31.30
C ASP C 200 11.70 -0.41 30.24
N ASN C 201 11.64 0.29 29.10
CA ASN C 201 10.91 -0.21 27.96
C ASN C 201 11.85 -0.47 26.82
N ARG C 202 11.65 -1.66 26.29
CA ARG C 202 12.48 -2.16 25.25
C ARG C 202 11.91 -1.59 23.99
N HIS C 203 12.76 -1.34 23.01
CA HIS C 203 12.26 -0.86 21.72
C HIS C 203 11.63 -2.04 20.98
N GLY C 204 12.25 -3.21 21.11
CA GLY C 204 11.79 -4.43 20.46
C GLY C 204 12.03 -4.53 18.96
N LEU C 205 12.88 -3.68 18.42
CA LEU C 205 13.28 -3.69 17.01
C LEU C 205 14.45 -4.62 16.75
N GLU C 206 14.61 -4.93 15.46
CA GLU C 206 15.71 -5.73 14.88
C GLU C 206 16.54 -4.84 13.97
N ASP C 207 17.83 -5.15 13.82
CA ASP C 207 18.65 -4.42 12.84
C ASP C 207 17.94 -4.46 11.50
N GLY C 208 17.81 -3.30 10.85
CA GLY C 208 17.25 -3.21 9.49
C GLY C 208 15.75 -2.96 9.39
N ASN C 209 15.07 -2.89 10.55
CA ASN C 209 13.79 -2.26 10.65
C ASN C 209 13.94 -0.76 10.29
N PHE C 210 12.81 -0.14 9.98
CA PHE C 210 12.77 1.27 9.69
C PHE C 210 11.83 1.91 10.69
N VAL C 211 12.12 3.16 11.09
CA VAL C 211 11.25 3.91 12.00
C VAL C 211 11.03 5.33 11.52
N ARG C 212 9.90 5.90 11.91
CA ARG C 212 9.67 7.33 11.81
C ARG C 212 9.49 7.89 13.20
N PHE C 213 9.63 9.20 13.35
CA PHE C 213 9.47 9.86 14.66
C PHE C 213 8.38 10.92 14.67
N SER C 214 7.83 11.18 15.85
CA SER C 214 7.05 12.40 16.08
C SER C 214 7.31 12.90 17.49
N GLU C 215 6.97 14.17 17.72
CA GLU C 215 7.14 14.85 19.00
C GLU C 215 8.58 15.06 19.52
N VAL C 216 9.59 14.70 18.73
CA VAL C 216 10.97 14.87 19.14
C VAL C 216 11.27 16.35 19.06
N GLU C 217 11.32 17.06 20.19
CA GLU C 217 11.60 18.49 20.17
C GLU C 217 13.08 18.74 19.99
N GLY C 218 13.41 19.71 19.12
CA GLY C 218 14.79 20.10 18.86
C GLY C 218 15.40 19.52 17.61
N LEU C 219 14.72 18.55 16.99
CA LEU C 219 15.15 17.93 15.72
C LEU C 219 14.08 18.04 14.61
N ASP C 220 13.38 19.18 14.59
CA ASP C 220 12.38 19.54 13.58
C ASP C 220 12.09 18.45 12.54
N LYS C 221 12.98 18.28 11.57
CA LYS C 221 12.65 17.49 10.35
C LYS C 221 12.80 15.98 10.53
N LEU C 222 13.35 15.56 11.66
CA LEU C 222 13.31 14.18 12.05
C LEU C 222 11.88 13.70 12.21
N ASN C 223 10.95 14.60 12.52
CA ASN C 223 9.52 14.26 12.68
C ASN C 223 8.69 14.28 11.40
N ASP C 224 9.29 14.54 10.24
CA ASP C 224 8.52 14.84 9.03
C ASP C 224 7.98 13.64 8.23
N GLY C 225 8.18 12.41 8.75
CA GLY C 225 7.75 11.20 8.08
C GLY C 225 8.87 10.36 7.46
N THR C 226 10.07 10.95 7.37
CA THR C 226 11.26 10.26 6.89
C THR C 226 11.49 8.98 7.67
N LEU C 227 11.89 7.92 6.98
CA LEU C 227 12.26 6.65 7.61
C LEU C 227 13.73 6.62 7.91
N PHE C 228 14.07 5.98 9.04
CA PHE C 228 15.46 5.81 9.48
C PHE C 228 15.72 4.34 9.70
N LYS C 229 16.86 3.86 9.21
CA LYS C 229 17.22 2.46 9.35
C LYS C 229 17.78 2.24 10.76
N VAL C 230 17.38 1.15 11.39
CA VAL C 230 17.67 0.89 12.79
C VAL C 230 18.94 0.01 12.93
N GLU C 231 19.90 0.49 13.71
CA GLU C 231 21.00 -0.33 14.19
C GLU C 231 20.78 -0.60 15.70
N VAL C 232 20.47 -1.85 16.03
CA VAL C 232 20.20 -2.20 17.42
C VAL C 232 21.50 -2.21 18.17
N LEU C 233 21.55 -1.45 19.26
CA LEU C 233 22.71 -1.34 20.13
C LEU C 233 22.59 -2.21 21.37
N GLY C 234 21.43 -2.19 21.98
CA GLY C 234 21.09 -3.11 23.03
C GLY C 234 19.58 -3.23 23.09
N PRO C 235 19.06 -3.86 24.14
CA PRO C 235 17.63 -3.87 24.41
C PRO C 235 16.97 -2.49 24.58
N PHE C 236 17.70 -1.50 25.08
CA PHE C 236 17.16 -0.17 25.44
C PHE C 236 17.63 0.97 24.56
N ALA C 237 18.42 0.67 23.55
CA ALA C 237 18.82 1.69 22.58
C ALA C 237 18.99 1.18 21.16
N PHE C 238 18.75 2.06 20.20
CA PHE C 238 19.12 1.80 18.83
C PHE C 238 19.67 3.07 18.22
N ARG C 239 20.36 2.92 17.10
CA ARG C 239 21.04 4.06 16.45
C ARG C 239 20.48 4.26 15.07
N ILE C 240 20.35 5.52 14.66
CA ILE C 240 19.76 5.86 13.36
C ILE C 240 20.68 6.62 12.42
N GLY C 241 21.98 6.62 12.67
CA GLY C 241 22.90 7.47 11.92
C GLY C 241 22.86 8.90 12.45
N SER C 242 23.90 9.65 12.11
CA SER C 242 24.11 11.00 12.66
C SER C 242 22.87 11.83 12.52
N VAL C 243 22.53 12.60 13.55
CA VAL C 243 21.43 13.56 13.45
C VAL C 243 21.83 15.00 13.79
N LYS C 244 23.14 15.29 13.89
CA LYS C 244 23.56 16.68 14.19
C LYS C 244 23.16 17.64 13.07
N GLU C 245 22.98 17.13 11.84
CA GLU C 245 22.42 17.94 10.75
C GLU C 245 21.00 18.48 11.05
N TYR C 246 20.16 17.73 11.77
CA TYR C 246 18.79 18.14 12.08
C TYR C 246 18.59 19.13 13.25
N GLY C 247 19.61 19.36 14.08
CA GLY C 247 19.50 20.20 15.29
C GLY C 247 20.15 19.55 16.50
N GLU C 248 19.65 19.87 17.69
CA GLU C 248 20.08 19.27 18.96
C GLU C 248 18.84 18.79 19.74
N TYR C 249 18.83 17.54 20.23
CA TYR C 249 17.71 17.03 21.03
C TYR C 249 17.45 17.84 22.31
N LYS C 250 16.19 18.22 22.50
CA LYS C 250 15.77 18.84 23.74
C LYS C 250 15.00 17.86 24.63
N LYS C 251 13.83 17.40 24.17
CA LYS C 251 13.01 16.44 24.94
C LYS C 251 11.91 15.79 24.11
N GLY C 252 11.25 14.82 24.70
CA GLY C 252 10.08 14.18 24.09
C GLY C 252 10.42 13.17 23.02
N GLY C 253 9.39 12.67 22.35
CA GLY C 253 9.60 11.88 21.15
C GLY C 253 8.99 10.49 21.20
N ILE C 254 8.36 10.09 20.11
CA ILE C 254 7.80 8.76 20.00
C ILE C 254 8.30 8.23 18.67
N PHE C 255 8.82 7.00 18.68
CA PHE C 255 9.22 6.37 17.44
C PHE C 255 8.13 5.37 17.03
N THR C 256 7.96 5.20 15.74
CA THR C 256 7.01 4.24 15.20
C THR C 256 7.68 3.44 14.07
N GLU C 257 7.73 2.12 14.22
CA GLU C 257 8.19 1.20 13.16
C GLU C 257 7.32 1.36 11.89
N VAL C 258 7.96 1.38 10.73
CA VAL C 258 7.26 1.33 9.43
C VAL C 258 7.74 0.13 8.64
N LYS C 259 6.78 -0.70 8.19
CA LYS C 259 7.04 -1.80 7.26
C LYS C 259 7.18 -1.26 5.85
N VAL C 260 8.31 -1.51 5.22
CA VAL C 260 8.51 -1.02 3.87
C VAL C 260 8.11 -2.15 2.92
N PRO C 261 7.72 -1.85 1.70
CA PRO C 261 7.48 -2.92 0.73
C PRO C 261 8.74 -3.69 0.29
N ARG C 262 8.58 -5.01 0.10
CA ARG C 262 9.64 -5.90 -0.37
CA ARG C 262 9.65 -5.93 -0.36
C ARG C 262 9.22 -6.57 -1.70
N LYS C 263 9.97 -6.34 -2.79
CA LYS C 263 9.71 -7.05 -4.07
C LYS C 263 10.41 -8.39 -3.99
N ILE C 264 9.72 -9.45 -4.37
CA ILE C 264 10.33 -10.77 -4.49
C ILE C 264 9.97 -11.45 -5.82
N SER C 265 10.80 -12.41 -6.24
CA SER C 265 10.56 -13.19 -7.46
C SER C 265 10.48 -14.65 -7.17
N PHE C 266 9.66 -15.34 -7.96
CA PHE C 266 9.47 -16.77 -7.88
C PHE C 266 9.91 -17.36 -9.20
N LYS C 267 10.21 -18.64 -9.17
CA LYS C 267 10.56 -19.42 -10.32
C LYS C 267 9.40 -20.26 -10.74
N SER C 268 9.41 -20.68 -12.00
CA SER C 268 8.37 -21.58 -12.51
C SER C 268 8.49 -22.93 -11.85
N LEU C 269 7.42 -23.70 -11.94
CA LEU C 269 7.41 -25.07 -11.46
C LEU C 269 8.47 -25.92 -12.16
N LYS C 270 8.60 -25.73 -13.46
CA LYS C 270 9.56 -26.47 -14.27
C LYS C 270 10.99 -26.34 -13.68
N GLN C 271 11.37 -25.11 -13.30
CA GLN C 271 12.72 -24.79 -12.80
C GLN C 271 12.90 -25.36 -11.41
N GLN C 272 11.92 -25.09 -10.57
CA GLN C 272 11.86 -25.60 -9.21
C GLN C 272 11.77 -27.13 -9.06
N LEU C 273 11.27 -27.85 -10.07
CA LEU C 273 11.31 -29.31 -10.04
C LEU C 273 12.73 -29.79 -10.02
N SER C 274 13.60 -29.15 -10.79
CA SER C 274 14.96 -29.62 -10.84
C SER C 274 15.89 -28.85 -9.91
N ASN C 275 15.40 -27.79 -9.28
CA ASN C 275 16.23 -26.94 -8.41
C ASN C 275 15.36 -26.16 -7.39
N PRO C 276 14.76 -26.89 -6.43
CA PRO C 276 13.75 -26.34 -5.55
C PRO C 276 14.29 -25.50 -4.42
N GLU C 277 13.43 -24.61 -3.92
CA GLU C 277 13.67 -23.88 -2.69
C GLU C 277 12.68 -24.36 -1.64
N PHE C 278 13.19 -24.88 -0.53
CA PHE C 278 12.34 -25.53 0.44
C PHE C 278 12.02 -24.62 1.59
N VAL C 279 10.80 -24.67 2.06
CA VAL C 279 10.46 -24.25 3.39
C VAL C 279 10.13 -25.53 4.10
N PHE C 280 10.62 -25.65 5.33
CA PHE C 280 10.53 -26.91 6.07
C PHE C 280 9.30 -26.95 6.96
N SER C 281 8.60 -28.09 6.97
CA SER C 281 7.42 -28.25 7.86
C SER C 281 7.83 -28.64 9.26
N ASP C 282 8.99 -29.27 9.39
CA ASP C 282 9.50 -29.78 10.65
C ASP C 282 11.00 -30.01 10.57
N PHE C 283 11.76 -29.25 11.37
CA PHE C 283 13.22 -29.24 11.23
CA PHE C 283 13.22 -29.21 11.30
C PHE C 283 13.84 -30.56 11.72
N ALA C 284 13.07 -31.36 12.45
CA ALA C 284 13.49 -32.72 12.80
C ALA C 284 13.55 -33.63 11.59
N LYS C 285 12.79 -33.27 10.55
CA LYS C 285 12.66 -34.06 9.32
C LYS C 285 13.21 -33.34 8.08
N PHE C 286 14.25 -32.52 8.23
CA PHE C 286 14.65 -31.66 7.13
C PHE C 286 15.29 -32.44 5.98
N ASP C 287 16.03 -33.50 6.31
CA ASP C 287 16.66 -34.35 5.29
C ASP C 287 15.62 -35.17 4.47
N ARG C 288 14.37 -35.23 4.93
CA ARG C 288 13.28 -35.82 4.16
C ARG C 288 12.70 -34.96 3.05
N ALA C 289 12.94 -33.67 3.08
CA ALA C 289 12.33 -32.78 2.09
C ALA C 289 12.80 -33.13 0.67
N ALA C 290 14.11 -33.12 0.45
CA ALA C 290 14.68 -33.55 -0.82
C ALA C 290 14.16 -34.92 -1.28
N GLN C 291 14.07 -35.86 -0.36
CA GLN C 291 13.64 -37.21 -0.65
C GLN C 291 12.20 -37.23 -1.18
N LEU C 292 11.32 -36.57 -0.47
CA LEU C 292 9.91 -36.53 -0.85
C LEU C 292 9.69 -35.72 -2.12
N HIS C 293 10.54 -34.76 -2.39
CA HIS C 293 10.46 -33.97 -3.62
C HIS C 293 10.61 -34.87 -4.86
N LEU C 294 11.65 -35.71 -4.79
CA LEU C 294 11.86 -36.80 -5.72
C LEU C 294 10.69 -37.77 -5.71
N GLY C 295 10.30 -38.24 -4.54
CA GLY C 295 9.20 -39.17 -4.40
C GLY C 295 7.90 -38.74 -5.05
N PHE C 296 7.52 -37.48 -4.88
CA PHE C 296 6.23 -37.01 -5.41
C PHE C 296 6.31 -36.90 -6.93
N GLN C 297 7.49 -36.62 -7.47
CA GLN C 297 7.70 -36.62 -8.92
C GLN C 297 7.62 -38.06 -9.43
N ALA C 298 8.24 -38.95 -8.69
CA ALA C 298 8.20 -40.37 -9.00
C ALA C 298 6.78 -40.88 -9.14
N LEU C 299 5.88 -40.46 -8.23
CA LEU C 299 4.49 -40.89 -8.31
C LEU C 299 3.84 -40.50 -9.63
N HIS C 300 4.16 -39.32 -10.14
CA HIS C 300 3.62 -38.89 -11.43
C HIS C 300 4.20 -39.66 -12.57
N GLN C 301 5.51 -39.94 -12.54
CA GLN C 301 6.18 -40.79 -13.56
C GLN C 301 5.59 -42.19 -13.61
N PHE C 302 5.29 -42.71 -12.43
CA PHE C 302 4.61 -44.00 -12.25
C PHE C 302 3.24 -44.00 -12.91
N ALA C 303 2.46 -42.97 -12.62
CA ALA C 303 1.14 -42.85 -13.21
C ALA C 303 1.16 -42.77 -14.72
N VAL C 304 2.10 -42.00 -15.26
CA VAL C 304 2.33 -41.96 -16.70
C VAL C 304 2.61 -43.34 -17.27
N ARG C 305 3.42 -44.15 -16.57
CA ARG C 305 3.68 -45.54 -17.00
C ARG C 305 2.48 -46.48 -16.88
N HIS C 306 1.59 -46.24 -15.94
CA HIS C 306 0.53 -47.19 -15.58
C HIS C 306 -0.87 -46.61 -15.82
N ASN C 307 -1.01 -45.87 -16.91
CA ASN C 307 -2.30 -45.30 -17.31
C ASN C 307 -3.04 -44.40 -16.28
N GLY C 308 -2.29 -43.50 -15.67
CA GLY C 308 -2.84 -42.58 -14.70
C GLY C 308 -3.13 -43.18 -13.33
N GLU C 309 -2.77 -44.45 -13.11
CA GLU C 309 -3.01 -45.08 -11.80
C GLU C 309 -1.86 -44.78 -10.85
N LEU C 310 -2.15 -44.59 -9.58
CA LEU C 310 -1.09 -44.50 -8.57
C LEU C 310 -0.63 -45.92 -8.19
N PRO C 311 0.47 -46.05 -7.42
CA PRO C 311 0.80 -47.38 -6.92
C PRO C 311 -0.34 -48.01 -6.13
N ARG C 312 -0.36 -49.34 -6.15
CA ARG C 312 -1.33 -50.07 -5.40
C ARG C 312 -1.03 -50.00 -3.89
N THR C 313 -2.14 -49.92 -3.16
CA THR C 313 -2.14 -49.86 -1.72
C THR C 313 -1.37 -51.07 -1.16
N MET C 314 -0.38 -50.78 -0.33
CA MET C 314 0.48 -51.75 0.41
C MET C 314 1.33 -52.69 -0.45
N ASN C 315 1.51 -52.36 -1.71
CA ASN C 315 2.02 -53.31 -2.69
C ASN C 315 3.53 -53.19 -2.90
N ASP C 316 4.25 -54.28 -2.67
CA ASP C 316 5.72 -54.26 -2.72
C ASP C 316 6.30 -54.12 -4.13
N GLU C 317 5.68 -54.79 -5.12
CA GLU C 317 6.07 -54.73 -6.51
C GLU C 317 6.14 -53.27 -6.96
N ASP C 318 5.05 -52.55 -6.71
CA ASP C 318 4.96 -51.17 -7.13
C ASP C 318 5.85 -50.25 -6.30
N ALA C 319 6.04 -50.56 -5.03
CA ALA C 319 6.96 -49.78 -4.19
C ALA C 319 8.42 -49.89 -4.65
N ASN C 320 8.84 -51.10 -5.03
CA ASN C 320 10.16 -51.26 -5.59
C ASN C 320 10.31 -50.49 -6.90
N GLU C 321 9.23 -50.39 -7.68
CA GLU C 321 9.28 -49.61 -8.91
C GLU C 321 9.45 -48.15 -8.57
N LEU C 322 8.76 -47.67 -7.55
CA LEU C 322 8.90 -46.27 -7.13
C LEU C 322 10.30 -45.94 -6.64
N ILE C 323 10.94 -46.88 -5.95
CA ILE C 323 12.31 -46.69 -5.45
C ILE C 323 13.31 -46.60 -6.60
N LYS C 324 13.12 -47.46 -7.62
CA LYS C 324 13.90 -47.37 -8.85
C LYS C 324 13.71 -45.99 -9.53
N LEU C 325 12.45 -45.57 -9.63
CA LEU C 325 12.12 -44.32 -10.27
C LEU C 325 12.78 -43.18 -9.55
N VAL C 326 12.73 -43.19 -8.20
CA VAL C 326 13.43 -42.18 -7.39
C VAL C 326 14.94 -42.28 -7.54
N THR C 327 15.49 -43.50 -7.50
CA THR C 327 16.93 -43.66 -7.71
C THR C 327 17.36 -43.14 -9.09
N ASP C 328 16.55 -43.27 -10.13
CA ASP C 328 16.93 -42.72 -11.45
C ASP C 328 16.95 -41.20 -11.46
N LEU C 329 16.01 -40.55 -10.81
CA LEU C 329 16.10 -39.10 -10.60
C LEU C 329 17.36 -38.66 -9.82
N SER C 330 17.79 -39.42 -8.82
CA SER C 330 18.97 -39.01 -8.02
C SER C 330 20.29 -39.28 -8.76
N VAL C 331 20.41 -40.47 -9.38
CA VAL C 331 21.55 -40.87 -10.26
C VAL C 331 21.67 -39.87 -11.42
N GLN C 332 20.53 -39.54 -12.05
CA GLN C 332 20.53 -38.52 -13.08
C GLN C 332 20.91 -37.14 -12.56
N GLN C 333 20.31 -36.67 -11.47
CA GLN C 333 20.65 -35.31 -10.96
C GLN C 333 21.01 -35.32 -9.45
N PRO C 334 22.32 -35.60 -9.12
CA PRO C 334 22.74 -35.77 -7.71
C PRO C 334 22.75 -34.45 -6.88
N GLU C 335 21.88 -33.51 -7.24
CA GLU C 335 21.81 -32.14 -6.73
C GLU C 335 20.56 -31.84 -5.91
N VAL C 336 19.47 -32.60 -6.07
CA VAL C 336 18.35 -32.43 -5.16
C VAL C 336 18.75 -33.13 -3.85
N LEU C 337 19.41 -34.29 -3.93
CA LEU C 337 19.90 -34.96 -2.72
C LEU C 337 21.30 -34.55 -2.27
N GLY C 338 22.09 -33.86 -3.11
CA GLY C 338 23.48 -33.53 -2.74
C GLY C 338 24.40 -34.73 -2.93
N GLU C 339 25.70 -34.46 -3.10
CA GLU C 339 26.66 -35.50 -3.49
C GLU C 339 26.81 -36.60 -2.42
N GLY C 340 26.89 -37.86 -2.86
CA GLY C 340 27.10 -39.03 -2.00
C GLY C 340 26.02 -39.38 -0.98
N VAL C 341 24.78 -38.92 -1.21
CA VAL C 341 23.65 -39.14 -0.31
C VAL C 341 22.68 -40.14 -0.93
N ASP C 342 22.48 -41.26 -0.24
CA ASP C 342 21.60 -42.32 -0.71
C ASP C 342 20.11 -41.98 -0.66
N VAL C 343 19.32 -42.63 -1.51
CA VAL C 343 17.85 -42.57 -1.44
C VAL C 343 17.44 -43.22 -0.12
N ASN C 344 16.46 -42.65 0.55
CA ASN C 344 15.89 -43.25 1.74
C ASN C 344 14.80 -44.18 1.25
N GLU C 345 15.18 -45.43 1.09
CA GLU C 345 14.29 -46.41 0.48
C GLU C 345 13.09 -46.71 1.34
N ASP C 346 13.22 -46.75 2.67
CA ASP C 346 12.06 -47.00 3.53
C ASP C 346 11.04 -45.88 3.43
N LEU C 347 11.52 -44.64 3.33
CA LEU C 347 10.63 -43.49 3.16
C LEU C 347 9.83 -43.56 1.86
N ILE C 348 10.51 -43.86 0.75
CA ILE C 348 9.86 -43.93 -0.55
C ILE C 348 8.89 -45.12 -0.60
N LYS C 349 9.26 -46.23 0.03
CA LYS C 349 8.37 -47.40 0.19
C LYS C 349 7.06 -47.01 0.80
N GLU C 350 7.10 -46.23 1.87
CA GLU C 350 5.87 -45.77 2.49
C GLU C 350 5.07 -44.80 1.65
N LEU C 351 5.74 -43.93 0.92
CA LEU C 351 5.06 -43.05 -0.01
C LEU C 351 4.30 -43.89 -1.06
N SER C 352 4.91 -44.96 -1.57
CA SER C 352 4.21 -45.88 -2.48
C SER C 352 3.01 -46.55 -1.79
N TYR C 353 3.27 -47.15 -0.64
CA TYR C 353 2.22 -47.85 0.13
C TYR C 353 0.98 -47.02 0.39
N GLN C 354 1.19 -45.73 0.63
CA GLN C 354 0.14 -44.85 1.08
C GLN C 354 -0.38 -43.93 0.00
N ALA C 355 0.05 -44.09 -1.23
CA ALA C 355 -0.17 -43.04 -2.24
C ALA C 355 -1.65 -42.74 -2.50
N ARG C 356 -2.51 -43.74 -2.30
CA ARG C 356 -3.98 -43.57 -2.54
C ARG C 356 -4.75 -43.03 -1.37
N GLY C 357 -4.09 -42.93 -0.21
CA GLY C 357 -4.71 -42.61 1.05
C GLY C 357 -5.14 -41.20 1.03
N ASP C 358 -6.23 -40.91 1.75
CA ASP C 358 -6.84 -39.59 1.80
C ASP C 358 -7.18 -39.35 3.28
N ILE C 359 -6.25 -38.70 3.99
CA ILE C 359 -6.27 -38.64 5.45
C ILE C 359 -6.78 -37.31 5.92
N PRO C 360 -7.87 -37.30 6.71
CA PRO C 360 -8.53 -36.06 7.06
C PRO C 360 -7.66 -34.98 7.64
N GLY C 361 -6.80 -35.34 8.58
CA GLY C 361 -5.92 -34.38 9.21
C GLY C 361 -4.84 -33.81 8.31
N VAL C 362 -4.35 -34.60 7.36
CA VAL C 362 -3.38 -34.10 6.38
C VAL C 362 -4.04 -33.14 5.40
N VAL C 363 -5.17 -33.56 4.87
CA VAL C 363 -5.97 -32.68 4.05
C VAL C 363 -6.29 -31.36 4.77
N ALA C 364 -6.68 -31.41 6.04
CA ALA C 364 -6.99 -30.19 6.82
C ALA C 364 -5.77 -29.27 7.02
N PHE C 365 -4.59 -29.84 7.23
CA PHE C 365 -3.35 -29.08 7.35
C PHE C 365 -3.10 -28.31 6.04
N PHE C 366 -3.07 -29.04 4.91
CA PHE C 366 -2.78 -28.39 3.65
C PHE C 366 -3.89 -27.48 3.15
N GLY C 367 -5.13 -27.80 3.54
CA GLY C 367 -6.24 -26.96 3.22
C GLY C 367 -6.20 -25.59 3.87
N GLY C 368 -5.76 -25.53 5.10
CA GLY C 368 -5.66 -24.25 5.79
C GLY C 368 -4.49 -23.50 5.23
N LEU C 369 -3.38 -24.20 5.07
CA LEU C 369 -2.13 -23.62 4.64
C LEU C 369 -2.24 -22.99 3.23
N VAL C 370 -2.69 -23.79 2.28
CA VAL C 370 -2.83 -23.34 0.88
C VAL C 370 -3.88 -22.22 0.77
N ALA C 371 -5.00 -22.34 1.47
CA ALA C 371 -5.96 -21.27 1.49
C ALA C 371 -5.34 -19.97 1.98
N GLN C 372 -4.52 -20.00 3.02
CA GLN C 372 -3.88 -18.78 3.48
C GLN C 372 -2.90 -18.26 2.42
N GLU C 373 -2.22 -19.16 1.75
CA GLU C 373 -1.30 -18.76 0.68
C GLU C 373 -2.02 -18.10 -0.48
N VAL C 374 -3.23 -18.55 -0.77
CA VAL C 374 -4.10 -17.88 -1.76
C VAL C 374 -4.36 -16.42 -1.33
N LEU C 375 -4.70 -16.25 -0.05
CA LEU C 375 -5.00 -14.91 0.50
C LEU C 375 -3.80 -13.99 0.46
N LYS C 376 -2.63 -14.52 0.78
CA LYS C 376 -1.38 -13.77 0.64
C LYS C 376 -1.17 -13.36 -0.80
N ALA C 377 -1.42 -14.30 -1.71
CA ALA C 377 -1.26 -14.06 -3.16
C ALA C 377 -2.15 -12.96 -3.68
N CYS C 378 -3.34 -12.82 -3.10
CA CYS C 378 -4.30 -11.80 -3.49
C CYS C 378 -4.01 -10.43 -2.89
N SER C 379 -3.29 -10.37 -1.78
CA SER C 379 -3.19 -9.13 -0.97
C SER C 379 -1.81 -8.52 -0.77
N GLY C 380 -0.76 -9.31 -0.89
CA GLY C 380 0.56 -8.87 -0.45
C GLY C 380 0.63 -8.78 1.08
N LYS C 381 -0.34 -9.39 1.78
CA LYS C 381 -0.34 -9.44 3.21
C LYS C 381 0.31 -10.74 3.65
N PHE C 382 1.32 -10.62 4.50
CA PHE C 382 2.11 -11.76 5.00
C PHE C 382 3.12 -12.23 3.96
N THR C 383 4.08 -13.00 4.45
CA THR C 383 5.19 -13.48 3.67
C THR C 383 4.82 -14.82 2.99
N PRO C 384 4.83 -14.86 1.63
CA PRO C 384 4.51 -16.10 0.97
C PRO C 384 5.52 -17.23 1.19
N LEU C 385 5.01 -18.44 1.07
CA LEU C 385 5.80 -19.65 1.08
C LEU C 385 6.63 -19.70 -0.17
N LYS C 386 7.93 -19.87 -0.04
CA LYS C 386 8.84 -19.67 -1.15
C LYS C 386 9.90 -20.75 -1.20
N GLN C 387 9.72 -21.82 -1.99
CA GLN C 387 8.53 -22.11 -2.82
C GLN C 387 7.87 -23.47 -2.63
N PHE C 388 8.59 -24.45 -2.08
CA PHE C 388 8.10 -25.82 -1.93
C PHE C 388 8.10 -26.16 -0.45
N MET C 389 7.06 -26.82 0.01
CA MET C 389 7.10 -27.47 1.34
C MET C 389 6.57 -28.87 1.29
N TYR C 390 7.34 -29.79 1.87
CA TYR C 390 6.91 -31.17 2.08
C TYR C 390 6.62 -31.48 3.58
N PHE C 391 5.73 -32.45 3.80
CA PHE C 391 5.22 -32.77 5.12
C PHE C 391 4.93 -34.26 5.21
N ASP C 392 5.17 -34.83 6.39
CA ASP C 392 4.64 -36.14 6.70
C ASP C 392 4.30 -36.32 8.19
N SER C 393 3.44 -37.28 8.49
CA SER C 393 3.05 -37.57 9.85
C SER C 393 3.08 -39.07 10.02
N LEU C 394 4.23 -39.63 9.67
CA LEU C 394 4.42 -41.07 9.75
C LEU C 394 4.34 -41.58 11.17
N GLU C 395 4.63 -40.74 12.16
CA GLU C 395 4.47 -41.13 13.55
C GLU C 395 3.01 -41.52 13.88
N SER C 396 2.04 -41.06 13.10
CA SER C 396 0.64 -41.47 13.27
C SER C 396 0.35 -42.95 12.96
N LEU C 397 1.25 -43.63 12.24
CA LEU C 397 1.05 -45.04 11.97
C LEU C 397 1.06 -45.80 13.24
N PRO C 398 0.12 -46.72 13.42
CA PRO C 398 0.15 -47.55 14.62
C PRO C 398 1.21 -48.61 14.55
N ASP C 399 1.51 -49.21 15.68
CA ASP C 399 2.46 -50.30 15.78
C ASP C 399 1.89 -51.44 14.94
N PRO C 400 2.61 -51.92 13.91
CA PRO C 400 2.10 -53.08 13.15
C PRO C 400 1.84 -54.39 13.93
N LYS C 401 2.40 -54.52 15.12
CA LYS C 401 2.12 -55.67 15.98
C LYS C 401 0.68 -55.66 16.47
N ASN C 402 0.10 -54.49 16.66
CA ASN C 402 -1.29 -54.37 17.08
C ASN C 402 -2.24 -54.29 15.88
N PHE C 403 -1.86 -53.52 14.86
CA PHE C 403 -2.70 -53.33 13.69
C PHE C 403 -1.84 -53.55 12.46
N PRO C 404 -1.73 -54.82 12.02
CA PRO C 404 -0.82 -55.09 10.90
C PRO C 404 -1.35 -54.49 9.61
N ARG C 405 -0.42 -54.02 8.77
CA ARG C 405 -0.70 -53.44 7.46
C ARG C 405 -0.11 -54.31 6.36
N ASN C 406 -0.96 -54.78 5.46
CA ASN C 406 -0.61 -55.63 4.31
C ASN C 406 -1.72 -55.43 3.28
N GLU C 407 -1.61 -56.03 2.11
CA GLU C 407 -2.63 -55.84 1.06
C GLU C 407 -4.05 -56.32 1.46
N LYS C 408 -4.16 -57.30 2.36
CA LYS C 408 -5.44 -57.84 2.79
C LYS C 408 -6.19 -56.89 3.75
N THR C 409 -5.50 -56.47 4.81
CA THR C 409 -6.08 -55.69 5.94
C THR C 409 -6.52 -54.27 5.50
N THR C 410 -5.87 -53.80 4.46
CA THR C 410 -5.89 -52.44 3.99
C THR C 410 -6.77 -52.32 2.70
N GLN C 411 -7.35 -53.42 2.22
CA GLN C 411 -8.09 -53.39 0.97
C GLN C 411 -9.38 -52.60 1.15
N PRO C 412 -9.90 -52.03 0.05
CA PRO C 412 -11.24 -51.40 0.12
C PRO C 412 -12.31 -52.41 0.47
N VAL C 413 -13.27 -51.97 1.26
CA VAL C 413 -14.45 -52.75 1.66
C VAL C 413 -15.73 -52.09 1.11
N ASN C 414 -15.56 -51.23 0.10
CA ASN C 414 -16.63 -50.44 -0.48
C ASN C 414 -17.39 -49.56 0.51
N SER C 415 -16.62 -48.71 1.20
CA SER C 415 -17.14 -47.72 2.13
C SER C 415 -16.49 -46.38 1.90
N ARG C 416 -17.11 -45.34 2.45
CA ARG C 416 -16.53 -43.99 2.42
C ARG C 416 -15.17 -43.86 3.11
N TYR C 417 -14.82 -44.81 3.98
CA TYR C 417 -13.55 -44.80 4.72
C TYR C 417 -12.42 -45.56 4.00
N ASP C 418 -12.68 -46.06 2.78
CA ASP C 418 -11.71 -46.92 2.09
C ASP C 418 -10.30 -46.37 1.97
N ASN C 419 -10.17 -45.07 1.69
CA ASN C 419 -8.83 -44.49 1.55
C ASN C 419 -8.23 -44.02 2.87
N GLN C 420 -8.95 -44.20 3.96
CA GLN C 420 -8.36 -44.15 5.28
C GLN C 420 -7.91 -45.55 5.64
N ILE C 421 -8.76 -46.54 5.38
CA ILE C 421 -8.40 -47.98 5.51
C ILE C 421 -7.11 -48.32 4.72
N ALA C 422 -6.97 -47.76 3.54
CA ALA C 422 -5.75 -47.89 2.75
C ALA C 422 -4.49 -47.67 3.55
N VAL C 423 -4.51 -46.75 4.51
CA VAL C 423 -3.31 -46.43 5.31
C VAL C 423 -3.29 -47.20 6.61
N PHE C 424 -4.39 -47.22 7.35
CA PHE C 424 -4.38 -47.77 8.72
C PHE C 424 -4.86 -49.22 8.94
N GLY C 425 -5.60 -49.75 7.96
CA GLY C 425 -6.22 -51.06 8.11
C GLY C 425 -7.63 -50.96 8.64
N LEU C 426 -8.42 -51.99 8.33
CA LEU C 426 -9.81 -52.04 8.70
C LEU C 426 -9.96 -52.08 10.22
N ASP C 427 -9.18 -52.96 10.88
CA ASP C 427 -9.24 -53.07 12.34
C ASP C 427 -9.00 -51.73 13.05
N PHE C 428 -7.99 -50.98 12.63
CA PHE C 428 -7.74 -49.67 13.26
C PHE C 428 -8.90 -48.72 13.12
N GLN C 429 -9.49 -48.70 11.93
CA GLN C 429 -10.60 -47.82 11.61
C GLN C 429 -11.84 -48.15 12.44
N LYS C 430 -12.07 -49.44 12.73
CA LYS C 430 -13.15 -49.83 13.65
C LYS C 430 -12.92 -49.38 15.11
N LYS C 431 -11.67 -49.32 15.54
CA LYS C 431 -11.36 -48.80 16.87
C LYS C 431 -11.59 -47.30 16.94
N ILE C 432 -11.33 -46.60 15.84
CA ILE C 432 -11.69 -45.17 15.76
C ILE C 432 -13.21 -45.03 15.91
N ALA C 433 -13.98 -45.90 15.26
CA ALA C 433 -15.44 -45.80 15.33
C ALA C 433 -16.03 -46.15 16.70
N ASN C 434 -15.40 -47.06 17.42
CA ASN C 434 -15.83 -47.37 18.77
C ASN C 434 -15.16 -46.54 19.88
N SER C 435 -14.51 -45.45 19.51
CA SER C 435 -14.02 -44.51 20.48
C SER C 435 -15.14 -43.71 21.13
N LYS C 436 -14.93 -43.35 22.40
CA LYS C 436 -15.81 -42.50 23.14
C LYS C 436 -15.06 -41.21 23.51
N VAL C 437 -15.56 -40.06 23.04
CA VAL C 437 -14.86 -38.80 23.15
C VAL C 437 -15.73 -37.66 23.67
N PHE C 438 -15.07 -36.78 24.40
CA PHE C 438 -15.69 -35.58 24.90
C PHE C 438 -15.02 -34.38 24.23
N LEU C 439 -15.83 -33.56 23.57
CA LEU C 439 -15.34 -32.36 22.92
C LEU C 439 -15.88 -31.16 23.69
N VAL C 440 -14.96 -30.32 24.19
CA VAL C 440 -15.32 -29.23 25.05
C VAL C 440 -15.24 -27.94 24.26
N GLY C 441 -16.39 -27.55 23.71
CA GLY C 441 -16.46 -26.41 22.79
C GLY C 441 -16.93 -26.80 21.40
N SER C 442 -17.74 -25.96 20.77
CA SER C 442 -18.32 -26.23 19.47
C SER C 442 -18.30 -24.94 18.66
N GLY C 443 -17.25 -24.12 18.81
CA GLY C 443 -17.03 -22.94 17.92
C GLY C 443 -16.10 -23.18 16.72
N ALA C 444 -15.03 -22.42 16.60
CA ALA C 444 -14.12 -22.56 15.44
C ALA C 444 -13.43 -23.92 15.45
N ILE C 445 -12.66 -24.16 16.48
CA ILE C 445 -11.95 -25.41 16.58
C ILE C 445 -12.99 -26.52 16.66
N GLY C 446 -14.05 -26.28 17.43
CA GLY C 446 -15.10 -27.27 17.61
C GLY C 446 -15.73 -27.74 16.30
N CYS C 447 -16.09 -26.79 15.43
CA CYS C 447 -16.74 -27.13 14.18
C CYS C 447 -15.79 -27.90 13.32
N GLU C 448 -14.55 -27.43 13.19
CA GLU C 448 -13.53 -28.13 12.41
C GLU C 448 -13.28 -29.50 12.98
N MET C 449 -13.29 -29.61 14.30
CA MET C 449 -13.06 -30.89 14.98
C MET C 449 -14.14 -31.88 14.65
N LEU C 450 -15.40 -31.45 14.76
CA LEU C 450 -16.52 -32.33 14.44
C LEU C 450 -16.56 -32.73 12.96
N LYS C 451 -16.18 -31.82 12.06
CA LYS C 451 -16.09 -32.17 10.65
C LYS C 451 -15.05 -33.27 10.45
N ASN C 452 -13.91 -33.13 11.09
CA ASN C 452 -12.86 -34.13 11.00
C ASN C 452 -13.30 -35.44 11.58
N TRP C 453 -14.04 -35.39 12.66
CA TRP C 453 -14.55 -36.64 13.26
C TRP C 453 -15.64 -37.31 12.42
N ALA C 454 -16.48 -36.52 11.79
CA ALA C 454 -17.46 -37.06 10.87
C ALA C 454 -16.76 -37.80 9.75
N LEU C 455 -15.71 -37.19 9.22
CA LEU C 455 -14.88 -37.81 8.18
C LEU C 455 -14.14 -39.05 8.63
N LEU C 456 -13.68 -39.10 9.88
CA LEU C 456 -13.05 -40.30 10.45
C LEU C 456 -14.01 -41.46 10.75
N GLY C 457 -15.30 -41.16 10.89
CA GLY C 457 -16.27 -42.10 11.43
C GLY C 457 -16.11 -42.30 12.94
N LEU C 458 -15.44 -41.34 13.58
CA LEU C 458 -15.19 -41.41 15.00
C LEU C 458 -16.50 -41.35 15.84
N GLY C 459 -16.67 -42.32 16.71
CA GLY C 459 -17.90 -42.52 17.48
C GLY C 459 -19.06 -43.14 16.72
N SER C 460 -18.83 -43.57 15.49
CA SER C 460 -19.94 -44.10 14.68
C SER C 460 -20.28 -45.55 14.98
N GLY C 461 -19.38 -46.28 15.66
CA GLY C 461 -19.58 -47.73 15.95
C GLY C 461 -20.44 -47.95 17.18
N SER C 462 -21.02 -49.15 17.33
CA SER C 462 -21.98 -49.40 18.44
C SER C 462 -21.44 -49.19 19.87
N ASP C 463 -20.12 -49.35 20.07
CA ASP C 463 -19.47 -49.03 21.34
C ASP C 463 -18.96 -47.57 21.47
N GLY C 464 -19.09 -46.76 20.43
CA GLY C 464 -18.56 -45.40 20.46
C GLY C 464 -19.63 -44.35 20.60
N TYR C 465 -19.20 -43.15 20.95
CA TYR C 465 -20.07 -41.98 20.93
C TYR C 465 -19.23 -40.72 20.92
N ILE C 466 -19.87 -39.58 20.69
CA ILE C 466 -19.27 -38.27 20.85
C ILE C 466 -20.14 -37.44 21.76
N VAL C 467 -19.56 -36.83 22.79
CA VAL C 467 -20.27 -35.83 23.57
C VAL C 467 -19.60 -34.52 23.27
N VAL C 468 -20.40 -33.52 22.91
CA VAL C 468 -19.88 -32.17 22.71
C VAL C 468 -20.72 -31.23 23.51
N THR C 469 -20.09 -30.34 24.26
CA THR C 469 -20.87 -29.38 25.02
C THR C 469 -20.33 -28.03 24.70
N ASP C 470 -21.23 -27.06 24.69
CA ASP C 470 -20.85 -25.68 24.43
C ASP C 470 -22.01 -24.88 24.95
N ASN C 471 -21.74 -23.81 25.68
CA ASN C 471 -22.82 -23.06 26.28
C ASN C 471 -23.18 -21.79 25.57
N ASP C 472 -22.68 -21.55 24.38
CA ASP C 472 -23.02 -20.31 23.67
C ASP C 472 -23.97 -20.55 22.53
N SER C 473 -24.67 -19.47 22.18
CA SER C 473 -25.47 -19.41 20.96
C SER C 473 -24.74 -18.67 19.85
N ILE C 474 -25.16 -18.94 18.64
CA ILE C 474 -24.39 -18.58 17.45
C ILE C 474 -24.64 -17.11 17.19
N GLU C 475 -23.58 -16.34 17.07
CA GLU C 475 -23.66 -14.92 16.71
C GLU C 475 -23.17 -14.75 15.26
N LYS C 476 -23.48 -13.60 14.68
CA LYS C 476 -23.22 -13.37 13.29
C LYS C 476 -21.73 -13.43 12.93
N SER C 477 -20.87 -12.88 13.76
CA SER C 477 -19.43 -12.84 13.40
C SER C 477 -18.76 -14.22 13.40
N ASN C 478 -19.43 -15.17 14.04
CA ASN C 478 -19.01 -16.56 14.10
C ASN C 478 -19.03 -17.20 12.72
N LEU C 479 -19.90 -16.74 11.82
CA LEU C 479 -20.11 -17.43 10.54
C LEU C 479 -18.90 -17.37 9.65
N ASN C 480 -18.02 -16.39 9.91
CA ASN C 480 -16.78 -16.25 9.16
C ASN C 480 -15.77 -17.41 9.35
N ARG C 481 -15.88 -18.18 10.43
CA ARG C 481 -14.97 -19.32 10.66
C ARG C 481 -15.59 -20.56 11.33
N GLN C 482 -16.89 -20.52 11.63
CA GLN C 482 -17.58 -21.66 12.23
C GLN C 482 -18.48 -22.22 11.15
N PHE C 483 -17.85 -22.98 10.25
CA PHE C 483 -18.42 -23.20 8.90
C PHE C 483 -19.67 -24.07 8.85
N LEU C 484 -19.99 -24.73 9.97
CA LEU C 484 -21.23 -25.48 10.09
C LEU C 484 -22.48 -24.63 10.37
N PHE C 485 -22.30 -23.34 10.62
CA PHE C 485 -23.44 -22.46 10.96
C PHE C 485 -23.84 -21.59 9.77
N ARG C 486 -25.13 -21.39 9.58
CA ARG C 486 -25.65 -20.54 8.50
C ARG C 486 -26.32 -19.29 9.08
N PRO C 487 -26.50 -18.24 8.24
CA PRO C 487 -27.17 -17.04 8.76
C PRO C 487 -28.45 -17.35 9.53
N LYS C 488 -29.25 -18.30 9.05
CA LYS C 488 -30.51 -18.62 9.72
C LYS C 488 -30.35 -19.41 11.01
N ASP C 489 -29.14 -19.90 11.31
CA ASP C 489 -28.85 -20.58 12.59
C ASP C 489 -28.51 -19.59 13.72
N VAL C 490 -28.38 -18.30 13.40
CA VAL C 490 -28.01 -17.31 14.43
C VAL C 490 -29.03 -17.33 15.54
N GLY C 491 -28.56 -17.32 16.79
CA GLY C 491 -29.43 -17.30 17.97
C GLY C 491 -29.68 -18.67 18.56
N LYS C 492 -29.38 -19.72 17.78
CA LYS C 492 -29.49 -21.11 18.20
C LYS C 492 -28.25 -21.53 18.96
N ASN C 493 -28.22 -22.74 19.50
CA ASN C 493 -27.04 -23.21 20.26
C ASN C 493 -25.97 -23.87 19.40
N LYS C 494 -24.71 -23.55 19.66
CA LYS C 494 -23.63 -24.02 18.81
C LYS C 494 -23.59 -25.54 18.76
N SER C 495 -23.63 -26.19 19.92
CA SER C 495 -23.40 -27.61 19.94
C SER C 495 -24.50 -28.32 19.17
N GLU C 496 -25.74 -27.95 19.43
CA GLU C 496 -26.92 -28.60 18.81
C GLU C 496 -26.92 -28.49 17.30
N VAL C 497 -26.59 -27.32 16.78
CA VAL C 497 -26.56 -27.08 15.33
C VAL C 497 -25.39 -27.83 14.66
N ALA C 498 -24.24 -27.84 15.33
CA ALA C 498 -23.03 -28.48 14.81
C ALA C 498 -23.23 -29.96 14.69
N ALA C 499 -23.86 -30.52 15.70
CA ALA C 499 -24.12 -31.95 15.72
C ALA C 499 -25.01 -32.33 14.55
N GLU C 500 -26.10 -31.58 14.33
CA GLU C 500 -26.99 -31.84 13.18
C GLU C 500 -26.25 -31.69 11.88
N ALA C 501 -25.47 -30.61 11.75
CA ALA C 501 -24.73 -30.35 10.51
C ALA C 501 -23.82 -31.49 10.08
N VAL C 502 -23.04 -32.02 11.01
CA VAL C 502 -22.10 -33.09 10.66
C VAL C 502 -22.79 -34.42 10.44
N CYS C 503 -23.98 -34.60 10.99
CA CYS C 503 -24.77 -35.81 10.66
C CYS C 503 -25.26 -35.84 9.22
N ALA C 504 -25.53 -34.67 8.65
CA ALA C 504 -25.85 -34.58 7.24
C ALA C 504 -24.59 -34.91 6.41
N MET C 505 -23.43 -34.45 6.88
CA MET C 505 -22.14 -34.79 6.25
C MET C 505 -21.86 -36.28 6.28
N ASN C 506 -22.09 -36.93 7.41
CA ASN C 506 -21.92 -38.35 7.47
C ASN C 506 -23.04 -38.97 8.28
N PRO C 507 -24.03 -39.62 7.62
CA PRO C 507 -25.14 -40.22 8.40
C PRO C 507 -24.77 -41.38 9.33
N ASP C 508 -23.55 -41.92 9.25
CA ASP C 508 -23.09 -42.89 10.25
C ASP C 508 -23.09 -42.31 11.68
N LEU C 509 -23.06 -40.99 11.84
CA LEU C 509 -23.17 -40.41 13.17
C LEU C 509 -24.60 -40.09 13.66
N LYS C 510 -25.64 -40.47 12.89
CA LYS C 510 -27.06 -40.26 13.30
C LYS C 510 -27.18 -40.87 14.67
N GLY C 511 -27.66 -40.10 15.64
CA GLY C 511 -27.88 -40.58 17.00
C GLY C 511 -26.66 -41.01 17.80
N LYS C 512 -25.47 -40.58 17.38
CA LYS C 512 -24.21 -40.87 18.09
C LYS C 512 -23.56 -39.65 18.73
N ILE C 513 -24.08 -38.47 18.48
CA ILE C 513 -23.55 -37.27 19.06
C ILE C 513 -24.56 -36.79 20.08
N ASN C 514 -24.07 -36.55 21.28
CA ASN C 514 -24.85 -36.03 22.36
C ASN C 514 -24.42 -34.58 22.47
N ALA C 515 -25.23 -33.68 21.91
CA ALA C 515 -24.98 -32.25 22.00
C ALA C 515 -25.56 -31.68 23.29
N LYS C 516 -24.69 -31.19 24.17
CA LYS C 516 -25.08 -30.60 25.43
C LYS C 516 -24.76 -29.13 25.40
N ILE C 517 -25.35 -28.41 26.34
CA ILE C 517 -25.39 -26.95 26.39
C ILE C 517 -24.81 -26.38 27.69
N ASP C 518 -24.18 -27.24 28.45
CA ASP C 518 -23.77 -26.96 29.78
C ASP C 518 -22.37 -26.36 29.74
N LYS C 519 -22.15 -25.47 30.67
CA LYS C 519 -20.87 -24.86 30.93
C LYS C 519 -20.00 -25.83 31.73
N VAL C 520 -18.88 -26.24 31.19
CA VAL C 520 -17.91 -27.07 31.94
C VAL C 520 -17.22 -26.24 33.03
N GLY C 521 -16.99 -26.83 34.19
CA GLY C 521 -16.48 -26.10 35.34
C GLY C 521 -17.01 -26.66 36.64
N PRO C 522 -16.72 -25.96 37.77
CA PRO C 522 -17.12 -26.50 39.11
C PRO C 522 -18.63 -26.55 39.39
N GLU C 523 -19.42 -25.67 38.76
CA GLU C 523 -20.86 -25.65 39.00
C GLU C 523 -21.63 -26.74 38.24
N THR C 524 -20.97 -27.47 37.31
CA THR C 524 -21.59 -28.60 36.56
C THR C 524 -21.02 -30.03 36.83
N GLU C 525 -20.33 -30.23 37.96
CA GLU C 525 -19.71 -31.55 38.25
C GLU C 525 -20.75 -32.61 38.60
N GLU C 526 -21.94 -32.16 39.00
CA GLU C 526 -23.08 -33.06 39.24
C GLU C 526 -23.51 -33.71 37.90
N ILE C 527 -23.39 -32.98 36.79
CA ILE C 527 -23.62 -33.54 35.43
C ILE C 527 -22.40 -34.31 34.91
N PHE C 528 -21.27 -33.61 34.79
CA PHE C 528 -20.02 -34.18 34.27
C PHE C 528 -19.25 -34.79 35.43
N ASN C 529 -19.71 -35.99 35.81
CA ASN C 529 -19.41 -36.62 37.08
C ASN C 529 -18.50 -37.82 36.90
N ASP C 530 -18.18 -38.51 38.01
CA ASP C 530 -17.26 -39.64 37.93
C ASP C 530 -17.61 -40.56 36.75
N SER C 531 -18.86 -40.95 36.68
CA SER C 531 -19.28 -41.90 35.68
C SER C 531 -19.11 -41.40 34.25
N PHE C 532 -19.43 -40.13 34.02
CA PHE C 532 -19.28 -39.51 32.73
C PHE C 532 -17.84 -39.55 32.18
N TRP C 533 -16.91 -39.05 32.99
CA TRP C 533 -15.50 -38.95 32.64
C TRP C 533 -14.83 -40.32 32.53
N GLU C 534 -15.11 -41.21 33.48
CA GLU C 534 -14.50 -42.57 33.51
C GLU C 534 -14.81 -43.41 32.29
N SER C 535 -15.95 -43.16 31.65
CA SER C 535 -16.35 -43.89 30.45
C SER C 535 -15.60 -43.51 29.19
N LEU C 536 -14.99 -42.34 29.18
CA LEU C 536 -14.38 -41.80 27.95
C LEU C 536 -13.06 -42.45 27.62
N ASP C 537 -12.70 -42.49 26.34
CA ASP C 537 -11.36 -42.86 25.92
C ASP C 537 -10.45 -41.66 25.99
N PHE C 538 -10.87 -40.51 25.48
CA PHE C 538 -10.05 -39.30 25.60
C PHE C 538 -10.91 -38.03 25.51
N VAL C 539 -10.27 -36.87 25.67
CA VAL C 539 -10.96 -35.56 25.73
C VAL C 539 -10.23 -34.61 24.79
N THR C 540 -10.99 -33.76 24.10
CA THR C 540 -10.43 -32.77 23.20
C THR C 540 -11.00 -31.41 23.55
N ASN C 541 -10.13 -30.42 23.69
CA ASN C 541 -10.51 -29.02 24.01
C ASN C 541 -10.72 -28.27 22.71
N ALA C 542 -11.75 -27.44 22.69
CA ALA C 542 -11.94 -26.49 21.62
C ALA C 542 -12.38 -25.18 22.27
N LEU C 543 -11.53 -24.69 23.17
CA LEU C 543 -11.87 -23.61 24.07
C LEU C 543 -11.25 -22.28 23.67
N ASP C 544 -11.78 -21.24 24.29
CA ASP C 544 -11.38 -19.87 24.00
C ASP C 544 -10.83 -19.12 25.20
N ASN C 545 -10.54 -19.82 26.30
CA ASN C 545 -9.91 -19.20 27.43
C ASN C 545 -9.14 -20.15 28.31
N VAL C 546 -8.22 -19.56 29.07
CA VAL C 546 -7.19 -20.29 29.77
C VAL C 546 -7.80 -21.05 30.93
N ASP C 547 -8.67 -20.40 31.67
CA ASP C 547 -9.22 -21.00 32.87
C ASP C 547 -9.95 -22.29 32.57
N ALA C 548 -10.65 -22.33 31.45
CA ALA C 548 -11.32 -23.56 31.05
C ALA C 548 -10.37 -24.67 30.70
N ARG C 549 -9.31 -24.33 29.96
CA ARG C 549 -8.23 -25.27 29.70
C ARG C 549 -7.58 -25.81 31.00
N THR C 550 -7.28 -24.92 31.94
CA THR C 550 -6.78 -25.35 33.21
C THR C 550 -7.74 -26.33 33.89
N TYR C 551 -9.04 -26.09 33.81
CA TYR C 551 -10.02 -26.94 34.53
C TYR C 551 -10.09 -28.31 33.90
N VAL C 552 -10.27 -28.37 32.59
CA VAL C 552 -10.31 -29.67 31.90
C VAL C 552 -9.01 -30.46 32.15
N ASP C 553 -7.89 -29.74 32.16
CA ASP C 553 -6.59 -30.36 32.43
C ASP C 553 -6.57 -31.05 33.78
N ARG C 554 -6.95 -30.34 34.83
CA ARG C 554 -7.03 -30.87 36.20
C ARG C 554 -7.84 -32.17 36.27
N ARG C 555 -8.93 -32.26 35.49
CA ARG C 555 -9.85 -33.40 35.50
C ARG C 555 -9.35 -34.57 34.69
N CYS C 556 -8.79 -34.25 33.52
CA CYS C 556 -8.03 -35.23 32.76
C CYS C 556 -6.92 -35.88 33.61
N VAL C 557 -6.22 -35.11 34.44
CA VAL C 557 -5.23 -35.70 35.34
C VAL C 557 -5.92 -36.63 36.32
N PHE C 558 -6.95 -36.12 37.00
CA PHE C 558 -7.64 -36.87 38.03
C PHE C 558 -8.24 -38.17 37.46
N TYR C 559 -8.93 -38.11 36.35
CA TYR C 559 -9.51 -39.32 35.76
C TYR C 559 -8.58 -40.09 34.83
N ARG C 560 -7.35 -39.64 34.65
CA ARG C 560 -6.35 -40.32 33.81
C ARG C 560 -6.79 -40.56 32.38
N LYS C 561 -7.10 -39.47 31.72
CA LYS C 561 -7.55 -39.48 30.38
C LYS C 561 -6.66 -38.60 29.51
N PRO C 562 -6.31 -39.07 28.30
CA PRO C 562 -5.54 -38.21 27.43
C PRO C 562 -6.35 -36.98 27.07
N LEU C 563 -5.64 -35.88 26.83
CA LEU C 563 -6.24 -34.61 26.44
C LEU C 563 -5.56 -34.09 25.18
N LEU C 564 -6.34 -33.75 24.16
CA LEU C 564 -5.83 -33.07 22.96
C LEU C 564 -6.16 -31.58 23.07
N GLU C 565 -5.13 -30.74 23.17
CA GLU C 565 -5.28 -29.31 23.40
C GLU C 565 -4.84 -28.55 22.14
N SER C 566 -5.54 -27.47 21.83
CA SER C 566 -5.11 -26.54 20.77
C SER C 566 -5.61 -25.12 21.00
N GLY C 567 -5.00 -24.20 20.27
CA GLY C 567 -5.33 -22.78 20.39
C GLY C 567 -4.87 -21.98 19.17
N THR C 568 -5.48 -20.81 18.97
CA THR C 568 -5.14 -19.90 17.85
C THR C 568 -5.16 -18.46 18.33
N LEU C 569 -4.52 -17.59 17.55
CA LEU C 569 -4.58 -16.15 17.70
C LEU C 569 -4.14 -15.64 16.32
N GLY C 570 -5.10 -15.28 15.50
CA GLY C 570 -4.83 -14.87 14.10
C GLY C 570 -4.21 -16.01 13.30
N THR C 571 -3.01 -15.75 12.79
CA THR C 571 -2.26 -16.75 12.01
C THR C 571 -1.41 -17.70 12.87
N LYS C 572 -1.34 -17.43 14.17
CA LYS C 572 -0.57 -18.24 15.10
C LYS C 572 -1.41 -19.32 15.70
N GLY C 573 -0.78 -20.45 15.99
CA GLY C 573 -1.51 -21.57 16.54
C GLY C 573 -0.62 -22.52 17.25
N ASN C 574 -1.23 -23.44 17.96
CA ASN C 574 -0.47 -24.47 18.68
C ASN C 574 -1.31 -25.66 19.07
N THR C 575 -0.64 -26.82 19.15
CA THR C 575 -1.25 -28.04 19.64
C THR C 575 -0.40 -28.58 20.75
N GLN C 576 -1.05 -29.31 21.65
CA GLN C 576 -0.39 -29.99 22.77
C GLN C 576 -1.11 -31.28 23.15
N VAL C 577 -0.34 -32.31 23.49
CA VAL C 577 -0.89 -33.60 23.88
C VAL C 577 -0.51 -33.85 25.32
N ILE C 578 -1.50 -34.29 26.10
CA ILE C 578 -1.30 -34.66 27.49
C ILE C 578 -1.61 -36.15 27.54
N ILE C 579 -0.61 -36.98 27.79
CA ILE C 579 -0.81 -38.43 27.84
C ILE C 579 -0.68 -38.97 29.29
N PRO C 580 -1.70 -39.68 29.81
CA PRO C 580 -1.58 -40.23 31.16
C PRO C 580 -0.36 -41.08 31.35
N ARG C 581 0.27 -40.91 32.50
CA ARG C 581 1.48 -41.61 32.90
C ARG C 581 2.72 -41.32 32.04
N LEU C 582 2.69 -40.29 31.21
CA LEU C 582 3.80 -40.06 30.28
C LEU C 582 4.32 -38.62 30.25
N THR C 583 3.44 -37.68 29.96
CA THR C 583 3.82 -36.31 29.75
C THR C 583 3.39 -35.42 30.86
N GLU C 584 4.00 -34.26 30.86
CA GLU C 584 3.46 -33.13 31.53
C GLU C 584 2.06 -32.82 31.10
N SER C 585 1.34 -32.12 31.95
CA SER C 585 0.00 -31.64 31.60
C SER C 585 0.05 -30.14 31.23
N TYR C 586 -1.05 -29.63 30.69
CA TYR C 586 -1.18 -28.23 30.34
C TYR C 586 -0.76 -27.32 31.53
N SER C 587 -1.38 -27.51 32.69
CA SER C 587 -1.06 -26.78 33.96
C SER C 587 0.41 -26.77 34.40
N SER C 588 1.21 -27.72 33.90
CA SER C 588 2.62 -27.81 34.26
C SER C 588 3.51 -26.61 33.85
N SER C 589 3.11 -25.79 32.88
CA SER C 589 3.95 -24.68 32.39
C SER C 589 3.18 -23.37 32.46
N ARG C 590 3.86 -22.24 32.76
CA ARG C 590 3.23 -20.89 32.79
C ARG C 590 3.24 -20.26 31.38
N ASP C 591 2.17 -19.56 31.07
CA ASP C 591 2.15 -18.67 29.91
C ASP C 591 2.32 -17.21 30.38
N PRO C 592 2.77 -16.29 29.48
CA PRO C 592 2.92 -14.87 29.89
C PRO C 592 1.62 -14.26 30.40
N PRO C 593 1.63 -13.62 31.59
CA PRO C 593 0.36 -13.12 32.09
C PRO C 593 -0.11 -11.83 31.39
N GLU C 594 -1.38 -11.51 31.56
CA GLU C 594 -1.91 -10.17 31.25
C GLU C 594 -1.19 -9.13 32.14
N LYS C 595 -0.44 -8.22 31.53
CA LYS C 595 0.07 -7.01 32.26
C LYS C 595 -1.10 -6.04 32.58
N SER C 596 -1.11 -5.51 33.79
CA SER C 596 -2.14 -4.55 34.17
C SER C 596 -1.53 -3.16 34.08
N ILE C 597 -2.37 -2.18 33.76
CA ILE C 597 -1.96 -0.79 33.70
C ILE C 597 -1.99 -0.22 35.12
N PRO C 598 -0.95 0.56 35.55
CA PRO C 598 -1.04 1.16 36.90
C PRO C 598 -2.24 2.07 37.08
N LEU C 599 -2.73 2.18 38.30
CA LEU C 599 -3.98 2.92 38.58
C LEU C 599 -3.82 4.43 38.38
N CYS C 600 -2.67 4.96 38.77
CA CYS C 600 -2.40 6.40 38.57
C CYS C 600 -2.23 6.81 37.11
N THR C 601 -1.65 5.94 36.30
CA THR C 601 -1.58 6.15 34.85
C THR C 601 -3.01 6.30 34.29
N LEU C 602 -3.90 5.37 34.63
CA LEU C 602 -5.29 5.44 34.18
C LEU C 602 -6.03 6.70 34.62
N ARG C 603 -5.97 6.96 35.92
CA ARG C 603 -6.76 7.99 36.57
C ARG C 603 -6.30 9.40 36.20
N SER C 604 -4.99 9.64 36.09
CA SER C 604 -4.45 11.00 35.87
C SER C 604 -3.42 11.22 34.73
N PHE C 605 -2.64 10.20 34.35
CA PHE C 605 -1.47 10.41 33.45
C PHE C 605 -1.38 9.42 32.30
N PRO C 606 -2.41 9.38 31.43
CA PRO C 606 -2.38 8.50 30.29
C PRO C 606 -1.50 9.03 29.19
N ASN C 607 -0.96 8.11 28.40
CA ASN C 607 -0.20 8.40 27.20
C ASN C 607 -0.45 7.45 26.01
N LYS C 608 -1.39 6.53 26.12
CA LYS C 608 -1.72 5.61 25.03
C LYS C 608 -3.23 5.54 24.91
N ILE C 609 -3.74 5.28 23.73
CA ILE C 609 -5.16 5.12 23.59
C ILE C 609 -5.69 3.96 24.47
N ASP C 610 -4.88 2.93 24.70
CA ASP C 610 -5.28 1.81 25.58
C ASP C 610 -5.68 2.31 26.97
N HIS C 611 -5.07 3.41 27.38
CA HIS C 611 -5.35 3.99 28.68
C HIS C 611 -6.66 4.75 28.69
N THR C 612 -6.88 5.57 27.68
CA THR C 612 -8.11 6.32 27.59
C THR C 612 -9.29 5.35 27.37
N ILE C 613 -9.10 4.28 26.61
CA ILE C 613 -10.18 3.29 26.45
C ILE C 613 -10.52 2.55 27.79
N ALA C 614 -9.51 2.10 28.51
CA ALA C 614 -9.72 1.51 29.82
C ALA C 614 -10.54 2.46 30.72
N TRP C 615 -10.15 3.71 30.77
CA TRP C 615 -10.77 4.69 31.62
C TRP C 615 -12.19 4.92 31.23
N ALA C 616 -12.39 5.08 29.93
CA ALA C 616 -13.72 5.29 29.37
C ALA C 616 -14.61 4.07 29.57
N LYS C 617 -14.07 2.86 29.42
CA LYS C 617 -14.85 1.66 29.70
C LYS C 617 -15.33 1.59 31.15
N SER C 618 -14.52 2.04 32.09
CA SER C 618 -14.93 2.06 33.47
C SER C 618 -16.03 3.05 33.67
N LEU C 619 -15.83 4.25 33.13
CA LEU C 619 -16.81 5.32 33.24
C LEU C 619 -18.17 4.89 32.73
N PHE C 620 -18.18 4.15 31.63
CA PHE C 620 -19.36 3.48 31.12
C PHE C 620 -20.00 2.53 32.12
N GLN C 621 -19.26 1.56 32.66
CA GLN C 621 -19.76 0.69 33.75
C GLN C 621 -20.45 1.51 34.84
N GLY C 622 -19.77 2.54 35.32
CA GLY C 622 -20.25 3.32 36.44
C GLY C 622 -21.44 4.23 36.16
N TYR C 623 -21.41 4.92 35.04
CA TYR C 623 -22.52 5.77 34.64
C TYR C 623 -23.80 4.96 34.40
N PHE C 624 -23.71 3.83 33.67
CA PHE C 624 -24.92 3.15 33.13
C PHE C 624 -25.21 1.73 33.62
N THR C 625 -24.32 1.13 34.41
CA THR C 625 -24.56 -0.20 35.01
C THR C 625 -24.56 -0.13 36.55
N ASP C 626 -23.42 0.25 37.15
CA ASP C 626 -23.23 0.25 38.62
C ASP C 626 -24.10 1.21 39.40
N SER C 627 -24.20 2.42 38.91
CA SER C 627 -25.03 3.42 39.57
C SER C 627 -26.53 3.04 39.59
N ALA C 628 -26.97 2.25 38.61
CA ALA C 628 -28.36 1.80 38.53
C ALA C 628 -28.59 0.62 39.46
N GLU C 629 -27.67 -0.33 39.46
CA GLU C 629 -27.76 -1.48 40.37
C GLU C 629 -27.72 -1.02 41.83
N ASN C 630 -26.94 0.03 42.08
CA ASN C 630 -26.84 0.61 43.43
C ASN C 630 -28.09 1.32 43.85
N VAL C 631 -28.69 2.07 42.94
CA VAL C 631 -29.96 2.69 43.25
C VAL C 631 -31.00 1.63 43.56
N ASN C 632 -31.05 0.55 42.78
CA ASN C 632 -32.08 -0.47 42.98
C ASN C 632 -31.90 -1.23 44.29
N MET C 633 -30.66 -1.52 44.64
CA MET C 633 -30.36 -2.08 45.95
C MET C 633 -30.79 -1.14 47.10
N TYR C 634 -30.46 0.14 47.00
CA TYR C 634 -30.82 1.14 48.03
C TYR C 634 -32.34 1.29 48.24
N LEU C 635 -33.11 1.23 47.15
CA LEU C 635 -34.56 1.32 47.25
C LEU C 635 -35.25 0.05 47.75
N THR C 636 -34.60 -1.09 47.58
CA THR C 636 -35.16 -2.40 47.95
C THR C 636 -34.55 -3.03 49.22
N GLN C 637 -33.39 -2.55 49.67
CA GLN C 637 -32.72 -3.08 50.89
C GLN C 637 -32.65 -2.00 51.98
N PRO C 638 -33.55 -2.07 52.95
CA PRO C 638 -33.53 -1.09 54.03
C PRO C 638 -32.20 -1.00 54.76
N ASN C 639 -31.41 -2.09 54.77
CA ASN C 639 -30.11 -2.09 55.44
C ASN C 639 -28.91 -1.79 54.56
N PHE C 640 -29.15 -1.26 53.36
CA PHE C 640 -28.10 -1.02 52.36
C PHE C 640 -27.02 -0.06 52.81
N VAL C 641 -27.44 1.06 53.36
CA VAL C 641 -26.50 2.10 53.77
C VAL C 641 -25.65 1.57 54.92
N GLU C 642 -26.27 0.94 55.92
CA GLU C 642 -25.51 0.33 57.02
C GLU C 642 -24.56 -0.77 56.50
N GLN C 643 -25.00 -1.53 55.48
CA GLN C 643 -24.15 -2.55 54.81
C GLN C 643 -22.95 -1.95 54.08
N THR C 644 -23.21 -0.91 53.30
CA THR C 644 -22.17 -0.28 52.47
C THR C 644 -21.07 0.33 53.32
N LEU C 645 -21.47 1.11 54.33
CA LEU C 645 -20.54 1.69 55.33
C LEU C 645 -19.51 0.73 55.92
N LYS C 646 -19.87 -0.55 56.10
CA LYS C 646 -19.00 -1.50 56.77
C LYS C 646 -18.47 -2.63 55.90
N GLN C 647 -18.73 -2.60 54.59
CA GLN C 647 -18.21 -3.64 53.68
C GLN C 647 -17.87 -3.09 52.29
N SER C 648 -17.42 -1.85 52.21
CA SER C 648 -16.93 -1.29 50.95
C SER C 648 -15.60 -0.59 51.21
N GLY C 649 -14.64 -0.76 50.30
CA GLY C 649 -13.42 0.05 50.30
C GLY C 649 -13.79 1.47 49.91
N ASP C 650 -14.44 1.58 48.74
CA ASP C 650 -15.05 2.82 48.23
C ASP C 650 -16.50 3.02 48.73
N VAL C 651 -16.64 3.76 49.83
CA VAL C 651 -17.93 4.04 50.44
C VAL C 651 -18.52 5.27 49.79
N LYS C 652 -17.74 6.35 49.78
CA LYS C 652 -18.15 7.66 49.25
C LYS C 652 -18.59 7.64 47.79
N GLY C 653 -17.95 6.78 47.00
CA GLY C 653 -18.28 6.64 45.59
C GLY C 653 -19.70 6.18 45.42
N VAL C 654 -20.04 5.11 46.15
CA VAL C 654 -21.38 4.50 46.11
C VAL C 654 -22.48 5.48 46.57
N LEU C 655 -22.25 6.21 47.66
CA LEU C 655 -23.26 7.12 48.19
C LEU C 655 -23.49 8.34 47.29
N GLU C 656 -22.41 8.90 46.75
CA GLU C 656 -22.54 9.97 45.73
C GLU C 656 -23.30 9.46 44.51
N SER C 657 -23.00 8.23 44.09
CA SER C 657 -23.68 7.62 42.93
C SER C 657 -25.21 7.56 43.10
N ILE C 658 -25.67 7.27 44.32
CA ILE C 658 -27.09 7.27 44.61
C ILE C 658 -27.63 8.71 44.70
N SER C 659 -26.93 9.58 45.43
CA SER C 659 -27.34 10.98 45.59
C SER C 659 -27.52 11.68 44.26
N ASP C 660 -26.47 11.59 43.43
CA ASP C 660 -26.48 12.06 42.02
C ASP C 660 -27.65 11.41 41.24
N SER C 661 -27.76 10.09 41.31
CA SER C 661 -28.76 9.37 40.49
C SER C 661 -30.19 9.80 40.75
N LEU C 662 -30.47 10.24 41.97
CA LEU C 662 -31.81 10.60 42.41
C LEU C 662 -32.12 12.11 42.51
N SER C 663 -31.10 12.98 42.53
CA SER C 663 -31.35 14.45 42.51
C SER C 663 -31.43 15.06 41.10
N SER C 664 -30.68 14.53 40.14
CA SER C 664 -30.74 15.02 38.75
C SER C 664 -31.90 14.36 37.91
N LYS C 665 -32.95 13.78 38.52
CA LYS C 665 -33.82 12.85 37.76
C LYS C 665 -34.38 13.48 36.48
N PRO C 666 -34.07 12.89 35.30
CA PRO C 666 -34.54 13.49 34.07
C PRO C 666 -35.99 13.15 33.81
N HIS C 667 -36.72 14.08 33.19
CA HIS C 667 -38.13 13.89 32.84
C HIS C 667 -38.37 13.65 31.34
N ASN C 668 -37.37 13.98 30.52
CA ASN C 668 -37.47 13.83 29.06
C ASN C 668 -36.06 13.68 28.47
N PHE C 669 -36.00 13.54 27.16
CA PHE C 669 -34.72 13.34 26.50
C PHE C 669 -33.86 14.60 26.58
N GLU C 670 -34.51 15.76 26.49
CA GLU C 670 -33.86 17.07 26.67
C GLU C 670 -33.01 17.09 27.94
N ASP C 671 -33.55 16.59 29.05
CA ASP C 671 -32.80 16.50 30.32
C ASP C 671 -31.60 15.53 30.25
N CYS C 672 -31.75 14.42 29.54
CA CYS C 672 -30.61 13.52 29.30
C CYS C 672 -29.46 14.17 28.50
N ILE C 673 -29.81 14.98 27.50
CA ILE C 673 -28.81 15.72 26.68
C ILE C 673 -28.05 16.68 27.58
N LYS C 674 -28.79 17.47 28.36
CA LYS C 674 -28.23 18.38 29.38
C LYS C 674 -27.23 17.70 30.33
N TRP C 675 -27.67 16.60 30.96
CA TRP C 675 -26.83 15.80 31.83
C TRP C 675 -25.53 15.43 31.14
N ALA C 676 -25.64 14.89 29.92
CA ALA C 676 -24.46 14.46 29.18
C ALA C 676 -23.50 15.61 28.87
N ARG C 677 -24.05 16.77 28.49
CA ARG C 677 -23.22 17.97 28.27
C ARG C 677 -22.54 18.46 29.55
N LEU C 678 -23.25 18.38 30.69
CA LEU C 678 -22.62 18.68 31.99
C LEU C 678 -21.54 17.66 32.38
N GLU C 679 -21.70 16.39 32.02
CA GLU C 679 -20.64 15.41 32.24
C GLU C 679 -19.44 15.70 31.36
N PHE C 680 -19.64 16.15 30.13
CA PHE C 680 -18.54 16.56 29.27
C PHE C 680 -17.72 17.65 29.94
N GLU C 681 -18.38 18.70 30.43
CA GLU C 681 -17.69 19.74 31.15
C GLU C 681 -16.96 19.19 32.39
N LYS C 682 -17.58 18.28 33.15
CA LYS C 682 -16.89 17.72 34.31
C LYS C 682 -15.61 16.98 33.96
N LYS C 683 -15.70 16.06 33.01
CA LYS C 683 -14.63 15.11 32.77
C LYS C 683 -13.51 15.66 31.93
N PHE C 684 -13.87 16.42 30.89
CA PHE C 684 -12.91 16.91 29.92
C PHE C 684 -12.52 18.40 30.11
N ASN C 685 -13.22 19.13 31.01
CA ASN C 685 -12.92 20.54 31.36
C ASN C 685 -12.55 20.78 32.84
N HIS C 686 -13.49 20.60 33.77
CA HIS C 686 -13.23 20.88 35.20
C HIS C 686 -12.16 19.98 35.84
N ASP C 687 -12.25 18.66 35.63
CA ASP C 687 -11.28 17.70 36.22
C ASP C 687 -9.87 17.97 35.72
N ILE C 688 -9.77 18.44 34.49
CA ILE C 688 -8.49 18.74 33.88
C ILE C 688 -7.91 20.03 34.47
N LYS C 689 -8.76 21.06 34.57
CA LYS C 689 -8.37 22.32 35.23
C LYS C 689 -8.03 22.15 36.72
N GLN C 690 -8.65 21.16 37.36
CA GLN C 690 -8.31 20.73 38.72
C GLN C 690 -6.92 20.08 38.79
N LEU C 691 -6.66 19.14 37.90
CA LEU C 691 -5.37 18.48 37.84
C LEU C 691 -4.25 19.48 37.57
N LEU C 692 -4.55 20.48 36.76
CA LEU C 692 -3.58 21.53 36.43
C LEU C 692 -3.42 22.57 37.53
N PHE C 693 -4.45 22.75 38.35
CA PHE C 693 -4.35 23.57 39.57
C PHE C 693 -3.34 22.96 40.54
N ASN C 694 -3.39 21.64 40.74
CA ASN C 694 -2.42 20.93 41.60
C ASN C 694 -1.06 20.83 40.96
N PHE C 695 -1.04 20.59 39.66
CA PHE C 695 0.20 20.43 38.92
C PHE C 695 0.20 21.30 37.67
N PRO C 696 0.50 22.61 37.82
CA PRO C 696 0.66 23.52 36.68
C PRO C 696 1.64 23.03 35.59
N LYS C 697 1.37 23.43 34.34
CA LYS C 697 2.21 23.14 33.14
C LYS C 697 3.72 23.07 33.46
N ASP C 698 4.17 24.08 34.20
CA ASP C 698 5.57 24.31 34.55
C ASP C 698 5.90 23.91 36.03
N ALA C 699 5.14 23.00 36.63
CA ALA C 699 5.40 22.59 38.02
C ALA C 699 6.67 21.76 38.10
N LYS C 700 7.33 21.80 39.27
CA LYS C 700 8.56 21.01 39.53
C LYS C 700 8.33 20.02 40.72
N THR C 701 9.26 19.08 40.95
CA THR C 701 9.18 18.10 42.07
C THR C 701 10.36 18.31 43.03
N SER C 702 10.42 17.53 44.12
CA SER C 702 11.46 17.69 45.19
C SER C 702 12.89 17.85 44.70
N ASN C 703 13.26 17.16 43.63
CA ASN C 703 14.59 17.34 42.99
C ASN C 703 14.75 18.65 42.19
N GLY C 704 13.63 19.30 41.85
CA GLY C 704 13.63 20.53 41.04
C GLY C 704 13.54 20.32 39.52
N GLU C 705 13.07 19.14 39.08
CA GLU C 705 12.95 18.78 37.65
C GLU C 705 11.50 18.86 37.26
N PRO C 706 11.20 19.01 35.95
CA PRO C 706 9.81 19.25 35.56
C PRO C 706 8.87 18.05 35.77
N PHE C 707 7.76 18.31 36.46
CA PHE C 707 6.72 17.32 36.76
C PHE C 707 6.14 16.61 35.54
N TRP C 708 5.88 17.36 34.47
CA TRP C 708 5.34 16.82 33.23
C TRP C 708 6.48 16.53 32.26
N SER C 709 6.90 15.26 32.21
CA SER C 709 7.97 14.75 31.31
C SER C 709 7.81 13.22 31.19
N GLY C 710 8.37 12.60 30.16
CA GLY C 710 8.17 11.16 29.91
C GLY C 710 6.71 10.76 29.74
N ALA C 711 6.26 9.74 30.47
CA ALA C 711 4.86 9.28 30.44
C ALA C 711 3.78 10.35 30.77
N LYS C 712 4.19 11.50 31.32
CA LYS C 712 3.27 12.52 31.78
C LYS C 712 3.21 13.63 30.75
N ARG C 713 2.02 13.75 30.17
CA ARG C 713 1.73 14.68 29.11
C ARG C 713 0.77 15.75 29.68
N ALA C 714 1.18 17.02 29.67
CA ALA C 714 0.35 18.07 30.26
C ALA C 714 -0.94 18.23 29.45
N PRO C 715 -2.10 18.01 30.10
CA PRO C 715 -3.39 18.11 29.39
C PRO C 715 -3.89 19.56 29.10
N THR C 716 -4.79 19.73 28.13
CA THR C 716 -5.51 20.98 27.97
C THR C 716 -6.98 20.68 28.12
N PRO C 717 -7.71 21.56 28.82
CA PRO C 717 -9.15 21.36 28.90
C PRO C 717 -9.82 21.52 27.54
N LEU C 718 -10.90 20.79 27.37
CA LEU C 718 -11.67 20.85 26.14
C LEU C 718 -12.70 21.94 26.19
N GLU C 719 -12.87 22.63 25.07
CA GLU C 719 -13.94 23.59 24.91
C GLU C 719 -14.92 22.89 23.98
N PHE C 720 -16.07 22.52 24.52
CA PHE C 720 -17.05 21.73 23.76
C PHE C 720 -17.34 22.34 22.38
N ASP C 721 -17.44 21.48 21.38
CA ASP C 721 -17.52 21.89 19.98
C ASP C 721 -18.35 20.80 19.30
N ILE C 722 -19.65 21.06 19.12
CA ILE C 722 -20.54 20.00 18.61
C ILE C 722 -20.17 19.50 17.19
N TYR C 723 -19.39 20.29 16.47
CA TYR C 723 -18.92 19.87 15.17
C TYR C 723 -17.77 18.86 15.26
N ASN C 724 -17.08 18.84 16.40
CA ASN C 724 -16.13 17.79 16.66
C ASN C 724 -16.85 16.47 16.87
N ASN C 725 -16.46 15.45 16.13
CA ASN C 725 -17.17 14.19 16.13
C ASN C 725 -17.27 13.55 17.49
N ASP C 726 -16.17 13.60 18.23
CA ASP C 726 -16.11 12.91 19.52
C ASP C 726 -16.95 13.62 20.59
N HIS C 727 -16.98 14.94 20.53
CA HIS C 727 -17.74 15.75 21.47
C HIS C 727 -19.21 15.47 21.21
N PHE C 728 -19.59 15.50 19.95
CA PHE C 728 -20.98 15.21 19.56
C PHE C 728 -21.45 13.85 20.05
N HIS C 729 -20.66 12.82 19.76
CA HIS C 729 -21.09 11.44 20.04
C HIS C 729 -21.03 11.12 21.52
N PHE C 730 -20.12 11.78 22.24
CA PHE C 730 -20.14 11.66 23.68
C PHE C 730 -21.50 12.07 24.21
N VAL C 731 -22.01 13.20 23.71
CA VAL C 731 -23.30 13.70 24.18
C VAL C 731 -24.47 12.84 23.65
N VAL C 732 -24.44 12.44 22.38
CA VAL C 732 -25.51 11.60 21.83
C VAL C 732 -25.61 10.29 22.58
N ALA C 733 -24.45 9.64 22.78
CA ALA C 733 -24.42 8.30 23.36
C ALA C 733 -24.77 8.39 24.82
N GLY C 734 -24.16 9.34 25.52
CA GLY C 734 -24.42 9.59 26.95
C GLY C 734 -25.90 9.83 27.24
N ALA C 735 -26.48 10.76 26.52
CA ALA C 735 -27.91 11.01 26.61
C ALA C 735 -28.78 9.78 26.31
N SER C 736 -28.40 8.99 25.30
CA SER C 736 -29.24 7.85 24.88
C SER C 736 -29.18 6.73 25.95
N LEU C 737 -28.03 6.56 26.58
CA LEU C 737 -27.85 5.53 27.60
C LEU C 737 -28.51 5.90 28.91
N ARG C 738 -28.31 7.14 29.32
CA ARG C 738 -28.99 7.74 30.45
C ARG C 738 -30.48 7.60 30.28
N ALA C 739 -31.00 7.93 29.11
CA ALA C 739 -32.44 7.76 28.84
C ALA C 739 -32.89 6.31 29.05
N TYR C 740 -32.08 5.35 28.59
CA TYR C 740 -32.36 3.95 28.78
C TYR C 740 -32.42 3.60 30.29
N ASN C 741 -31.49 4.13 31.09
CA ASN C 741 -31.49 3.90 32.55
C ASN C 741 -32.80 4.34 33.19
N TYR C 742 -33.30 5.50 32.78
CA TYR C 742 -34.45 6.13 33.43
C TYR C 742 -35.77 5.83 32.73
N GLY C 743 -35.74 4.96 31.72
CA GLY C 743 -36.97 4.55 31.04
C GLY C 743 -37.60 5.57 30.08
N ILE C 744 -36.78 6.53 29.60
CA ILE C 744 -37.22 7.61 28.72
C ILE C 744 -37.00 7.24 27.26
N LYS C 745 -37.98 7.53 26.40
CA LYS C 745 -37.84 7.28 24.95
C LYS C 745 -36.88 8.30 24.30
N SER C 746 -35.92 7.81 23.50
CA SER C 746 -35.03 8.68 22.71
C SER C 746 -35.80 9.40 21.57
N ASP C 747 -35.33 10.60 21.20
CA ASP C 747 -35.60 11.16 19.85
C ASP C 747 -34.81 10.33 18.79
N ASP C 748 -33.69 9.73 19.25
CA ASP C 748 -32.83 8.77 18.49
C ASP C 748 -33.29 7.29 18.26
N SER C 749 -34.28 6.77 19.01
CA SER C 749 -34.51 5.29 19.06
C SER C 749 -34.94 4.56 17.76
N ASN C 750 -35.40 5.30 16.75
CA ASN C 750 -35.46 4.73 15.39
C ASN C 750 -35.19 5.73 14.25
N SER C 751 -34.19 6.59 14.47
CA SER C 751 -33.59 7.45 13.42
C SER C 751 -32.19 7.95 13.84
N LYS C 752 -31.55 8.76 12.97
CA LYS C 752 -30.23 9.39 13.25
C LYS C 752 -30.26 10.55 14.27
N PRO C 753 -29.15 10.76 15.01
CA PRO C 753 -29.06 11.98 15.79
C PRO C 753 -28.81 13.18 14.90
N ASN C 754 -29.49 14.28 15.22
CA ASN C 754 -29.42 15.53 14.46
C ASN C 754 -28.63 16.61 15.18
N VAL C 755 -27.60 17.11 14.53
CA VAL C 755 -26.69 18.08 15.16
C VAL C 755 -27.39 19.35 15.62
N ASP C 756 -28.23 19.95 14.77
CA ASP C 756 -28.91 21.19 15.13
C ASP C 756 -29.86 21.01 16.30
N GLU C 757 -30.48 19.82 16.40
CA GLU C 757 -31.41 19.52 17.50
C GLU C 757 -30.69 19.57 18.85
N TYR C 758 -29.54 18.88 18.94
CA TYR C 758 -28.71 18.87 20.16
C TYR C 758 -28.11 20.22 20.42
N LYS C 759 -27.76 20.92 19.35
CA LYS C 759 -27.12 22.20 19.47
C LYS C 759 -28.08 23.18 20.12
N SER C 760 -29.34 23.19 19.69
CA SER C 760 -30.34 24.13 20.26
C SER C 760 -30.69 23.87 21.74
N VAL C 761 -30.44 22.67 22.24
CA VAL C 761 -30.54 22.40 23.67
C VAL C 761 -29.30 22.92 24.38
N ILE C 762 -28.13 22.54 23.88
CA ILE C 762 -26.87 22.92 24.52
C ILE C 762 -26.58 24.44 24.49
N ASP C 763 -26.96 25.10 23.40
CA ASP C 763 -26.77 26.54 23.26
C ASP C 763 -27.55 27.34 24.31
N HIS C 764 -28.70 26.81 24.75
CA HIS C 764 -29.51 27.49 25.76
C HIS C 764 -29.13 27.12 27.22
N MET C 765 -28.03 26.41 27.46
CA MET C 765 -27.67 25.98 28.83
C MET C 765 -26.75 26.96 29.54
N ILE C 766 -26.91 27.10 30.85
CA ILE C 766 -25.87 27.74 31.71
C ILE C 766 -24.91 26.61 32.09
N ILE C 767 -23.67 26.69 31.61
CA ILE C 767 -22.59 25.75 31.95
C ILE C 767 -21.86 26.37 33.13
N PRO C 768 -21.88 25.74 34.34
CA PRO C 768 -21.30 26.47 35.47
C PRO C 768 -19.77 26.56 35.39
N GLU C 769 -19.24 27.75 35.63
CA GLU C 769 -17.81 28.00 35.62
C GLU C 769 -17.07 27.11 36.61
N PHE C 770 -15.80 26.83 36.31
CA PHE C 770 -14.95 26.01 37.18
C PHE C 770 -14.40 26.81 38.35
N THR C 771 -14.59 26.32 39.59
CA THR C 771 -13.78 26.81 40.75
C THR C 771 -12.91 25.64 41.29
N PRO C 772 -11.63 25.92 41.60
CA PRO C 772 -10.77 24.85 42.10
C PRO C 772 -11.07 24.46 43.55
N ASN C 773 -10.85 23.19 43.90
CA ASN C 773 -10.81 22.71 45.29
C ASN C 773 -9.35 22.68 45.77
N ALA C 774 -9.05 23.46 46.83
CA ALA C 774 -7.67 23.65 47.34
C ALA C 774 -7.09 22.50 48.19
N ASN C 775 -7.94 21.54 48.58
CA ASN C 775 -7.58 20.43 49.47
C ASN C 775 -7.55 19.06 48.80
N LEU C 776 -7.79 18.99 47.50
CA LEU C 776 -7.72 17.71 46.78
C LEU C 776 -6.25 17.31 46.64
N LYS C 777 -5.88 16.15 47.19
CA LYS C 777 -4.60 15.50 46.90
C LYS C 777 -4.87 14.61 45.68
N ILE C 778 -3.89 14.48 44.79
CA ILE C 778 -3.96 13.58 43.63
C ILE C 778 -2.76 12.63 43.66
N GLN C 779 -3.03 11.33 43.52
CA GLN C 779 -2.01 10.30 43.71
C GLN C 779 -1.10 10.26 42.46
N VAL C 780 0.20 10.43 42.67
CA VAL C 780 1.21 10.45 41.59
C VAL C 780 1.90 9.10 41.34
N ASN C 781 1.94 8.25 42.39
CA ASN C 781 2.71 7.00 42.43
C ASN C 781 1.83 5.85 42.93
N ASP C 782 2.34 4.63 42.79
CA ASP C 782 1.87 3.43 43.53
C ASP C 782 1.64 3.61 45.07
N ASP C 783 0.38 3.44 45.49
CA ASP C 783 -0.06 3.29 46.91
C ASP C 783 0.42 4.36 47.90
N ASP C 784 0.80 5.53 47.38
CA ASP C 784 1.62 6.48 48.12
C ASP C 784 0.81 7.43 49.06
N PRO C 785 -0.44 7.81 48.67
CA PRO C 785 -1.44 8.25 49.67
C PRO C 785 -2.48 7.16 49.99
N ASP C 796 -17.59 14.06 59.85
CA ASP C 796 -17.30 13.49 58.53
C ASP C 796 -18.39 13.75 57.45
N GLU C 797 -17.96 14.13 56.25
CA GLU C 797 -18.83 14.39 55.09
C GLU C 797 -19.73 13.20 54.65
N ILE C 798 -19.46 11.98 55.14
CA ILE C 798 -20.28 10.79 54.89
C ILE C 798 -21.59 10.81 55.68
N ASP C 799 -21.62 11.45 56.86
CA ASP C 799 -22.88 11.64 57.61
C ASP C 799 -23.81 12.63 56.91
N GLN C 800 -23.23 13.61 56.19
CA GLN C 800 -23.97 14.57 55.33
C GLN C 800 -24.55 13.90 54.10
N LEU C 801 -23.74 13.05 53.47
CA LEU C 801 -24.19 12.32 52.30
C LEU C 801 -25.36 11.40 52.65
N VAL C 802 -25.26 10.67 53.75
CA VAL C 802 -26.39 9.86 54.23
C VAL C 802 -27.65 10.72 54.46
N SER C 803 -27.48 11.88 55.11
CA SER C 803 -28.60 12.83 55.33
C SER C 803 -29.24 13.34 54.05
N SER C 804 -28.44 13.49 52.99
CA SER C 804 -28.95 13.95 51.69
C SER C 804 -29.86 12.93 50.98
N LEU C 805 -29.68 11.63 51.27
CA LEU C 805 -30.37 10.61 50.48
C LEU C 805 -31.86 10.69 50.74
N PRO C 806 -32.69 10.58 49.69
CA PRO C 806 -34.13 10.53 49.93
C PRO C 806 -34.61 9.23 50.59
N ASP C 807 -35.70 9.30 51.35
CA ASP C 807 -36.31 8.10 51.89
C ASP C 807 -36.81 7.26 50.66
N PRO C 808 -36.51 5.94 50.61
CA PRO C 808 -37.09 5.06 49.57
C PRO C 808 -38.63 5.00 49.48
N SER C 809 -39.34 5.39 50.53
CA SER C 809 -40.81 5.49 50.50
C SER C 809 -41.35 6.65 49.62
N THR C 810 -40.53 7.68 49.34
CA THR C 810 -40.88 8.74 48.38
C THR C 810 -40.62 8.32 46.91
N LEU C 811 -40.15 7.10 46.67
CA LEU C 811 -39.85 6.62 45.32
C LEU C 811 -40.43 5.21 45.14
N ALA C 812 -41.68 5.04 45.54
CA ALA C 812 -42.34 3.74 45.52
C ALA C 812 -42.35 3.19 44.09
N GLY C 813 -41.76 2.02 43.90
CA GLY C 813 -41.70 1.35 42.60
C GLY C 813 -40.95 2.12 41.52
N PHE C 814 -39.86 2.78 41.89
CA PHE C 814 -39.00 3.46 40.95
C PHE C 814 -37.78 2.58 40.76
N LYS C 815 -37.66 1.99 39.58
CA LYS C 815 -36.53 1.13 39.23
C LYS C 815 -35.69 1.90 38.20
N LEU C 816 -34.38 1.72 38.22
CA LEU C 816 -33.50 2.09 37.08
C LEU C 816 -33.13 0.83 36.34
N GLU C 817 -33.01 0.92 35.02
CA GLU C 817 -32.68 -0.21 34.17
C GLU C 817 -31.17 -0.25 33.84
N PRO C 818 -30.40 -1.18 34.44
CA PRO C 818 -28.95 -1.18 34.17
C PRO C 818 -28.62 -1.65 32.75
N VAL C 819 -27.50 -1.15 32.23
CA VAL C 819 -27.01 -1.48 30.90
C VAL C 819 -26.11 -2.67 31.06
N ASP C 820 -26.16 -3.59 30.07
CA ASP C 820 -25.29 -4.73 30.04
C ASP C 820 -24.46 -4.67 28.75
N PHE C 821 -23.18 -4.36 28.89
CA PHE C 821 -22.21 -4.19 27.78
C PHE C 821 -22.30 -5.28 26.74
N GLU C 822 -22.76 -4.93 25.54
CA GLU C 822 -22.67 -5.75 24.33
C GLU C 822 -21.90 -5.02 23.21
N LYS C 823 -20.66 -5.43 22.99
CA LYS C 823 -19.80 -4.82 21.99
C LYS C 823 -20.16 -5.05 20.51
N ASP C 824 -20.99 -6.06 20.23
CA ASP C 824 -21.26 -6.51 18.87
C ASP C 824 -22.68 -6.10 18.43
N ASP C 825 -23.26 -5.05 19.02
CA ASP C 825 -24.51 -4.48 18.54
C ASP C 825 -24.23 -3.00 18.26
N ASP C 826 -24.16 -2.65 16.97
CA ASP C 826 -23.82 -1.27 16.58
C ASP C 826 -24.91 -0.25 16.89
N THR C 827 -26.13 -0.73 17.14
CA THR C 827 -27.27 0.17 17.40
C THR C 827 -27.40 0.60 18.86
N ASN C 828 -26.65 -0.02 19.76
CA ASN C 828 -26.86 0.15 21.18
C ASN C 828 -26.09 1.29 21.89
N HIS C 829 -25.27 2.05 21.18
CA HIS C 829 -24.53 3.20 21.72
C HIS C 829 -23.32 2.87 22.58
N HIS C 830 -22.99 1.60 22.78
CA HIS C 830 -21.98 1.29 23.77
C HIS C 830 -20.60 1.63 23.27
N ILE C 831 -20.24 1.05 22.13
CA ILE C 831 -18.97 1.32 21.53
C ILE C 831 -18.93 2.79 21.10
N GLU C 832 -20.08 3.32 20.68
CA GLU C 832 -20.18 4.76 20.40
C GLU C 832 -19.75 5.60 21.60
N PHE C 833 -20.24 5.25 22.79
CA PHE C 833 -19.90 5.99 23.98
C PHE C 833 -18.43 5.83 24.35
N ILE C 834 -17.96 4.61 24.41
CA ILE C 834 -16.58 4.35 24.84
C ILE C 834 -15.58 4.98 23.87
N THR C 835 -15.90 4.93 22.58
CA THR C 835 -15.03 5.50 21.57
C THR C 835 -14.95 7.00 21.74
N ALA C 836 -16.11 7.63 21.84
CA ALA C 836 -16.15 9.08 21.97
C ALA C 836 -15.51 9.58 23.26
N CYS C 837 -15.68 8.80 24.33
CA CYS C 837 -15.28 9.23 25.66
C CYS C 837 -13.78 9.11 25.81
N SER C 838 -13.26 7.99 25.33
CA SER C 838 -11.83 7.76 25.19
C SER C 838 -11.19 8.88 24.39
N ASN C 839 -11.77 9.16 23.23
CA ASN C 839 -11.16 10.12 22.34
C ASN C 839 -11.20 11.52 22.92
N CYS C 840 -12.25 11.89 23.64
CA CYS C 840 -12.29 13.22 24.25
C CYS C 840 -11.15 13.34 25.25
N ARG C 841 -10.87 12.26 25.97
CA ARG C 841 -9.74 12.22 26.91
C ARG C 841 -8.43 12.21 26.14
N ALA C 842 -8.41 11.51 25.01
CA ALA C 842 -7.23 11.52 24.18
C ALA C 842 -6.93 12.94 23.68
N GLN C 843 -7.96 13.70 23.32
CA GLN C 843 -7.76 15.10 22.94
C GLN C 843 -7.15 15.93 24.08
N ASN C 844 -7.67 15.73 25.31
CA ASN C 844 -7.15 16.35 26.52
C ASN C 844 -5.64 16.18 26.64
N TYR C 845 -5.13 14.95 26.42
CA TYR C 845 -3.75 14.58 26.68
C TYR C 845 -2.89 14.48 25.40
N PHE C 846 -3.40 15.03 24.30
CA PHE C 846 -2.70 15.04 23.02
C PHE C 846 -2.30 13.65 22.54
N ILE C 847 -3.22 12.70 22.67
CA ILE C 847 -3.06 11.32 22.19
C ILE C 847 -3.85 11.12 20.88
N GLU C 848 -3.31 10.36 19.92
CA GLU C 848 -4.02 10.16 18.63
C GLU C 848 -5.35 9.46 18.91
N THR C 849 -6.45 10.02 18.39
CA THR C 849 -7.73 9.42 18.58
C THR C 849 -7.80 8.13 17.77
N ALA C 850 -8.63 7.20 18.24
CA ALA C 850 -8.85 5.93 17.60
C ALA C 850 -10.30 5.79 17.17
N ASP C 851 -10.55 4.95 16.20
CA ASP C 851 -11.89 4.78 15.67
C ASP C 851 -12.66 3.69 16.43
N ARG C 852 -13.93 3.48 16.04
CA ARG C 852 -14.79 2.41 16.57
C ARG C 852 -14.26 1.01 16.41
N GLN C 853 -13.77 0.61 15.25
CA GLN C 853 -13.29 -0.75 15.14
C GLN C 853 -12.12 -1.06 16.09
N LYS C 854 -11.22 -0.09 16.26
CA LYS C 854 -10.07 -0.25 17.15
C LYS C 854 -10.45 -0.20 18.62
N THR C 855 -11.38 0.70 18.96
CA THR C 855 -11.83 0.87 20.34
C THR C 855 -12.55 -0.40 20.76
N LYS C 856 -13.36 -0.95 19.86
CA LYS C 856 -14.08 -2.23 20.10
C LYS C 856 -13.16 -3.39 20.32
N PHE C 857 -12.04 -3.41 19.61
CA PHE C 857 -11.02 -4.46 19.76
C PHE C 857 -10.43 -4.44 21.17
N ILE C 858 -10.12 -3.26 21.67
CA ILE C 858 -9.48 -3.11 22.99
C ILE C 858 -10.50 -3.20 24.12
N ALA C 859 -11.55 -2.41 24.06
CA ALA C 859 -12.57 -2.41 25.09
C ALA C 859 -13.21 -3.76 25.20
N GLY C 860 -13.45 -4.39 24.04
CA GLY C 860 -14.09 -5.71 23.97
C GLY C 860 -13.19 -6.93 24.08
N ARG C 861 -11.88 -6.72 24.20
CA ARG C 861 -10.90 -7.79 24.35
C ARG C 861 -11.01 -8.87 23.27
N ILE C 862 -11.25 -8.46 22.03
CA ILE C 862 -11.54 -9.37 20.94
C ILE C 862 -10.26 -10.08 20.46
N ILE C 863 -10.36 -11.37 20.27
CA ILE C 863 -9.24 -12.19 19.78
C ILE C 863 -9.33 -12.26 18.27
N PRO C 864 -8.31 -11.79 17.55
CA PRO C 864 -8.30 -12.00 16.10
C PRO C 864 -8.35 -13.47 15.71
N ALA C 865 -9.14 -13.80 14.69
CA ALA C 865 -9.38 -15.19 14.29
C ALA C 865 -9.72 -15.35 12.83
N ILE C 866 -9.29 -16.47 12.26
CA ILE C 866 -9.57 -16.78 10.85
C ILE C 866 -9.65 -18.30 10.60
N ALA C 867 -10.43 -18.72 9.62
CA ALA C 867 -10.62 -20.18 9.41
C ALA C 867 -9.36 -20.97 9.02
N THR C 868 -8.45 -20.33 8.30
CA THR C 868 -7.22 -20.97 7.82
C THR C 868 -6.45 -21.59 8.97
N THR C 869 -6.03 -20.77 9.91
CA THR C 869 -5.32 -21.24 11.08
C THR C 869 -6.11 -22.32 11.85
N THR C 870 -7.43 -22.13 11.94
CA THR C 870 -8.31 -23.00 12.69
C THR C 870 -8.32 -24.40 12.06
N SER C 871 -8.53 -24.53 10.76
CA SER C 871 -8.43 -25.84 10.09
C SER C 871 -7.09 -26.49 10.23
N LEU C 872 -6.01 -25.71 10.16
CA LEU C 872 -4.70 -26.29 10.09
C LEU C 872 -4.33 -26.89 11.44
N VAL C 873 -4.54 -26.12 12.48
CA VAL C 873 -4.33 -26.54 13.84
C VAL C 873 -5.21 -27.74 14.18
N THR C 874 -6.47 -27.71 13.79
CA THR C 874 -7.37 -28.86 13.99
C THR C 874 -6.86 -30.10 13.25
N GLY C 875 -6.34 -29.91 12.05
CA GLY C 875 -5.70 -30.99 11.29
C GLY C 875 -4.61 -31.69 12.03
N LEU C 876 -3.75 -30.89 12.65
CA LEU C 876 -2.64 -31.41 13.43
C LEU C 876 -3.10 -32.15 14.66
N VAL C 877 -4.17 -31.69 15.30
CA VAL C 877 -4.73 -32.40 16.45
C VAL C 877 -5.19 -33.78 16.06
N ASN C 878 -5.81 -33.91 14.89
CA ASN C 878 -6.30 -35.23 14.42
C ASN C 878 -5.23 -36.14 13.84
N LEU C 879 -4.03 -35.62 13.68
CA LEU C 879 -2.89 -36.44 13.40
C LEU C 879 -2.34 -37.00 14.68
N GLU C 880 -2.48 -36.30 15.82
CA GLU C 880 -2.13 -36.85 17.15
C GLU C 880 -3.15 -37.82 17.69
N LEU C 881 -4.41 -37.60 17.38
CA LEU C 881 -5.48 -38.51 17.76
C LEU C 881 -5.21 -39.97 17.35
N TYR C 882 -4.72 -40.18 16.13
CA TYR C 882 -4.32 -41.53 15.72
C TYR C 882 -3.40 -42.22 16.75
N LYS C 883 -2.52 -41.43 17.37
CA LYS C 883 -1.60 -41.98 18.33
C LYS C 883 -2.28 -42.45 19.63
N LEU C 884 -3.35 -41.77 20.05
CA LEU C 884 -4.13 -42.15 21.23
C LEU C 884 -4.85 -43.43 20.97
N ILE C 885 -5.40 -43.57 19.77
CA ILE C 885 -6.11 -44.80 19.38
C ILE C 885 -5.20 -46.03 19.53
N ASP C 886 -3.91 -45.90 19.25
CA ASP C 886 -2.92 -46.97 19.40
C ASP C 886 -2.24 -47.08 20.78
N ASN C 887 -2.61 -46.21 21.71
CA ASN C 887 -2.12 -46.27 23.09
C ASN C 887 -0.63 -46.13 23.21
N LYS C 888 -0.07 -45.17 22.48
CA LYS C 888 1.38 -45.03 22.36
C LYS C 888 1.99 -44.58 23.67
N THR C 889 3.05 -45.26 24.06
CA THR C 889 3.78 -44.98 25.30
C THR C 889 5.21 -44.51 25.05
N ASP C 890 5.64 -44.50 23.79
CA ASP C 890 6.94 -43.93 23.43
C ASP C 890 6.69 -42.42 23.22
N ILE C 891 7.11 -41.60 24.18
CA ILE C 891 6.91 -40.16 24.11
C ILE C 891 7.46 -39.54 22.82
N GLU C 892 8.51 -40.14 22.27
CA GLU C 892 9.17 -39.64 21.04
C GLU C 892 8.25 -39.66 19.80
N GLN C 893 7.20 -40.48 19.83
CA GLN C 893 6.15 -40.50 18.81
C GLN C 893 5.20 -39.34 18.79
N TYR C 894 5.03 -38.65 19.89
CA TYR C 894 4.05 -37.57 19.95
C TYR C 894 4.71 -36.24 19.56
N LYS C 895 3.88 -35.33 19.05
CA LYS C 895 4.31 -34.03 18.62
C LYS C 895 3.38 -32.95 19.17
N ASN C 896 3.93 -32.05 19.96
CA ASN C 896 3.33 -30.73 20.20
C ASN C 896 3.71 -29.84 19.04
N GLY C 897 2.76 -29.08 18.51
CA GLY C 897 2.97 -28.22 17.35
C GLY C 897 2.83 -26.74 17.63
N PHE C 898 3.52 -25.95 16.82
CA PHE C 898 3.55 -24.51 16.95
C PHE C 898 3.57 -23.91 15.54
N VAL C 899 2.60 -23.08 15.19
CA VAL C 899 2.57 -22.50 13.85
C VAL C 899 2.42 -20.99 13.83
N ASN C 900 2.88 -20.38 12.76
CA ASN C 900 2.38 -19.06 12.39
C ASN C 900 2.29 -19.00 10.88
N LEU C 901 1.08 -19.01 10.33
CA LEU C 901 0.93 -19.06 8.84
C LEU C 901 1.46 -17.81 8.11
N ALA C 902 1.62 -16.72 8.85
CA ALA C 902 2.08 -15.44 8.30
C ALA C 902 3.46 -15.53 7.72
N LEU C 903 4.30 -16.34 8.35
CA LEU C 903 5.74 -16.32 8.03
C LEU C 903 6.21 -17.06 6.75
N PRO C 904 5.78 -18.28 6.41
CA PRO C 904 5.03 -19.19 7.25
C PRO C 904 6.01 -20.01 8.09
N PHE C 905 5.56 -20.46 9.26
CA PHE C 905 6.42 -21.21 10.20
C PHE C 905 5.70 -22.39 10.83
N PHE C 906 6.39 -23.53 10.83
CA PHE C 906 5.95 -24.75 11.45
C PHE C 906 7.10 -25.37 12.26
N GLY C 907 6.84 -25.59 13.53
CA GLY C 907 7.77 -26.32 14.37
C GLY C 907 7.05 -27.30 15.30
N PHE C 908 7.76 -28.38 15.64
CA PHE C 908 7.23 -29.43 16.49
C PHE C 908 8.22 -29.85 17.57
N SER C 909 7.67 -30.34 18.68
CA SER C 909 8.49 -30.80 19.76
C SER C 909 7.86 -31.94 20.48
N GLU C 910 8.72 -32.90 20.77
CA GLU C 910 8.40 -34.02 21.63
C GLU C 910 7.93 -33.49 22.99
N PRO C 911 6.78 -33.96 23.48
CA PRO C 911 6.31 -33.48 24.79
C PRO C 911 7.33 -33.71 25.91
N ILE C 912 7.21 -32.89 26.94
CA ILE C 912 8.04 -32.98 28.12
C ILE C 912 7.50 -34.13 28.97
N ALA C 913 8.42 -34.96 29.49
CA ALA C 913 8.05 -36.08 30.32
C ALA C 913 7.50 -35.60 31.67
N SER C 914 6.63 -36.37 32.28
CA SER C 914 6.15 -36.02 33.61
C SER C 914 7.32 -36.12 34.59
N PRO C 915 7.45 -35.15 35.49
CA PRO C 915 8.44 -35.29 36.54
C PRO C 915 8.17 -36.51 37.47
N LYS C 916 9.26 -37.20 37.82
CA LYS C 916 9.20 -38.40 38.63
C LYS C 916 9.82 -38.18 40.02
N GLY C 917 9.41 -38.99 40.98
CA GLY C 917 9.93 -38.93 42.33
C GLY C 917 10.22 -40.31 42.84
N GLU C 918 10.63 -40.36 44.10
CA GLU C 918 11.02 -41.58 44.74
C GLU C 918 10.67 -41.45 46.20
N TYR C 919 10.18 -42.54 46.79
CA TYR C 919 10.19 -42.70 48.26
C TYR C 919 10.58 -44.15 48.52
N ASN C 920 11.48 -44.43 49.47
CA ASN C 920 11.94 -45.80 49.69
C ASN C 920 12.30 -46.56 48.39
N ASN C 921 13.05 -45.99 47.44
CA ASN C 921 13.38 -46.73 46.16
C ASN C 921 12.19 -47.21 45.29
N LYS C 922 11.04 -46.63 45.51
CA LYS C 922 9.85 -46.92 44.75
C LYS C 922 9.68 -45.66 43.96
N LYS C 923 9.62 -45.79 42.65
CA LYS C 923 9.56 -44.64 41.76
C LYS C 923 8.07 -44.31 41.55
N TYR C 924 7.72 -43.03 41.39
CA TYR C 924 6.31 -42.62 41.15
C TYR C 924 6.21 -41.37 40.26
N ASP C 925 5.05 -41.18 39.65
CA ASP C 925 4.79 -40.04 38.74
C ASP C 925 4.11 -38.89 39.49
N LYS C 926 4.76 -37.73 39.54
CA LYS C 926 4.30 -36.65 40.40
C LYS C 926 3.02 -35.98 39.93
N ILE C 927 2.63 -36.22 38.70
CA ILE C 927 1.40 -35.65 38.15
C ILE C 927 0.28 -36.69 38.21
N TRP C 928 0.60 -37.90 37.76
CA TRP C 928 -0.38 -38.91 37.42
C TRP C 928 -0.69 -39.94 38.51
N ASP C 929 0.30 -40.33 39.30
CA ASP C 929 0.12 -41.38 40.33
C ASP C 929 -0.57 -40.87 41.59
N ARG C 930 -1.38 -41.74 42.15
CA ARG C 930 -2.08 -41.44 43.39
C ARG C 930 -2.40 -42.75 44.16
N PHE C 931 -2.73 -42.64 45.43
CA PHE C 931 -3.15 -43.82 46.22
C PHE C 931 -4.67 -43.92 46.20
N ASP C 932 -5.19 -44.91 45.47
CA ASP C 932 -6.64 -45.13 45.40
C ASP C 932 -7.02 -46.05 46.56
N ILE C 933 -7.86 -45.55 47.46
CA ILE C 933 -8.29 -46.33 48.60
C ILE C 933 -9.75 -46.63 48.36
N LYS C 934 -10.07 -47.91 48.26
CA LYS C 934 -11.45 -48.35 48.04
C LYS C 934 -12.18 -48.33 49.41
N GLY C 935 -13.26 -47.56 49.50
CA GLY C 935 -14.08 -47.49 50.70
C GLY C 935 -13.81 -46.33 51.63
N ASP C 936 -14.83 -46.04 52.45
CA ASP C 936 -14.79 -44.99 53.47
C ASP C 936 -14.03 -45.55 54.65
N ILE C 937 -12.73 -45.69 54.45
CA ILE C 937 -11.82 -46.36 55.38
C ILE C 937 -11.71 -45.61 56.74
N LYS C 938 -11.46 -46.38 57.80
CA LYS C 938 -11.18 -45.78 59.10
C LYS C 938 -9.77 -45.18 59.10
N LEU C 939 -9.60 -44.04 59.80
CA LEU C 939 -8.31 -43.37 59.92
C LEU C 939 -7.20 -44.30 60.34
N SER C 940 -7.43 -45.11 61.35
CA SER C 940 -6.40 -46.02 61.87
C SER C 940 -6.00 -47.03 60.82
N ASP C 941 -6.97 -47.53 60.06
CA ASP C 941 -6.67 -48.47 58.95
C ASP C 941 -5.90 -47.82 57.80
N LEU C 942 -6.22 -46.56 57.52
CA LEU C 942 -5.49 -45.81 56.54
C LEU C 942 -4.02 -45.69 56.97
N ILE C 943 -3.76 -45.36 58.24
CA ILE C 943 -2.39 -45.13 58.73
C ILE C 943 -1.59 -46.44 58.69
N GLU C 944 -2.22 -47.52 59.11
CA GLU C 944 -1.60 -48.86 59.01
C GLU C 944 -1.35 -49.33 57.58
N HIS C 945 -2.29 -49.11 56.65
CA HIS C 945 -2.10 -49.51 55.26
C HIS C 945 -0.84 -48.84 54.70
N PHE C 946 -0.65 -47.57 55.01
CA PHE C 946 0.52 -46.85 54.50
C PHE C 946 1.85 -47.35 55.02
N GLU C 947 1.91 -47.73 56.28
CA GLU C 947 3.16 -48.27 56.82
C GLU C 947 3.43 -49.67 56.29
N LYS C 948 2.40 -50.49 56.26
CA LYS C 948 2.51 -51.92 55.97
C LYS C 948 2.79 -52.14 54.49
N ASP C 949 2.09 -51.39 53.65
CA ASP C 949 2.11 -51.61 52.21
C ASP C 949 2.95 -50.59 51.46
N GLU C 950 3.18 -49.40 52.00
CA GLU C 950 3.97 -48.41 51.27
C GLU C 950 5.30 -48.00 51.90
N GLY C 951 5.58 -48.47 53.11
CA GLY C 951 6.77 -48.03 53.84
C GLY C 951 6.71 -46.59 54.30
N LEU C 952 5.49 -46.06 54.43
CA LEU C 952 5.28 -44.67 54.75
C LEU C 952 4.59 -44.47 56.11
N GLU C 953 5.10 -43.52 56.89
CA GLU C 953 4.54 -43.18 58.17
C GLU C 953 3.83 -41.85 58.00
N ILE C 954 2.49 -41.88 58.00
CA ILE C 954 1.72 -40.67 57.76
C ILE C 954 1.94 -39.70 58.90
N THR C 955 2.13 -38.45 58.52
CA THR C 955 2.65 -37.39 59.39
C THR C 955 1.62 -36.25 59.52
N MET C 956 0.95 -35.96 58.41
CA MET C 956 -0.22 -35.12 58.36
C MET C 956 -1.18 -35.65 57.32
N LEU C 957 -2.48 -35.43 57.53
CA LEU C 957 -3.49 -35.82 56.56
C LEU C 957 -4.54 -34.73 56.56
N SER C 958 -4.90 -34.25 55.40
CA SER C 958 -5.86 -33.12 55.29
C SER C 958 -6.82 -33.27 54.09
N TYR C 959 -7.96 -32.60 54.22
CA TYR C 959 -9.02 -32.58 53.23
C TYR C 959 -9.32 -31.12 52.98
N GLY C 960 -8.91 -30.64 51.81
CA GLY C 960 -8.92 -29.24 51.50
C GLY C 960 -8.24 -28.46 52.61
N VAL C 961 -9.01 -27.56 53.20
CA VAL C 961 -8.54 -26.49 54.09
C VAL C 961 -8.39 -26.98 55.55
N SER C 962 -8.92 -28.17 55.85
CA SER C 962 -9.00 -28.65 57.24
C SER C 962 -8.15 -29.91 57.54
N LEU C 963 -7.52 -29.88 58.73
CA LEU C 963 -6.50 -30.83 59.15
C LEU C 963 -7.19 -31.97 59.92
N LEU C 964 -7.00 -33.19 59.44
CA LEU C 964 -7.71 -34.35 59.93
C LEU C 964 -6.89 -35.13 60.93
N TYR C 965 -5.61 -35.36 60.62
CA TYR C 965 -4.71 -36.09 61.50
C TYR C 965 -3.31 -35.47 61.39
N ALA C 966 -2.59 -35.51 62.51
CA ALA C 966 -1.16 -35.24 62.51
C ALA C 966 -0.52 -36.11 63.58
N SER C 967 0.73 -36.49 63.34
CA SER C 967 1.44 -37.39 64.24
C SER C 967 1.76 -36.72 65.57
N PHE C 968 1.84 -35.40 65.58
CA PHE C 968 2.01 -34.67 66.84
C PHE C 968 0.74 -34.55 67.74
N PHE C 969 -0.41 -35.05 67.31
CA PHE C 969 -1.65 -34.94 68.09
C PHE C 969 -1.48 -35.66 69.38
N PRO C 970 -2.04 -35.13 70.48
CA PRO C 970 -1.96 -35.85 71.74
C PRO C 970 -3.00 -36.95 71.82
N PRO C 971 -2.90 -37.84 72.83
CA PRO C 971 -3.76 -39.04 72.88
C PRO C 971 -5.25 -38.78 72.95
N LYS C 972 -5.66 -37.73 73.65
CA LYS C 972 -7.07 -37.37 73.78
C LYS C 972 -7.69 -37.18 72.41
N LYS C 973 -6.99 -36.45 71.56
CA LYS C 973 -7.46 -36.10 70.23
C LYS C 973 -7.37 -37.29 69.28
N LEU C 974 -6.33 -38.12 69.41
CA LEU C 974 -6.24 -39.37 68.65
C LEU C 974 -7.39 -40.31 68.95
N LYS C 975 -7.77 -40.45 70.22
CA LYS C 975 -8.89 -41.32 70.59
C LYS C 975 -10.20 -40.96 69.86
N GLU C 976 -10.52 -39.67 69.74
CA GLU C 976 -11.72 -39.18 69.01
C GLU C 976 -11.74 -39.50 67.51
N ARG C 977 -10.55 -39.59 66.89
CA ARG C 977 -10.35 -39.65 65.44
C ARG C 977 -9.96 -41.01 64.83
N LEU C 978 -9.09 -41.77 65.52
CA LEU C 978 -8.55 -43.00 64.96
C LEU C 978 -9.59 -44.02 64.52
N ASN C 979 -10.72 -44.10 65.21
N ASN C 979 -10.70 -44.11 65.25
CA ASN C 979 -11.71 -45.13 64.90
CA ASN C 979 -11.76 -45.11 64.97
C ASN C 979 -12.78 -44.65 63.90
C ASN C 979 -12.77 -44.67 63.89
N LEU C 980 -12.66 -43.42 63.42
CA LEU C 980 -13.65 -42.84 62.50
C LEU C 980 -13.33 -43.11 61.04
N PRO C 981 -14.36 -43.47 60.25
CA PRO C 981 -14.28 -43.35 58.79
C PRO C 981 -13.99 -41.92 58.36
N ILE C 982 -13.35 -41.79 57.20
CA ILE C 982 -12.88 -40.51 56.73
C ILE C 982 -14.02 -39.52 56.64
N THR C 983 -15.19 -39.96 56.17
CA THR C 983 -16.32 -39.02 56.07
C THR C 983 -16.72 -38.45 57.44
N GLN C 984 -16.79 -39.33 58.45
CA GLN C 984 -17.12 -38.92 59.82
C GLN C 984 -16.02 -38.08 60.44
N LEU C 985 -14.78 -38.37 60.06
CA LEU C 985 -13.62 -37.57 60.47
C LEU C 985 -13.69 -36.13 59.94
N VAL C 986 -14.08 -35.97 58.68
CA VAL C 986 -14.35 -34.64 58.13
C VAL C 986 -15.51 -33.94 58.88
N LYS C 987 -16.61 -34.67 59.06
CA LYS C 987 -17.71 -34.20 59.88
C LYS C 987 -17.29 -33.67 61.24
N LEU C 988 -16.38 -34.38 61.90
CA LEU C 988 -15.92 -33.98 63.23
C LEU C 988 -15.22 -32.63 63.20
N VAL C 989 -14.41 -32.41 62.17
CA VAL C 989 -13.53 -31.27 62.10
C VAL C 989 -14.22 -30.09 61.45
N THR C 990 -14.77 -30.29 60.25
CA THR C 990 -15.47 -29.22 59.51
C THR C 990 -16.84 -28.85 60.11
N LYS C 991 -17.49 -29.81 60.78
CA LYS C 991 -18.88 -29.66 61.24
C LYS C 991 -19.87 -29.57 60.06
N LYS C 992 -19.47 -30.12 58.92
CA LYS C 992 -20.27 -30.23 57.70
C LYS C 992 -20.48 -31.72 57.54
N ASP C 993 -21.64 -32.14 57.03
CA ASP C 993 -21.73 -33.43 56.35
C ASP C 993 -20.96 -33.36 55.02
N ILE C 994 -20.45 -34.48 54.56
CA ILE C 994 -20.05 -34.59 53.15
C ILE C 994 -21.39 -34.60 52.37
N PRO C 995 -21.50 -33.82 51.28
CA PRO C 995 -22.75 -33.92 50.51
C PRO C 995 -22.98 -35.30 49.86
N ALA C 996 -24.25 -35.58 49.58
CA ALA C 996 -24.70 -36.85 48.99
C ALA C 996 -24.01 -37.15 47.64
N HIS C 997 -24.03 -36.18 46.73
CA HIS C 997 -23.42 -36.32 45.38
C HIS C 997 -21.95 -36.72 45.34
N VAL C 998 -21.19 -36.42 46.39
CA VAL C 998 -19.74 -36.65 46.44
C VAL C 998 -19.42 -38.14 46.53
N SER C 999 -18.58 -38.62 45.60
CA SER C 999 -18.17 -40.03 45.53
C SER C 999 -16.68 -40.26 45.59
N THR C 1000 -15.89 -39.16 45.55
CA THR C 1000 -14.44 -39.20 45.75
C THR C 1000 -13.99 -38.09 46.68
N MET C 1001 -12.91 -38.33 47.42
CA MET C 1001 -12.29 -37.31 48.25
C MET C 1001 -10.77 -37.39 48.07
N ILE C 1002 -10.16 -36.26 47.73
CA ILE C 1002 -8.75 -36.15 47.63
C ILE C 1002 -8.26 -35.73 48.98
N LEU C 1003 -7.35 -36.52 49.55
CA LEU C 1003 -6.62 -36.17 50.79
C LEU C 1003 -5.15 -35.92 50.45
N GLU C 1004 -4.58 -34.82 50.91
CA GLU C 1004 -3.15 -34.56 50.77
C GLU C 1004 -2.48 -35.16 52.02
N ILE C 1005 -1.33 -35.83 51.87
CA ILE C 1005 -0.55 -36.28 53.02
C ILE C 1005 0.88 -35.87 53.02
N CSO C 1006 1.43 -35.83 54.22
CA CSO C 1006 2.85 -35.81 54.41
CB CSO C 1006 3.21 -34.65 55.28
SG CSO C 1006 2.72 -33.16 54.49
C CSO C 1006 3.23 -37.05 55.14
O CSO C 1006 2.46 -37.60 55.94
OD CSO C 1006 3.34 -32.07 55.70
N ALA C 1007 4.43 -37.52 54.86
CA ALA C 1007 4.86 -38.78 55.38
C ALA C 1007 6.36 -38.84 55.52
N ASP C 1008 6.78 -39.70 56.43
CA ASP C 1008 8.18 -40.06 56.63
C ASP C 1008 8.41 -41.46 55.98
N ASP C 1009 9.56 -41.59 55.33
CA ASP C 1009 9.94 -42.83 54.68
C ASP C 1009 10.69 -43.64 55.73
N LYS C 1010 11.17 -44.81 55.36
CA LYS C 1010 11.89 -45.71 56.28
C LYS C 1010 13.17 -45.17 56.93
N GLU C 1011 13.78 -44.10 56.41
CA GLU C 1011 14.90 -43.43 57.10
C GLU C 1011 14.39 -42.43 58.14
N GLY C 1012 13.09 -42.19 58.25
CA GLY C 1012 12.54 -41.14 59.09
C GLY C 1012 12.63 -39.73 58.50
N GLU C 1013 12.74 -39.61 57.19
CA GLU C 1013 12.84 -38.33 56.52
C GLU C 1013 11.51 -38.04 55.84
N ASP C 1014 11.06 -36.78 55.87
CA ASP C 1014 9.86 -36.37 55.12
C ASP C 1014 10.15 -36.53 53.63
N VAL C 1015 9.20 -37.10 52.93
CA VAL C 1015 9.31 -37.30 51.50
C VAL C 1015 8.06 -36.86 50.84
N GLU C 1016 8.22 -36.36 49.62
CA GLU C 1016 7.13 -35.99 48.76
C GLU C 1016 6.54 -37.30 48.27
N VAL C 1017 5.22 -37.39 48.30
CA VAL C 1017 4.51 -38.60 47.90
C VAL C 1017 3.22 -38.25 47.14
N PRO C 1018 2.66 -39.19 46.39
CA PRO C 1018 1.38 -38.94 45.75
C PRO C 1018 0.25 -38.58 46.69
N PHE C 1019 -0.81 -38.03 46.12
CA PHE C 1019 -2.04 -37.71 46.86
C PHE C 1019 -2.88 -38.98 47.00
N ILE C 1020 -3.94 -38.89 47.79
CA ILE C 1020 -4.86 -40.03 48.07
C ILE C 1020 -6.24 -39.72 47.48
N THR C 1021 -6.82 -40.66 46.74
CA THR C 1021 -8.24 -40.58 46.38
C THR C 1021 -8.99 -41.63 47.18
N ILE C 1022 -9.97 -41.17 47.97
CA ILE C 1022 -10.89 -42.05 48.70
C ILE C 1022 -12.10 -42.29 47.80
N HIS C 1023 -12.38 -43.55 47.46
CA HIS C 1023 -13.56 -43.88 46.68
C HIS C 1023 -14.68 -44.34 47.61
N LEU C 1024 -15.65 -43.48 47.79
CA LEU C 1024 -16.81 -43.79 48.62
C LEU C 1024 -17.67 -44.76 47.87
N MET D 1 30.73 -18.90 20.26
CA MET D 1 30.00 -19.16 18.97
C MET D 1 28.65 -18.41 18.99
N GLN D 2 28.03 -18.32 17.83
CA GLN D 2 26.71 -17.70 17.72
C GLN D 2 25.59 -18.64 17.32
N ILE D 3 24.51 -18.54 18.07
CA ILE D 3 23.25 -19.17 17.70
C ILE D 3 22.20 -18.08 17.49
N PHE D 4 21.11 -18.46 16.84
CA PHE D 4 19.98 -17.57 16.61
C PHE D 4 18.74 -18.08 17.30
N VAL D 5 17.90 -17.15 17.74
CA VAL D 5 16.60 -17.49 18.28
C VAL D 5 15.54 -16.75 17.47
N LYS D 6 14.67 -17.50 16.78
CA LYS D 6 13.54 -16.95 16.03
C LYS D 6 12.29 -17.00 16.86
N THR D 7 11.60 -15.89 17.01
CA THR D 7 10.34 -15.88 17.74
C THR D 7 9.19 -16.20 16.77
N LEU D 8 8.05 -16.59 17.34
CA LEU D 8 6.83 -16.77 16.58
C LEU D 8 6.29 -15.50 15.83
N THR D 9 6.77 -14.32 16.18
CA THR D 9 6.46 -13.09 15.45
C THR D 9 7.47 -12.73 14.36
N GLY D 10 8.35 -13.66 14.02
CA GLY D 10 9.38 -13.45 13.03
C GLY D 10 10.70 -12.80 13.48
N LYS D 11 10.80 -12.42 14.76
CA LYS D 11 11.99 -11.71 15.24
C LYS D 11 13.19 -12.64 15.36
N THR D 12 14.38 -12.16 15.00
CA THR D 12 15.59 -12.94 15.10
C THR D 12 16.46 -12.27 16.12
N ILE D 13 16.71 -12.97 17.22
CA ILE D 13 17.62 -12.58 18.26
C ILE D 13 18.93 -13.37 17.99
N THR D 14 20.08 -12.73 18.15
CA THR D 14 21.40 -13.39 18.10
C THR D 14 22.00 -13.48 19.52
N LEU D 15 22.60 -14.63 19.85
CA LEU D 15 23.20 -14.84 21.18
C LEU D 15 24.66 -15.28 21.02
N GLU D 16 25.49 -14.84 21.98
CA GLU D 16 26.88 -15.32 22.13
C GLU D 16 26.85 -16.44 23.18
N VAL D 17 27.21 -17.67 22.79
CA VAL D 17 27.21 -18.84 23.68
C VAL D 17 28.36 -19.82 23.43
N GLU D 18 28.59 -20.69 24.41
CA GLU D 18 29.51 -21.81 24.33
C GLU D 18 28.71 -23.13 24.41
N SER D 19 29.18 -24.20 23.76
CA SER D 19 28.51 -25.52 23.73
C SER D 19 28.10 -26.07 25.10
N SER D 20 28.98 -25.84 26.09
CA SER D 20 28.76 -26.28 27.46
C SER D 20 27.73 -25.47 28.27
N ASP D 21 27.20 -24.36 27.71
CA ASP D 21 26.21 -23.54 28.41
C ASP D 21 24.92 -24.31 28.69
N THR D 22 24.38 -24.11 29.90
CA THR D 22 23.10 -24.67 30.28
C THR D 22 21.97 -23.99 29.49
N ILE D 23 20.85 -24.67 29.34
CA ILE D 23 19.65 -24.08 28.75
C ILE D 23 19.19 -22.92 29.64
N ASP D 24 19.21 -23.14 30.95
CA ASP D 24 19.05 -22.10 31.99
C ASP D 24 19.75 -20.80 31.63
N ASN D 25 20.98 -20.93 31.15
CA ASN D 25 21.82 -19.82 30.71
C ASN D 25 21.38 -19.16 29.44
N VAL D 26 20.98 -19.95 28.45
CA VAL D 26 20.48 -19.40 27.21
C VAL D 26 19.22 -18.62 27.54
N LYS D 27 18.38 -19.13 28.44
CA LYS D 27 17.15 -18.44 28.85
C LYS D 27 17.44 -17.16 29.58
N SER D 28 18.48 -17.19 30.39
CA SER D 28 18.99 -16.01 31.03
C SER D 28 19.37 -14.93 29.99
N LYS D 29 20.10 -15.32 28.96
CA LYS D 29 20.50 -14.36 27.89
C LYS D 29 19.30 -13.83 27.11
N ILE D 30 18.33 -14.71 26.83
CA ILE D 30 17.10 -14.33 26.19
C ILE D 30 16.33 -13.36 27.06
N GLN D 31 16.31 -13.55 28.38
CA GLN D 31 15.68 -12.57 29.26
C GLN D 31 16.33 -11.20 29.16
N ASP D 32 17.65 -11.15 29.13
CA ASP D 32 18.38 -9.87 29.00
C ASP D 32 17.97 -9.12 27.76
N LYS D 33 17.75 -9.84 26.67
CA LYS D 33 17.36 -9.22 25.39
C LYS D 33 15.86 -8.91 25.27
N GLU D 34 15.02 -9.89 25.54
CA GLU D 34 13.56 -9.73 25.35
C GLU D 34 12.74 -9.35 26.57
N GLY D 35 13.27 -9.58 27.75
CA GLY D 35 12.53 -9.36 28.99
C GLY D 35 11.58 -10.47 29.37
N ILE D 36 11.69 -11.64 28.76
CA ILE D 36 10.81 -12.77 29.04
C ILE D 36 11.43 -13.60 30.17
N PRO D 37 10.68 -13.80 31.27
CA PRO D 37 11.14 -14.66 32.38
C PRO D 37 11.46 -16.07 31.90
N PRO D 38 12.59 -16.66 32.35
CA PRO D 38 12.93 -18.00 31.84
C PRO D 38 11.79 -19.04 31.95
N ASP D 39 11.02 -18.98 33.04
CA ASP D 39 9.93 -19.93 33.18
C ASP D 39 8.82 -19.78 32.14
N GLN D 40 8.67 -18.64 31.48
CA GLN D 40 7.67 -18.48 30.38
C GLN D 40 8.22 -18.74 29.01
N GLN D 41 9.48 -19.14 28.91
CA GLN D 41 10.10 -19.38 27.62
C GLN D 41 9.92 -20.82 27.21
N ARG D 42 9.45 -21.06 26.00
CA ARG D 42 9.43 -22.38 25.41
C ARG D 42 10.39 -22.36 24.22
N LEU D 43 11.55 -23.01 24.36
CA LEU D 43 12.51 -23.15 23.28
C LEU D 43 12.42 -24.54 22.64
N ILE D 44 12.48 -24.58 21.31
CA ILE D 44 12.44 -25.84 20.56
C ILE D 44 13.54 -25.86 19.49
N PHE D 45 14.17 -27.01 19.33
CA PHE D 45 15.20 -27.22 18.36
C PHE D 45 15.17 -28.65 17.91
N ALA D 46 15.18 -28.83 16.60
CA ALA D 46 15.25 -30.13 15.95
C ALA D 46 14.35 -31.17 16.61
N GLY D 47 13.09 -30.78 16.78
CA GLY D 47 12.07 -31.70 17.28
C GLY D 47 12.03 -31.94 18.77
N LYS D 48 12.88 -31.25 19.56
CA LYS D 48 12.85 -31.33 21.02
C LYS D 48 12.56 -29.98 21.65
N GLN D 49 11.85 -29.99 22.78
CA GLN D 49 11.76 -28.82 23.64
C GLN D 49 12.93 -28.81 24.64
N LEU D 50 13.61 -27.67 24.75
CA LEU D 50 14.87 -27.59 25.52
C LEU D 50 14.60 -27.42 27.03
N GLU D 51 15.10 -28.32 27.85
CA GLU D 51 14.78 -28.35 29.28
C GLU D 51 15.86 -27.74 30.15
N ASP D 52 15.42 -27.15 31.25
CA ASP D 52 16.31 -26.45 32.19
C ASP D 52 17.27 -27.54 32.73
N GLY D 53 18.54 -27.19 32.90
CA GLY D 53 19.51 -28.11 33.49
C GLY D 53 20.26 -29.00 32.52
N ARG D 54 19.82 -29.07 31.27
CA ARG D 54 20.59 -29.73 30.22
C ARG D 54 21.46 -28.70 29.50
N THR D 55 22.34 -29.14 28.61
CA THR D 55 23.28 -28.24 27.93
C THR D 55 22.95 -28.11 26.43
N LEU D 56 23.52 -27.11 25.77
CA LEU D 56 23.38 -26.95 24.30
C LEU D 56 23.97 -28.15 23.56
N SER D 57 25.12 -28.60 24.04
CA SER D 57 25.76 -29.83 23.57
C SER D 57 24.82 -31.05 23.61
N ASP D 58 24.04 -31.20 24.70
CA ASP D 58 23.07 -32.32 24.82
C ASP D 58 22.07 -32.41 23.68
N TYR D 59 21.65 -31.26 23.15
CA TYR D 59 20.71 -31.21 22.01
C TYR D 59 21.38 -31.09 20.63
N ASN D 60 22.71 -31.23 20.58
CA ASN D 60 23.48 -31.11 19.34
C ASN D 60 23.34 -29.76 18.63
N ILE D 61 23.40 -28.69 19.42
CA ILE D 61 23.25 -27.34 18.91
C ILE D 61 24.61 -26.82 18.48
N GLN D 62 24.77 -26.61 17.18
CA GLN D 62 26.05 -26.19 16.58
C GLN D 62 26.05 -24.67 16.42
N LYS D 63 27.13 -24.12 15.87
CA LYS D 63 27.18 -22.69 15.47
C LYS D 63 26.20 -22.46 14.32
N GLU D 64 25.64 -21.25 14.27
CA GLU D 64 24.59 -20.88 13.32
C GLU D 64 23.25 -21.64 13.48
N SER D 65 23.10 -22.49 14.51
CA SER D 65 21.83 -23.19 14.74
C SER D 65 20.76 -22.19 15.13
N THR D 66 19.53 -22.47 14.71
CA THR D 66 18.39 -21.61 15.00
C THR D 66 17.44 -22.32 15.97
N LEU D 67 17.19 -21.69 17.12
CA LEU D 67 16.18 -22.17 18.07
C LEU D 67 14.92 -21.40 17.81
N HIS D 68 13.76 -21.96 18.17
CA HIS D 68 12.49 -21.22 18.05
C HIS D 68 11.84 -20.99 19.40
N LEU D 69 11.52 -19.73 19.67
CA LEU D 69 10.84 -19.35 20.88
C LEU D 69 9.35 -19.31 20.53
N VAL D 70 8.60 -20.26 21.08
CA VAL D 70 7.18 -20.46 20.71
C VAL D 70 6.22 -20.23 21.90
N LEU D 71 4.92 -20.23 21.60
CA LEU D 71 3.89 -19.85 22.51
C LEU D 71 2.71 -20.78 22.41
N ARG D 72 1.87 -20.78 23.45
CA ARG D 72 0.53 -21.38 23.37
C ARG D 72 -0.50 -20.28 23.34
N LEU D 73 -1.60 -20.53 22.64
CA LEU D 73 -2.54 -19.47 22.35
C LEU D 73 -3.86 -19.86 22.84
N ARG D 74 -4.69 -18.89 23.21
CA ARG D 74 -5.92 -19.20 23.91
C ARG D 74 -7.19 -19.13 23.04
N GLY D 75 -7.07 -18.79 21.76
CA GLY D 75 -8.26 -18.61 20.92
C GLY D 75 -8.79 -19.96 20.43
N GLY D 76 -10.06 -20.03 20.14
CA GLY D 76 -10.63 -21.29 19.65
C GLY D 76 -12.12 -21.28 19.38
N MET E 1 38.07 11.31 37.44
CA MET E 1 37.36 11.53 36.15
C MET E 1 35.93 11.97 36.40
N GLN E 2 35.33 12.64 35.42
CA GLN E 2 33.90 12.98 35.47
C GLN E 2 33.06 12.23 34.42
N ILE E 3 31.98 11.58 34.89
CA ILE E 3 30.91 11.05 34.03
C ILE E 3 29.57 11.72 34.35
N PHE E 4 28.62 11.62 33.44
CA PHE E 4 27.28 12.15 33.62
C PHE E 4 26.25 11.04 33.63
N VAL E 5 25.20 11.24 34.42
CA VAL E 5 24.08 10.33 34.43
C VAL E 5 22.83 11.14 34.09
N LYS E 6 22.18 10.84 32.96
CA LYS E 6 20.90 11.45 32.56
C LYS E 6 19.71 10.59 32.99
N THR E 7 18.74 11.18 33.70
CA THR E 7 17.54 10.44 34.15
C THR E 7 16.35 10.53 33.20
N LEU E 8 15.40 9.63 33.47
CA LEU E 8 14.04 9.57 32.94
C LEU E 8 13.26 10.91 32.87
N THR E 9 13.54 11.87 33.75
CA THR E 9 12.92 13.23 33.74
C THR E 9 13.77 14.34 33.07
N GLY E 10 14.85 13.95 32.38
CA GLY E 10 15.83 14.91 31.82
C GLY E 10 16.94 15.44 32.73
N LYS E 11 16.99 14.99 33.99
CA LYS E 11 17.99 15.50 34.97
C LYS E 11 19.37 14.99 34.63
N THR E 12 20.37 15.85 34.80
CA THR E 12 21.77 15.46 34.60
C THR E 12 22.46 15.49 35.96
N ILE E 13 22.90 14.33 36.43
CA ILE E 13 23.72 14.18 37.64
C ILE E 13 25.16 14.06 37.15
N THR E 14 26.10 14.69 37.86
CA THR E 14 27.54 14.58 37.60
C THR E 14 28.17 13.73 38.72
N LEU E 15 29.09 12.82 38.37
CA LEU E 15 29.77 11.98 39.37
C LEU E 15 31.27 12.09 39.22
N GLU E 16 31.99 11.99 40.35
CA GLU E 16 33.48 11.88 40.40
C GLU E 16 33.81 10.36 40.53
N VAL E 17 34.47 9.79 39.50
CA VAL E 17 34.79 8.34 39.45
C VAL E 17 36.16 8.05 38.85
N GLU E 18 36.63 6.82 39.10
CA GLU E 18 37.85 6.28 38.48
C GLU E 18 37.45 5.08 37.58
N SER E 19 38.20 4.86 36.49
CA SER E 19 37.89 3.79 35.53
C SER E 19 37.69 2.43 36.16
N SER E 20 38.47 2.14 37.20
CA SER E 20 38.44 0.86 37.91
C SER E 20 37.25 0.66 38.86
N ASP E 21 36.43 1.70 39.05
CA ASP E 21 35.26 1.63 39.93
C ASP E 21 34.26 0.58 39.44
N THR E 22 33.72 -0.17 40.38
CA THR E 22 32.63 -1.14 40.11
C THR E 22 31.35 -0.37 39.76
N ILE E 23 30.46 -1.03 39.04
CA ILE E 23 29.11 -0.50 38.78
C ILE E 23 28.34 -0.35 40.12
N ASP E 24 28.44 -1.36 40.99
CA ASP E 24 28.05 -1.27 42.43
C ASP E 24 28.37 0.08 43.08
N ASN E 25 29.58 0.56 42.82
CA ASN E 25 30.09 1.84 43.31
C ASN E 25 29.45 3.06 42.69
N VAL E 26 29.25 3.02 41.37
CA VAL E 26 28.59 4.12 40.66
C VAL E 26 27.15 4.21 41.18
N LYS E 27 26.52 3.06 41.41
CA LYS E 27 25.18 3.02 42.03
C LYS E 27 25.14 3.54 43.49
N SER E 28 26.17 3.21 44.26
CA SER E 28 26.40 3.81 45.56
C SER E 28 26.45 5.35 45.48
N LYS E 29 27.22 5.91 44.55
CA LYS E 29 27.30 7.38 44.38
C LYS E 29 25.98 8.02 43.93
N ILE E 30 25.28 7.34 43.02
CA ILE E 30 23.96 7.76 42.58
C ILE E 30 22.98 7.73 43.74
N GLN E 31 23.08 6.74 44.63
CA GLN E 31 22.24 6.73 45.85
C GLN E 31 22.49 7.96 46.75
N ASP E 32 23.75 8.31 46.97
CA ASP E 32 24.10 9.51 47.76
C ASP E 32 23.47 10.78 47.20
N LYS E 33 23.41 10.91 45.88
CA LYS E 33 22.82 12.10 45.24
C LYS E 33 21.30 12.06 45.17
N GLU E 34 20.75 10.98 44.62
CA GLU E 34 19.30 10.90 44.33
C GLU E 34 18.44 10.22 45.41
N GLY E 35 19.06 9.40 46.26
CA GLY E 35 18.33 8.58 47.21
C GLY E 35 17.72 7.30 46.66
N ILE E 36 18.13 6.88 45.47
CA ILE E 36 17.60 5.66 44.84
C ILE E 36 18.44 4.46 45.30
N PRO E 37 17.83 3.45 45.95
CA PRO E 37 18.52 2.19 46.30
C PRO E 37 19.18 1.54 45.09
N PRO E 38 20.43 1.05 45.23
CA PRO E 38 21.10 0.44 44.04
C PRO E 38 20.25 -0.67 43.32
N ASP E 39 19.50 -1.45 44.13
CA ASP E 39 18.37 -2.40 43.80
C ASP E 39 17.48 -1.92 42.65
N GLN E 40 17.07 -0.67 42.76
CA GLN E 40 16.09 -0.06 41.87
C GLN E 40 16.68 0.74 40.70
N GLN E 41 18.01 0.77 40.54
CA GLN E 41 18.65 1.54 39.49
C GLN E 41 18.90 0.68 38.27
N ARG E 42 18.53 1.16 37.11
CA ARG E 42 18.92 0.50 35.88
C ARG E 42 19.74 1.48 35.09
N LEU E 43 21.03 1.20 34.96
CA LEU E 43 21.94 2.03 34.20
C LEU E 43 22.27 1.42 32.84
N ILE E 44 22.33 2.28 31.82
CA ILE E 44 22.51 1.85 30.46
C ILE E 44 23.56 2.72 29.83
N PHE E 45 24.44 2.11 29.04
CA PHE E 45 25.39 2.88 28.26
C PHE E 45 25.37 2.30 26.83
N ALA E 46 25.13 3.17 25.84
CA ALA E 46 24.92 2.77 24.44
C ALA E 46 24.04 1.50 24.32
N GLY E 47 22.90 1.51 25.01
CA GLY E 47 21.91 0.42 25.00
C GLY E 47 22.08 -0.79 25.88
N LYS E 48 23.30 -0.98 26.37
CA LYS E 48 23.66 -2.20 27.10
C LYS E 48 23.46 -1.82 28.55
N GLN E 49 22.95 -2.76 29.34
CA GLN E 49 22.70 -2.53 30.76
C GLN E 49 23.91 -2.86 31.64
N LEU E 50 24.28 -1.93 32.54
CA LEU E 50 25.48 -2.07 33.36
C LEU E 50 25.22 -3.01 34.56
N GLU E 51 26.01 -4.08 34.66
CA GLU E 51 25.78 -5.13 35.68
C GLU E 51 26.66 -4.96 36.90
N ASP E 52 26.11 -5.33 38.05
CA ASP E 52 26.77 -5.10 39.36
C ASP E 52 28.32 -5.19 39.57
N GLY E 53 28.86 -6.39 39.51
CA GLY E 53 30.27 -6.63 39.77
C GLY E 53 31.21 -6.40 38.61
N ARG E 54 30.77 -5.75 37.54
CA ARG E 54 31.69 -5.34 36.46
C ARG E 54 32.17 -3.88 36.68
N THR E 55 33.13 -3.42 35.89
CA THR E 55 33.78 -2.11 36.12
C THR E 55 33.40 -1.13 35.01
N LEU E 56 33.63 0.16 35.24
CA LEU E 56 33.41 1.18 34.21
C LEU E 56 34.30 0.93 32.98
N SER E 57 35.57 0.58 33.24
CA SER E 57 36.53 0.15 32.21
C SER E 57 36.02 -1.01 31.33
N ASP E 58 35.36 -2.00 31.93
CA ASP E 58 34.75 -3.12 31.17
C ASP E 58 33.79 -2.65 30.06
N TYR E 59 33.00 -1.60 30.33
CA TYR E 59 32.04 -1.06 29.36
C TYR E 59 32.61 0.07 28.51
N ASN E 60 33.92 0.33 28.62
CA ASN E 60 34.62 1.40 27.87
C ASN E 60 34.09 2.80 28.13
N ILE E 61 33.83 3.08 29.40
CA ILE E 61 33.25 4.35 29.83
C ILE E 61 34.39 5.33 30.07
N GLN E 62 34.47 6.33 29.20
CA GLN E 62 35.57 7.28 29.20
C GLN E 62 35.12 8.49 30.06
N LYS E 63 35.97 9.52 30.15
CA LYS E 63 35.60 10.83 30.72
C LYS E 63 34.56 11.52 29.83
N GLU E 64 33.68 12.31 30.45
CA GLU E 64 32.52 12.94 29.78
C GLU E 64 31.45 11.96 29.22
N SER E 65 31.58 10.64 29.46
CA SER E 65 30.58 9.69 28.99
C SER E 65 29.28 9.92 29.73
N THR E 66 28.16 9.67 29.05
CA THR E 66 26.84 9.84 29.61
C THR E 66 26.17 8.47 29.77
N LEU E 67 25.80 8.14 31.00
CA LEU E 67 24.99 6.94 31.31
C LEU E 67 23.53 7.37 31.38
N HIS E 68 22.59 6.46 31.17
CA HIS E 68 21.17 6.77 31.35
C HIS E 68 20.57 5.95 32.49
N LEU E 69 19.91 6.62 33.42
CA LEU E 69 19.18 5.98 34.49
C LEU E 69 17.67 5.86 34.22
N VAL E 70 17.16 4.64 34.33
CA VAL E 70 15.70 4.44 34.43
C VAL E 70 15.37 3.99 35.87
N LEU E 71 14.08 3.96 36.22
CA LEU E 71 13.66 3.83 37.63
C LEU E 71 12.94 2.53 38.13
N ARG E 72 12.50 1.65 37.22
CA ARG E 72 12.04 0.26 37.55
C ARG E 72 11.38 0.04 38.90
N GLY E 76 3.71 4.53 37.91
CA GLY E 76 3.17 5.85 38.27
C GLY E 76 1.65 5.97 38.13
S SO4 F . -2.80 11.23 -27.99
O1 SO4 F . -2.27 10.65 -26.73
O2 SO4 F . -4.07 11.97 -27.76
O3 SO4 F . -1.79 12.13 -28.59
O4 SO4 F . -3.05 10.16 -28.94
CL CL G . -31.66 15.99 -14.90
CL CL H . -18.51 34.71 1.03
CL CL I . 4.69 3.07 -17.68
CL CL J . 0.83 1.25 -10.03
CL CL K . -8.89 -0.90 -3.91
CL CL L . 4.94 5.17 -35.96
CL CL M . -8.16 4.25 -33.58
C1 GOL N . 0.67 34.19 -13.36
O1 GOL N . -0.22 34.95 -14.18
C2 GOL N . 1.59 35.04 -12.46
O2 GOL N . 1.37 36.46 -12.68
C3 GOL N . 1.39 34.58 -11.00
O3 GOL N . 2.25 35.20 -10.02
C1 GOL O . -4.68 -6.20 -38.46
O1 GOL O . -5.25 -7.46 -38.81
C2 GOL O . -4.87 -5.10 -39.52
O2 GOL O . -5.63 -3.96 -39.04
C3 GOL O . -3.54 -4.58 -40.03
O3 GOL O . -3.31 -3.28 -39.48
C1 GOL P . -9.90 30.03 4.08
O1 GOL P . -10.50 29.12 3.15
C2 GOL P . -10.30 31.48 3.75
O2 GOL P . -9.95 31.73 2.38
C3 GOL P . -9.63 32.49 4.69
O3 GOL P . -8.25 32.78 4.35
C1 GOL Q . 1.21 47.22 -6.53
O1 GOL Q . 1.44 46.20 -7.51
C2 GOL Q . 0.38 46.74 -5.34
O2 GOL Q . -0.97 46.50 -5.75
C3 GOL Q . 0.94 45.45 -4.70
O3 GOL Q . 2.08 45.71 -3.87
C1 GOL R . -14.93 32.59 11.43
O1 GOL R . -15.28 31.25 11.85
C2 GOL R . -13.63 33.07 12.11
O2 GOL R . -12.65 32.03 11.99
C3 GOL R . -13.10 34.39 11.51
O3 GOL R . -11.81 34.26 10.89
C1 GOL S . -23.18 24.22 6.82
O1 GOL S . -24.23 24.11 5.83
C2 GOL S . -23.35 23.26 8.03
O2 GOL S . -24.70 22.85 8.22
C3 GOL S . -22.82 23.88 9.33
O3 GOL S . -23.55 25.04 9.72
C1 GOL T . -5.18 7.45 0.66
O1 GOL T . -6.33 6.72 0.24
C2 GOL T . -4.21 6.54 1.43
O2 GOL T . -3.35 5.82 0.56
C3 GOL T . -3.32 7.38 2.32
O3 GOL T . -3.76 7.49 3.68
C1 GOL U . -0.84 -8.22 -20.59
O1 GOL U . -1.23 -8.10 -21.94
C2 GOL U . -1.70 -7.30 -19.72
O2 GOL U . -1.40 -7.58 -18.34
C3 GOL U . -1.47 -5.80 -20.01
O3 GOL U . -2.66 -5.15 -20.46
C1 GOL V . 11.84 34.32 -40.51
O1 GOL V . 11.18 34.09 -39.26
C2 GOL V . 13.36 34.59 -40.39
O2 GOL V . 13.83 34.43 -39.04
C3 GOL V . 14.18 33.68 -41.31
O3 GOL V . 15.51 34.20 -41.46
C4 B39 W . -3.47 19.14 -33.52
C5 B39 W . -3.23 19.59 -32.10
C6 B39 W . -3.15 18.31 -31.29
C8 B39 W . -3.44 18.52 -29.82
C10 B39 W . -0.15 19.01 -35.12
C13 B39 W . -2.19 20.02 -35.48
C15 B39 W . -2.80 21.42 -37.24
C17 B39 W . -0.52 20.62 -37.29
C20 B39 W . 1.96 18.44 -38.01
C21 B39 W . 3.16 20.46 -38.23
C22 B39 W . 4.07 19.36 -38.56
C24 B39 W . 5.68 20.92 -39.39
C26 B39 W . 3.55 21.76 -38.50
C19 B39 W . 3.44 18.03 -38.21
C23 B39 W . 5.32 19.60 -39.15
C25 B39 W . 4.81 21.98 -39.08
C1 B39 W . 1.89 19.94 -37.62
N18 B39 W . 0.65 20.64 -37.99
N16 B39 W . -1.56 21.34 -37.80
N14 B39 W . -3.12 20.79 -36.11
C12 B39 W . -0.82 19.88 -36.02
C11 B39 W . -1.05 18.68 -34.11
N7 B39 W . -2.23 19.28 -34.35
C3 B39 W . -3.93 17.68 -33.46
C2 B39 W . -4.07 17.33 -32.00
O9 B39 W . -5.43 17.45 -31.58
O27 B39 W . -3.25 17.21 -29.33
S28 B39 W . -3.32 16.76 -27.87
O29 B39 W . -4.66 16.78 -27.36
O30 B39 W . -2.76 15.43 -27.85
N31 B39 W . -2.45 17.77 -26.99
CL CL X . 7.38 12.56 -31.92
S SO4 Y . -15.73 -14.40 19.61
O1 SO4 Y . -15.12 -15.08 20.78
O2 SO4 Y . -16.97 -13.73 20.07
O3 SO4 Y . -14.79 -13.43 19.02
O4 SO4 Y . -16.07 -15.44 18.62
CL CL Z . -4.94 -1.92 6.91
CL CL AA . -10.71 -13.17 28.83
CL CL BA . -13.07 -29.47 48.99
CL CL CA . 13.92 -7.14 33.07
CL CL DA . 14.66 -40.67 8.93
CL CL EA . -4.65 -28.20 -20.28
CL CL FA . -8.60 -32.40 40.60
CL CL GA . 7.44 -33.29 -15.77
C1 GOL HA . 2.89 -33.49 12.53
O1 GOL HA . 1.92 -34.53 12.78
C2 GOL HA . 4.37 -33.96 12.43
O2 GOL HA . 4.51 -35.33 12.04
C3 GOL HA . 5.14 -33.11 11.41
O3 GOL HA . 6.50 -33.54 11.31
C1 GOL IA . -14.75 3.54 12.49
O1 GOL IA . -15.22 2.19 12.33
C2 GOL IA . -15.77 4.68 12.24
O2 GOL IA . -17.01 4.52 12.95
C3 GOL IA . -15.16 6.04 12.64
O3 GOL IA . -15.38 6.37 14.03
C1 GOL JA . 3.75 -30.75 -7.49
O1 GOL JA . 2.71 -30.44 -6.55
C2 GOL JA . 4.44 -32.07 -7.13
O2 GOL JA . 3.98 -33.15 -7.95
C3 GOL JA . 5.94 -31.96 -7.34
O3 GOL JA . 6.58 -33.26 -7.32
C1 GOL KA . -7.02 -2.28 14.31
O1 GOL KA . -8.45 -2.08 14.35
C2 GOL KA . -6.53 -3.36 15.30
O2 GOL KA . -5.69 -2.76 16.31
C3 GOL KA . -5.76 -4.47 14.57
O3 GOL KA . -5.37 -5.55 15.44
C1 GOL LA . 10.11 -44.62 7.50
O1 GOL LA . 9.49 -45.28 8.61
C2 GOL LA . 11.46 -44.10 7.96
O2 GOL LA . 12.49 -45.03 7.57
C3 GOL LA . 11.72 -42.73 7.33
O3 GOL LA . 13.05 -42.27 7.59
C1 GOL MA . -1.20 -7.13 -3.99
O1 GOL MA . -2.12 -7.01 -5.09
C2 GOL MA . 0.20 -6.77 -4.44
O2 GOL MA . 1.08 -6.83 -3.31
C3 GOL MA . 0.64 -7.73 -5.54
O3 GOL MA . 2.06 -7.64 -5.75
C1 GOL NA . -29.44 -1.88 24.75
O1 GOL NA . -28.93 -2.79 25.74
C2 GOL NA . -29.43 -0.43 25.25
O2 GOL NA . -28.23 -0.12 26.01
C3 GOL NA . -29.59 0.51 24.05
O3 GOL NA . -29.58 1.88 24.46
C4 B39 OA . -17.21 -22.66 24.30
C5 B39 OA . -16.01 -22.81 23.36
C6 B39 OA . -15.90 -21.46 22.71
C8 B39 OA . -15.13 -21.54 21.39
C10 B39 OA . -15.81 -21.78 27.53
C13 B39 OA . -17.20 -23.38 26.64
C15 B39 OA . -18.28 -25.13 27.76
C17 B39 OA . -16.92 -23.71 29.13
C20 B39 OA . -16.44 -20.95 30.91
C21 B39 OA . -14.99 -22.38 32.08
C22 B39 OA . -14.96 -21.06 32.73
C24 B39 OA . -13.79 -22.02 34.58
C26 B39 OA . -14.41 -23.48 32.69
C19 B39 OA . -15.67 -20.03 31.88
C23 B39 OA . -14.37 -20.89 33.98
C25 B39 OA . -13.82 -23.28 33.95
C1 B39 OA . -15.67 -22.30 30.77
N18 B39 OA . -16.47 -23.45 30.40
N16 B39 OA . -17.76 -24.77 28.95
N14 B39 OA . -18.02 -24.47 26.62
C12 B39 OA . -16.59 -22.91 27.90
C11 B39 OA . -15.97 -21.60 26.19
N7 B39 OA . -16.78 -22.55 25.70
C3 B39 OA . -17.99 -21.39 23.90
C2 B39 OA . -17.32 -20.90 22.63
O9 B39 OA . -18.08 -21.40 21.53
O27 B39 OA . -15.00 -20.18 20.95
S28 B39 OA . -14.31 -19.77 19.64
O29 B39 OA . -14.86 -20.45 18.50
O30 B39 OA . -14.51 -18.37 19.57
N31 B39 OA . -12.78 -20.22 19.68
#